data_8ETL
#
_entry.id   8ETL
#
_cell.length_a   135.598
_cell.length_b   178.525
_cell.length_c   180.299
_cell.angle_alpha   90.000
_cell.angle_beta   90.000
_cell.angle_gamma   90.000
#
_symmetry.space_group_name_H-M   'I 2 2 2'
#
loop_
_entity.id
_entity.type
_entity.pdbx_description
1 polymer 'Chaetomium alpha glucosidase'
2 non-polymer (1S,2S,3R,4S,5S)-5-(butylamino)-1-(hydroxymethyl)cyclohexane-1,2,3,4-tetrol
3 non-polymer GLYCEROL
4 non-polymer 'SULFATE ION'
5 non-polymer 2-[BIS-(2-HYDROXY-ETHYL)-AMINO]-2-HYDROXYMETHYL-PROPANE-1,3-DIOL
6 water water
#
_entity_poly.entity_id   1
_entity_poly.type   'polypeptide(L)'
_entity_poly.pdbx_seq_one_letter_code
;MGILPSPGMPALLSLVSLLSVLLMGCVAETGVEGESILHSEIGRLNNQSLLWGPYRPNIYFGTRPRIGKSLMTGLMWGKI
ESYTDFQHTVRYTCEQNEGMKGYGWDEYDPRRGGIQSIHDIQNGLDITTSFVKIPGGAHGGSWAARIKGTLNDDAPKDQK
TIVVFYVSQEGENSELEAVPSENEFGYEGDVILKGRSEALGNYKLVVTKGKGVIPQSDHDLSRLRGPGQTVVQSLTYPDE
VLWQAKPILFQQLKAGIDWLVENKYDVADPPPPWQVYLLANKPGSGNVHIVQKVFEGDFEFDILFSSESAGKEVTSKDLE
REVKQATEVFGERFARVFDLKAPFQGDNYKKFGKSMFSNLIGGIGYFYGHSLVDRSYAPEYDEENEGFWEDAAEARARHQ
EALEGPYELFTSIPSRPFFPRGFLWDEGFHLLPIADWDIDLALEIIKSWYNLMDEDGWIAREQILGAEARSKVPKEFQTQ
YPHYANPPTLFLVLDNFVERLRKNNASQPVVKDNLSLDETLSTASVDNPEVGLEYLRRLYPLLRRQFDWFRKTQAGDIKS
YDREAYSTKEAYRWRGRTVSHCLTSGLDDYPRPQPPHPGELHVDLMSWVGVMVKSLISIGSLLGATEDVEFYTKVLDAIE
HNLDDLHWSEKEGCYCDATIDEFEEHKLVCHKGYISLFPFLTGLLKPDSPKLGKLLALIGDESELWSPYGLRSLSKKDEF
YGTAENYWRSPVWININYLAIVQLYNIATQDGPYKETARDLYTRLRKNIVETVYRNWEETGFAWEQYNPETGKGQRTQHF
TGWTSLVVKIMSGHHHHHH
;
_entity_poly.pdbx_strand_id   A,B
#
# COMPACT_ATOMS: atom_id res chain seq x y z
N LEU A 38 -16.76 -17.63 25.97
CA LEU A 38 -16.44 -16.58 27.02
C LEU A 38 -15.60 -15.46 26.42
N HIS A 39 -14.57 -15.81 25.63
CA HIS A 39 -13.69 -14.83 25.01
C HIS A 39 -14.53 -13.81 24.22
N SER A 40 -15.40 -14.32 23.33
CA SER A 40 -16.29 -13.51 22.49
C SER A 40 -17.22 -12.64 23.33
N GLU A 41 -17.78 -13.22 24.40
CA GLU A 41 -18.63 -12.50 25.33
C GLU A 41 -17.91 -11.27 25.89
N ILE A 42 -16.69 -11.49 26.40
CA ILE A 42 -15.83 -10.47 27.01
C ILE A 42 -15.46 -9.42 25.95
N GLY A 43 -15.07 -9.89 24.77
CA GLY A 43 -14.84 -9.07 23.59
C GLY A 43 -15.97 -8.06 23.40
N ARG A 44 -17.20 -8.58 23.43
CA ARG A 44 -18.44 -7.82 23.17
C ARG A 44 -18.71 -6.82 24.29
N LEU A 45 -18.50 -7.22 25.53
CA LEU A 45 -18.76 -6.32 26.67
C LEU A 45 -17.75 -5.18 26.64
N ASN A 46 -16.52 -5.46 26.22
CA ASN A 46 -15.46 -4.44 26.14
C ASN A 46 -15.80 -3.44 25.05
N ASN A 47 -16.23 -3.93 23.89
CA ASN A 47 -16.62 -3.11 22.74
C ASN A 47 -17.71 -2.13 23.19
N GLN A 48 -18.74 -2.64 23.86
CA GLN A 48 -19.86 -1.79 24.29
C GLN A 48 -19.39 -0.81 25.36
N SER A 49 -18.46 -1.24 26.20
CA SER A 49 -17.95 -0.43 27.32
C SER A 49 -17.11 0.77 26.83
N LEU A 50 -16.25 0.56 25.84
CA LEU A 50 -15.30 1.60 25.42
C LEU A 50 -15.73 2.31 24.14
N LEU A 51 -16.97 2.15 23.70
CA LEU A 51 -17.34 2.69 22.39
C LEU A 51 -17.31 4.23 22.37
N TRP A 52 -17.90 4.88 23.39
CA TRP A 52 -18.04 6.33 23.42
C TRP A 52 -16.94 6.92 24.29
N GLY A 53 -16.53 8.14 23.96
CA GLY A 53 -15.53 8.79 24.80
C GLY A 53 -15.29 10.23 24.38
N PRO A 54 -14.50 10.98 25.16
CA PRO A 54 -13.99 12.26 24.67
C PRO A 54 -12.73 11.95 23.86
N TYR A 55 -12.88 11.17 22.77
CA TYR A 55 -11.76 10.56 22.07
C TYR A 55 -11.15 11.48 21.01
N ARG A 56 -11.26 12.80 21.20
CA ARG A 56 -10.68 13.78 20.29
C ARG A 56 -9.62 14.59 21.03
N PRO A 57 -8.49 13.97 21.41
CA PRO A 57 -7.54 14.64 22.30
C PRO A 57 -6.92 15.88 21.67
N ASN A 58 -7.09 16.06 20.36
CA ASN A 58 -6.50 17.19 19.68
C ASN A 58 -7.30 18.46 19.93
N ILE A 59 -8.51 18.32 20.50
CA ILE A 59 -9.25 19.55 20.77
C ILE A 59 -9.51 19.62 22.27
N TYR A 60 -9.83 20.83 22.76
CA TYR A 60 -10.00 20.99 24.20
C TYR A 60 -11.07 20.02 24.68
N PHE A 61 -12.22 20.01 24.01
CA PHE A 61 -13.34 19.17 24.41
C PHE A 61 -14.21 18.80 23.20
N GLY A 62 -14.40 17.50 23.01
CA GLY A 62 -15.26 16.95 21.97
C GLY A 62 -15.48 15.46 22.22
N THR A 63 -16.46 14.87 21.54
CA THR A 63 -16.69 13.45 21.69
C THR A 63 -16.78 12.83 20.30
N ARG A 64 -16.52 11.51 20.22
CA ARG A 64 -16.80 10.71 19.05
C ARG A 64 -16.76 9.25 19.49
N PRO A 65 -17.51 8.34 18.84
CA PRO A 65 -17.45 6.92 19.20
C PRO A 65 -16.33 6.28 18.37
N ARG A 66 -16.00 5.03 18.71
CA ARG A 66 -14.96 4.33 18.02
C ARG A 66 -15.55 3.72 16.75
N ILE A 67 -15.98 4.58 15.83
CA ILE A 67 -16.53 4.26 14.52
C ILE A 67 -16.01 5.31 13.54
N GLY A 68 -15.41 4.88 12.43
CA GLY A 68 -14.80 5.81 11.48
C GLY A 68 -15.72 6.97 11.06
N LYS A 69 -16.94 6.65 10.60
CA LYS A 69 -17.81 7.62 9.98
C LYS A 69 -19.10 7.68 10.79
N SER A 70 -19.17 8.67 11.69
CA SER A 70 -20.25 8.74 12.65
C SER A 70 -20.44 10.18 13.18
N LEU A 71 -21.04 10.24 14.37
CA LEU A 71 -21.41 11.49 15.03
C LEU A 71 -20.21 11.99 15.84
N MET A 72 -19.85 13.27 15.64
CA MET A 72 -18.77 13.90 16.40
C MET A 72 -19.22 15.26 16.93
N THR A 73 -18.71 15.63 18.10
CA THR A 73 -19.00 16.92 18.73
C THR A 73 -17.70 17.61 19.14
N GLY A 74 -17.76 18.95 19.22
CA GLY A 74 -16.63 19.78 19.60
C GLY A 74 -17.11 21.07 20.24
N LEU A 75 -16.30 21.60 21.17
CA LEU A 75 -16.67 22.81 21.86
C LEU A 75 -15.78 23.96 21.40
N MET A 76 -16.33 25.17 21.29
CA MET A 76 -15.52 26.34 21.05
C MET A 76 -15.98 27.47 21.97
N TRP A 77 -15.09 28.41 22.31
CA TRP A 77 -15.49 29.57 23.10
C TRP A 77 -14.51 30.68 22.82
N GLY A 78 -14.94 31.93 23.05
CA GLY A 78 -14.02 33.06 23.01
C GLY A 78 -14.69 34.34 23.47
N LYS A 79 -13.95 35.20 24.15
CA LYS A 79 -14.48 36.51 24.49
C LYS A 79 -14.70 37.28 23.20
N ILE A 80 -15.67 38.22 23.24
CA ILE A 80 -15.84 39.20 22.18
C ILE A 80 -15.92 40.61 22.79
N GLU A 81 -14.97 41.47 22.40
CA GLU A 81 -14.78 42.77 23.02
C GLU A 81 -14.88 43.83 21.93
N SER A 82 -14.62 43.43 20.70
CA SER A 82 -14.49 44.35 19.59
C SER A 82 -15.11 43.71 18.36
N TYR A 83 -15.01 44.37 17.21
CA TYR A 83 -15.57 43.87 15.97
C TYR A 83 -14.60 42.90 15.28
N THR A 84 -13.38 42.78 15.84
CA THR A 84 -12.42 41.93 15.13
C THR A 84 -11.66 40.97 16.04
N ASP A 85 -12.00 40.90 17.32
CA ASP A 85 -11.18 40.11 18.22
C ASP A 85 -11.61 38.62 18.17
N PHE A 86 -12.89 38.33 17.96
CA PHE A 86 -13.37 36.98 18.19
C PHE A 86 -12.54 35.97 17.38
N GLN A 87 -12.11 36.34 16.18
CA GLN A 87 -11.37 35.41 15.32
C GLN A 87 -10.03 35.05 15.96
N HIS A 88 -9.49 35.93 16.80
CA HIS A 88 -8.21 35.69 17.46
C HIS A 88 -8.42 35.06 18.83
N THR A 89 -9.61 35.18 19.44
CA THR A 89 -9.76 34.68 20.81
C THR A 89 -10.27 33.25 20.81
N VAL A 90 -10.89 32.82 19.72
CA VAL A 90 -11.73 31.63 19.77
C VAL A 90 -10.85 30.39 19.96
N ARG A 91 -11.27 29.47 20.84
CA ARG A 91 -10.45 28.31 21.12
C ARG A 91 -11.14 27.10 20.52
N TYR A 92 -10.34 26.17 19.95
CA TYR A 92 -10.91 24.92 19.51
C TYR A 92 -9.86 23.80 19.57
N THR A 93 -8.82 23.84 18.73
CA THR A 93 -7.78 22.82 18.80
C THR A 93 -6.81 23.21 19.91
N CYS A 94 -6.18 22.20 20.56
CA CYS A 94 -5.29 22.40 21.70
C CYS A 94 -4.02 23.16 21.29
N GLU A 95 -3.60 24.11 22.14
CA GLU A 95 -2.31 24.79 21.96
C GLU A 95 -1.69 25.01 23.33
N GLN A 96 -0.44 25.46 23.31
CA GLN A 96 0.22 25.91 24.53
C GLN A 96 1.12 27.09 24.18
N ASN A 97 0.80 28.27 24.74
CA ASN A 97 1.52 29.54 24.57
C ASN A 97 1.20 30.41 25.79
N GLU A 98 1.62 31.69 25.74
CA GLU A 98 1.50 32.65 26.83
C GLU A 98 0.05 32.86 27.28
N GLY A 99 -0.92 32.89 26.34
CA GLY A 99 -2.32 33.14 26.66
C GLY A 99 -3.08 31.96 27.28
N MET A 100 -2.39 30.80 27.44
CA MET A 100 -3.02 29.66 28.09
C MET A 100 -2.25 29.30 29.36
N LYS A 101 -2.89 29.38 30.53
CA LYS A 101 -2.16 29.01 31.74
C LYS A 101 -1.89 27.51 31.75
N GLY A 102 -2.91 26.71 31.47
CA GLY A 102 -2.78 25.27 31.52
C GLY A 102 -4.13 24.60 31.32
N TYR A 103 -4.12 23.27 31.20
CA TYR A 103 -5.36 22.54 31.10
C TYR A 103 -5.01 21.08 31.25
N GLY A 104 -6.02 20.23 31.47
CA GLY A 104 -5.76 18.81 31.60
C GLY A 104 -6.90 18.14 32.35
N TRP A 105 -6.86 16.81 32.40
CA TRP A 105 -7.85 16.01 33.11
C TRP A 105 -7.47 15.91 34.57
N ASP A 106 -8.44 16.17 35.44
CA ASP A 106 -8.18 16.06 36.87
C ASP A 106 -8.42 14.63 37.28
N GLU A 107 -9.32 13.98 36.56
CA GLU A 107 -9.73 12.61 36.80
C GLU A 107 -10.23 12.10 35.47
N TYR A 108 -9.88 10.88 35.12
CA TYR A 108 -10.44 10.31 33.92
C TYR A 108 -10.32 8.80 33.98
N ASP A 109 -11.36 8.15 33.47
CA ASP A 109 -11.34 6.72 33.24
C ASP A 109 -12.24 6.49 32.05
N PRO A 110 -11.72 5.93 30.96
CA PRO A 110 -12.44 5.94 29.70
C PRO A 110 -13.66 5.03 29.73
N ARG A 111 -13.78 4.16 30.75
CA ARG A 111 -15.03 3.45 30.94
C ARG A 111 -16.17 4.33 31.48
N ARG A 112 -15.84 5.35 32.29
CA ARG A 112 -16.78 6.09 33.12
C ARG A 112 -16.82 7.59 32.79
N GLY A 113 -15.73 8.11 32.22
CA GLY A 113 -15.61 9.55 31.96
C GLY A 113 -14.70 10.22 32.99
N GLY A 114 -14.85 11.54 33.17
CA GLY A 114 -13.98 12.28 34.08
C GLY A 114 -14.21 13.79 34.01
N ILE A 115 -13.28 14.58 34.56
CA ILE A 115 -13.45 16.02 34.63
C ILE A 115 -12.17 16.69 34.12
N GLN A 116 -12.33 17.66 33.23
CA GLN A 116 -11.18 18.38 32.73
C GLN A 116 -11.29 19.83 33.21
N SER A 117 -10.12 20.42 33.50
CA SER A 117 -9.95 21.82 33.91
C SER A 117 -9.14 22.57 32.86
N ILE A 118 -9.60 23.79 32.53
CA ILE A 118 -8.94 24.59 31.51
C ILE A 118 -8.80 26.02 32.04
N HIS A 119 -7.58 26.55 32.01
CA HIS A 119 -7.28 27.85 32.60
C HIS A 119 -6.76 28.75 31.50
N ASP A 120 -7.68 29.57 30.99
CA ASP A 120 -7.49 30.38 29.82
C ASP A 120 -7.26 31.84 30.20
N ILE A 121 -6.03 32.33 30.07
CA ILE A 121 -5.72 33.68 30.50
C ILE A 121 -6.27 34.66 29.49
N GLN A 122 -6.03 34.39 28.20
CA GLN A 122 -6.49 35.25 27.14
C GLN A 122 -8.01 35.51 27.26
N ASN A 123 -8.82 34.46 27.47
CA ASN A 123 -10.25 34.68 27.50
C ASN A 123 -10.78 34.95 28.92
N GLY A 124 -9.90 34.99 29.94
CA GLY A 124 -10.27 35.39 31.28
C GLY A 124 -11.18 34.37 31.96
N LEU A 125 -10.98 33.09 31.60
CA LEU A 125 -11.95 32.07 31.94
C LEU A 125 -11.31 30.81 32.47
N ASP A 126 -11.93 30.31 33.56
CA ASP A 126 -11.66 28.99 34.08
C ASP A 126 -12.81 28.08 33.65
N ILE A 127 -12.52 27.19 32.72
CA ILE A 127 -13.54 26.28 32.20
C ILE A 127 -13.36 24.89 32.83
N THR A 128 -14.48 24.19 32.99
CA THR A 128 -14.58 22.84 33.51
C THR A 128 -15.48 22.07 32.56
N THR A 129 -15.09 20.87 32.15
CA THR A 129 -15.92 20.06 31.29
C THR A 129 -15.99 18.68 31.94
N SER A 130 -17.17 18.28 32.37
CA SER A 130 -17.37 16.99 33.02
C SER A 130 -17.97 16.09 31.97
N PHE A 131 -17.51 14.85 31.89
CA PHE A 131 -18.11 13.95 30.93
C PHE A 131 -18.46 12.63 31.62
N VAL A 132 -19.61 12.05 31.30
CA VAL A 132 -19.96 10.82 31.99
C VAL A 132 -20.74 9.90 31.06
N LYS A 133 -20.41 8.60 31.15
CA LYS A 133 -21.04 7.59 30.30
C LYS A 133 -22.09 6.84 31.11
N ILE A 134 -23.28 6.62 30.52
CA ILE A 134 -24.33 5.89 31.21
C ILE A 134 -24.60 4.61 30.39
N PRO A 135 -24.11 3.43 30.83
CA PRO A 135 -24.30 2.19 30.07
C PRO A 135 -25.79 1.88 29.86
N GLY A 136 -26.11 1.25 28.72
CA GLY A 136 -27.50 0.97 28.42
C GLY A 136 -27.82 0.84 26.93
N GLY A 137 -28.79 -0.03 26.63
CA GLY A 137 -29.27 -0.25 25.27
C GLY A 137 -28.29 -1.11 24.48
N ALA A 138 -28.37 -1.03 23.15
CA ALA A 138 -27.56 -1.92 22.35
C ALA A 138 -26.55 -1.15 21.51
N HIS A 139 -26.31 0.14 21.81
CA HIS A 139 -25.57 0.94 20.84
C HIS A 139 -24.39 1.66 21.48
N GLY A 140 -23.92 1.16 22.62
CA GLY A 140 -22.77 1.74 23.26
C GLY A 140 -23.16 2.68 24.40
N GLY A 141 -24.46 2.82 24.62
CA GLY A 141 -24.92 3.54 25.80
C GLY A 141 -25.05 5.02 25.48
N SER A 142 -25.22 5.78 26.57
CA SER A 142 -25.52 7.20 26.60
C SER A 142 -24.36 7.95 27.25
N TRP A 143 -24.42 9.30 27.22
CA TRP A 143 -23.41 10.15 27.82
C TRP A 143 -23.93 11.58 27.99
N ALA A 144 -23.26 12.32 28.85
CA ALA A 144 -23.66 13.68 29.16
C ALA A 144 -22.42 14.48 29.51
N ALA A 145 -22.48 15.79 29.29
CA ALA A 145 -21.33 16.62 29.61
C ALA A 145 -21.85 17.90 30.23
N ARG A 146 -21.15 18.39 31.23
CA ARG A 146 -21.46 19.72 31.72
C ARG A 146 -20.30 20.63 31.32
N ILE A 147 -20.63 21.81 30.82
CA ILE A 147 -19.62 22.80 30.47
C ILE A 147 -19.82 23.99 31.41
N LYS A 148 -18.81 24.34 32.20
CA LYS A 148 -18.96 25.43 33.14
C LYS A 148 -17.86 26.47 32.93
N GLY A 149 -18.24 27.73 32.74
CA GLY A 149 -17.22 28.77 32.61
C GLY A 149 -17.33 29.80 33.73
N THR A 150 -16.20 30.05 34.43
CA THR A 150 -16.16 31.00 35.53
C THR A 150 -15.14 32.07 35.18
N LEU A 151 -15.57 33.34 35.10
CA LEU A 151 -14.64 34.43 34.81
C LEU A 151 -13.61 34.48 35.94
N ASN A 152 -12.32 34.67 35.61
CA ASN A 152 -11.30 34.80 36.62
C ASN A 152 -11.30 36.23 37.15
N ASP A 153 -10.45 36.48 38.16
CA ASP A 153 -10.49 37.69 38.94
C ASP A 153 -10.16 38.93 38.10
N ASP A 154 -9.51 38.76 36.94
CA ASP A 154 -9.00 39.88 36.15
C ASP A 154 -9.97 40.24 35.03
N ALA A 155 -10.87 39.33 34.69
CA ALA A 155 -11.82 39.55 33.61
C ALA A 155 -12.81 40.66 34.00
N PRO A 156 -13.23 41.56 33.09
CA PRO A 156 -14.36 42.45 33.36
C PRO A 156 -15.61 41.63 33.74
N LYS A 157 -16.33 42.04 34.78
CA LYS A 157 -17.47 41.27 35.29
C LYS A 157 -18.53 41.08 34.21
N ASP A 158 -18.53 41.99 33.23
CA ASP A 158 -19.53 41.97 32.18
C ASP A 158 -18.91 41.49 30.85
N GLN A 159 -17.78 40.78 30.91
CA GLN A 159 -17.33 40.11 29.69
C GLN A 159 -18.48 39.35 29.01
N LYS A 160 -18.57 39.57 27.70
CA LYS A 160 -19.30 38.69 26.79
C LYS A 160 -18.40 37.56 26.27
N THR A 161 -18.94 36.34 26.26
CA THR A 161 -18.22 35.18 25.80
C THR A 161 -19.14 34.42 24.85
N ILE A 162 -18.68 34.12 23.63
CA ILE A 162 -19.42 33.24 22.74
C ILE A 162 -19.05 31.78 23.01
N VAL A 163 -20.08 30.90 23.09
CA VAL A 163 -19.86 29.47 23.21
C VAL A 163 -20.60 28.77 22.08
N VAL A 164 -19.90 27.86 21.38
CA VAL A 164 -20.51 27.10 20.32
C VAL A 164 -20.34 25.63 20.66
N PHE A 165 -21.41 24.87 20.46
CA PHE A 165 -21.32 23.42 20.42
C PHE A 165 -21.53 22.99 18.97
N TYR A 166 -20.51 22.40 18.36
CA TYR A 166 -20.56 22.05 16.95
C TYR A 166 -20.80 20.54 16.85
N VAL A 167 -21.74 20.10 16.00
CA VAL A 167 -22.06 18.68 15.90
C VAL A 167 -22.09 18.29 14.43
N SER A 168 -21.49 17.15 14.09
CA SER A 168 -21.46 16.72 12.70
C SER A 168 -21.70 15.22 12.61
N GLN A 169 -22.27 14.77 11.48
CA GLN A 169 -22.45 13.34 11.28
C GLN A 169 -22.10 12.90 9.85
N GLU A 170 -21.16 11.96 9.74
CA GLU A 170 -20.81 11.33 8.47
C GLU A 170 -21.48 9.95 8.38
N GLY A 171 -21.57 9.42 7.16
CA GLY A 171 -22.42 8.27 6.88
C GLY A 171 -23.44 8.58 5.79
N GLU A 172 -23.63 7.64 4.84
CA GLU A 172 -24.46 7.81 3.64
C GLU A 172 -25.96 7.83 3.95
N ASN A 173 -26.40 7.00 4.92
CA ASN A 173 -27.81 6.76 5.24
C ASN A 173 -28.07 7.09 6.70
N SER A 174 -27.82 8.35 7.07
CA SER A 174 -27.99 8.76 8.45
C SER A 174 -28.63 10.13 8.46
N GLU A 175 -29.25 10.47 9.59
CA GLU A 175 -30.06 11.68 9.56
C GLU A 175 -29.92 12.35 10.90
N LEU A 176 -29.95 13.69 10.89
CA LEU A 176 -29.87 14.46 12.11
C LEU A 176 -30.62 15.78 11.90
N GLU A 177 -31.47 16.10 12.86
CA GLU A 177 -32.43 17.19 12.68
C GLU A 177 -32.63 17.94 14.00
N ALA A 178 -32.38 19.25 13.96
CA ALA A 178 -32.75 20.16 15.03
C ALA A 178 -34.26 20.35 15.02
N VAL A 179 -34.95 19.96 16.09
CA VAL A 179 -36.35 20.35 16.21
C VAL A 179 -36.40 21.87 16.31
N PRO A 180 -37.18 22.55 15.45
CA PRO A 180 -37.28 24.02 15.52
C PRO A 180 -37.91 24.52 16.83
N SER A 181 -37.63 25.80 17.15
CA SER A 181 -38.08 26.46 18.36
C SER A 181 -39.49 27.02 18.16
N GLU A 182 -40.23 27.26 19.27
CA GLU A 182 -41.49 27.99 19.20
C GLU A 182 -41.21 29.43 18.78
N ASN A 183 -40.20 30.05 19.41
CA ASN A 183 -39.97 31.48 19.36
C ASN A 183 -39.41 31.84 17.98
N GLU A 184 -39.47 33.12 17.62
CA GLU A 184 -39.22 33.49 16.22
C GLU A 184 -37.74 33.33 15.85
N PHE A 185 -36.86 33.79 16.74
CA PHE A 185 -35.49 34.14 16.38
C PHE A 185 -34.46 33.20 17.01
N GLY A 186 -34.93 32.14 17.68
CA GLY A 186 -34.10 31.16 18.33
C GLY A 186 -34.76 30.62 19.60
N TYR A 187 -33.96 30.08 20.52
CA TYR A 187 -34.47 29.21 21.58
C TYR A 187 -34.38 29.88 22.94
N GLU A 188 -35.49 29.79 23.69
CA GLU A 188 -35.55 30.23 25.07
C GLU A 188 -35.04 29.10 25.95
N GLY A 189 -35.32 27.85 25.55
CA GLY A 189 -34.90 26.68 26.32
C GLY A 189 -33.86 25.82 25.60
N ASP A 190 -34.08 24.51 25.69
CA ASP A 190 -33.20 23.44 25.27
C ASP A 190 -33.31 23.30 23.76
N VAL A 191 -32.18 22.93 23.12
CA VAL A 191 -32.13 22.62 21.70
C VAL A 191 -32.06 21.11 21.56
N ILE A 192 -32.92 20.52 20.72
CA ILE A 192 -32.99 19.06 20.70
C ILE A 192 -32.65 18.64 19.28
N LEU A 193 -31.60 17.82 19.15
CA LEU A 193 -31.35 17.24 17.84
C LEU A 193 -31.73 15.77 17.95
N LYS A 194 -32.53 15.30 16.98
CA LYS A 194 -32.92 13.90 16.86
C LYS A 194 -32.18 13.36 15.63
N GLY A 195 -31.53 12.21 15.79
CA GLY A 195 -30.83 11.63 14.65
C GLY A 195 -30.98 10.12 14.63
N ARG A 196 -30.53 9.51 13.52
CA ARG A 196 -30.46 8.06 13.41
C ARG A 196 -29.25 7.68 12.55
N SER A 197 -28.57 6.58 12.92
CA SER A 197 -27.73 5.90 11.93
C SER A 197 -27.74 4.39 12.14
N GLU A 198 -27.11 3.65 11.21
CA GLU A 198 -26.91 2.21 11.35
C GLU A 198 -26.20 1.86 12.66
N ALA A 199 -25.05 2.50 12.93
CA ALA A 199 -24.21 2.13 14.07
C ALA A 199 -24.78 2.59 15.42
N LEU A 200 -25.55 3.69 15.45
CA LEU A 200 -26.00 4.27 16.71
C LEU A 200 -27.50 4.00 16.94
N GLY A 201 -28.18 3.54 15.87
CA GLY A 201 -29.63 3.49 15.89
C GLY A 201 -30.20 4.88 16.07
N ASN A 202 -31.32 4.97 16.79
CA ASN A 202 -31.99 6.24 17.02
C ASN A 202 -31.39 6.91 18.26
N TYR A 203 -31.34 8.25 18.27
CA TYR A 203 -30.77 8.93 19.43
C TYR A 203 -31.25 10.38 19.49
N LYS A 204 -31.16 10.99 20.68
CA LYS A 204 -31.40 12.42 20.79
C LYS A 204 -30.23 13.05 21.54
N LEU A 205 -29.85 14.26 21.09
CA LEU A 205 -28.74 15.03 21.62
C LEU A 205 -29.31 16.40 21.99
N VAL A 206 -29.27 16.71 23.29
CA VAL A 206 -29.87 17.94 23.77
C VAL A 206 -28.77 18.87 24.30
N VAL A 207 -28.82 20.16 23.93
CA VAL A 207 -28.01 21.16 24.58
C VAL A 207 -28.92 22.00 25.44
N THR A 208 -28.70 21.97 26.76
CA THR A 208 -29.64 22.65 27.63
C THR A 208 -29.51 24.16 27.53
N LYS A 209 -30.49 24.85 28.11
CA LYS A 209 -30.59 26.30 28.11
C LYS A 209 -29.41 26.84 28.93
N GLY A 210 -29.13 26.14 30.02
CA GLY A 210 -28.05 26.48 30.94
C GLY A 210 -28.35 27.67 31.82
N LYS A 211 -27.39 27.98 32.70
CA LYS A 211 -27.53 29.03 33.69
C LYS A 211 -26.54 30.14 33.30
N GLY A 212 -26.99 31.39 33.39
CA GLY A 212 -26.12 32.54 33.19
C GLY A 212 -26.83 33.64 32.42
N VAL A 213 -26.29 34.85 32.52
CA VAL A 213 -26.98 35.99 31.96
C VAL A 213 -26.82 36.02 30.45
N ILE A 214 -27.94 36.23 29.75
CA ILE A 214 -27.82 36.32 28.31
C ILE A 214 -28.06 37.77 27.86
N PRO A 215 -27.06 38.44 27.25
CA PRO A 215 -27.15 39.88 26.97
C PRO A 215 -28.27 40.18 25.97
N GLN A 216 -28.76 41.42 26.00
CA GLN A 216 -29.90 41.78 25.19
C GLN A 216 -29.52 43.04 24.43
N SER A 217 -29.83 43.07 23.12
CA SER A 217 -29.53 44.24 22.33
C SER A 217 -30.78 45.07 22.10
N ASP A 218 -30.61 46.39 22.21
CA ASP A 218 -31.69 47.33 21.98
C ASP A 218 -31.60 47.90 20.57
N HIS A 219 -30.66 47.40 19.76
CA HIS A 219 -30.46 47.91 18.42
C HIS A 219 -31.67 47.57 17.53
N ASP A 220 -31.87 48.39 16.51
CA ASP A 220 -32.83 48.10 15.46
C ASP A 220 -32.67 46.66 14.91
N LEU A 221 -31.43 46.17 14.81
CA LEU A 221 -31.20 44.83 14.29
C LEU A 221 -32.07 43.78 14.99
N SER A 222 -32.43 44.05 16.25
CA SER A 222 -33.14 43.05 17.05
C SER A 222 -34.53 42.77 16.50
N ARG A 223 -35.07 43.68 15.66
CA ARG A 223 -36.35 43.43 14.99
C ARG A 223 -36.20 42.25 14.03
N LEU A 224 -35.03 42.07 13.39
CA LEU A 224 -34.89 40.99 12.40
C LEU A 224 -34.13 39.80 12.95
N ARG A 225 -33.35 39.99 14.01
CA ARG A 225 -32.44 38.95 14.49
C ARG A 225 -32.74 38.51 15.92
N GLY A 226 -33.73 39.15 16.54
CA GLY A 226 -34.00 38.92 17.95
C GLY A 226 -33.11 39.78 18.85
N PRO A 227 -33.52 39.99 20.12
CA PRO A 227 -32.72 40.76 21.08
C PRO A 227 -31.49 40.03 21.61
N GLY A 228 -31.42 38.72 21.38
CA GLY A 228 -30.32 37.91 21.90
C GLY A 228 -30.84 36.60 22.48
N GLN A 229 -30.34 35.45 21.98
CA GLN A 229 -30.85 34.15 22.41
C GLN A 229 -30.03 33.03 21.78
N THR A 230 -30.22 31.79 22.26
CA THR A 230 -29.57 30.63 21.69
C THR A 230 -30.04 30.48 20.24
N VAL A 231 -29.12 30.15 19.30
CA VAL A 231 -29.49 29.96 17.89
C VAL A 231 -28.86 28.66 17.38
N VAL A 232 -29.41 28.12 16.27
CA VAL A 232 -28.92 26.90 15.66
C VAL A 232 -28.87 27.13 14.16
N GLN A 233 -27.74 26.79 13.51
CA GLN A 233 -27.73 26.62 12.06
C GLN A 233 -27.48 25.17 11.71
N SER A 234 -28.35 24.67 10.83
CA SER A 234 -28.29 23.30 10.37
C SER A 234 -27.88 23.32 8.90
N LEU A 235 -26.76 22.65 8.56
CA LEU A 235 -26.13 22.79 7.25
C LEU A 235 -25.71 21.42 6.77
N THR A 236 -25.34 21.39 5.50
CA THR A 236 -24.75 20.19 4.92
CA THR A 236 -24.74 20.19 4.94
C THR A 236 -23.53 20.55 4.08
N TYR A 237 -22.47 19.74 4.25
CA TYR A 237 -21.32 19.82 3.38
C TYR A 237 -20.98 18.38 3.04
N PRO A 238 -20.16 18.14 1.99
CA PRO A 238 -19.69 16.79 1.70
C PRO A 238 -18.92 16.28 2.91
N ASP A 239 -19.21 15.03 3.27
CA ASP A 239 -18.79 14.35 4.49
C ASP A 239 -17.29 14.55 4.80
N GLU A 240 -16.43 14.68 3.79
CA GLU A 240 -15.02 14.61 4.11
C GLU A 240 -14.49 15.93 4.69
N VAL A 241 -15.27 17.04 4.64
CA VAL A 241 -14.81 18.30 5.23
C VAL A 241 -15.47 18.66 6.58
N LEU A 242 -16.37 17.82 7.08
CA LEU A 242 -17.13 18.10 8.29
C LEU A 242 -16.22 18.38 9.50
N TRP A 243 -15.01 17.82 9.51
CA TRP A 243 -14.06 17.99 10.61
C TRP A 243 -13.60 19.44 10.66
N GLN A 244 -13.75 20.19 9.57
CA GLN A 244 -13.15 21.53 9.51
C GLN A 244 -14.02 22.58 10.21
N ALA A 245 -14.20 22.42 11.53
CA ALA A 245 -15.25 23.10 12.26
C ALA A 245 -14.98 24.61 12.27
N LYS A 246 -13.73 25.01 12.55
CA LYS A 246 -13.46 26.43 12.67
C LYS A 246 -13.84 27.16 11.37
N PRO A 247 -13.36 26.71 10.20
CA PRO A 247 -13.72 27.40 8.95
C PRO A 247 -15.22 27.34 8.58
N ILE A 248 -15.87 26.21 8.85
CA ILE A 248 -17.29 26.09 8.57
C ILE A 248 -18.01 27.15 9.42
N LEU A 249 -17.63 27.31 10.68
CA LEU A 249 -18.28 28.27 11.55
C LEU A 249 -18.00 29.70 11.06
N PHE A 250 -16.74 29.98 10.72
CA PHE A 250 -16.44 31.34 10.30
C PHE A 250 -17.09 31.67 8.95
N GLN A 251 -17.30 30.66 8.10
CA GLN A 251 -17.98 30.96 6.84
C GLN A 251 -19.40 31.40 7.16
N GLN A 252 -20.05 30.80 8.20
CA GLN A 252 -21.39 31.24 8.59
C GLN A 252 -21.36 32.64 9.21
N LEU A 253 -20.42 32.93 10.12
CA LEU A 253 -20.29 34.26 10.69
C LEU A 253 -20.11 35.30 9.58
N LYS A 254 -19.22 35.00 8.64
CA LYS A 254 -18.94 35.96 7.59
C LYS A 254 -20.17 36.25 6.73
N ALA A 255 -20.99 35.21 6.45
CA ALA A 255 -22.20 35.41 5.66
C ALA A 255 -23.18 36.32 6.41
N GLY A 256 -23.26 36.13 7.74
CA GLY A 256 -24.02 37.02 8.61
C GLY A 256 -23.51 38.45 8.49
N ILE A 257 -22.20 38.65 8.54
CA ILE A 257 -21.71 40.02 8.52
C ILE A 257 -22.00 40.65 7.15
N ASP A 258 -21.92 39.84 6.08
CA ASP A 258 -22.22 40.34 4.72
C ASP A 258 -23.70 40.73 4.63
N TRP A 259 -24.58 39.93 5.25
CA TRP A 259 -25.98 40.28 5.32
C TRP A 259 -26.17 41.67 5.97
N LEU A 260 -25.49 41.96 7.08
CA LEU A 260 -25.57 43.27 7.72
C LEU A 260 -25.22 44.36 6.73
N VAL A 261 -24.12 44.17 5.99
CA VAL A 261 -23.61 45.22 5.11
C VAL A 261 -24.67 45.52 4.06
N GLU A 262 -25.24 44.44 3.51
CA GLU A 262 -26.20 44.51 2.42
C GLU A 262 -27.46 45.24 2.88
N ASN A 263 -27.91 44.99 4.13
CA ASN A 263 -29.18 45.50 4.64
C ASN A 263 -29.00 46.78 5.46
N LYS A 264 -27.88 47.51 5.24
CA LYS A 264 -27.63 48.89 5.62
C LYS A 264 -27.35 49.05 7.12
N TYR A 265 -26.83 48.01 7.78
CA TYR A 265 -26.34 48.18 9.15
C TYR A 265 -24.85 48.53 9.13
N ASP A 266 -24.50 49.76 9.49
CA ASP A 266 -23.20 50.32 9.15
C ASP A 266 -22.57 51.04 10.35
N VAL A 267 -21.48 51.78 10.11
CA VAL A 267 -20.66 52.33 11.18
C VAL A 267 -21.28 53.62 11.71
N ALA A 268 -22.29 54.15 11.02
CA ALA A 268 -23.03 55.29 11.54
C ALA A 268 -23.65 54.92 12.88
N ASP A 269 -24.15 53.67 12.98
CA ASP A 269 -24.89 53.19 14.16
C ASP A 269 -24.75 51.66 14.26
N PRO A 270 -23.63 51.10 14.74
CA PRO A 270 -23.41 49.66 14.63
C PRO A 270 -24.06 48.86 15.76
N PRO A 271 -24.58 47.66 15.45
CA PRO A 271 -25.03 46.72 16.49
C PRO A 271 -23.86 46.42 17.43
N PRO A 272 -24.08 45.98 18.70
CA PRO A 272 -22.95 45.56 19.56
C PRO A 272 -22.20 44.35 18.96
N PRO A 273 -20.87 44.23 19.20
CA PRO A 273 -20.08 43.15 18.59
C PRO A 273 -20.70 41.77 18.74
N TRP A 274 -21.28 41.49 19.91
CA TRP A 274 -21.66 40.10 20.14
C TRP A 274 -22.85 39.78 19.26
N GLN A 275 -23.60 40.83 18.92
CA GLN A 275 -24.80 40.63 18.12
C GLN A 275 -24.35 40.48 16.67
N VAL A 276 -23.30 41.21 16.31
CA VAL A 276 -22.73 41.09 14.99
C VAL A 276 -22.21 39.66 14.76
N TYR A 277 -21.65 39.02 15.79
CA TYR A 277 -21.16 37.65 15.62
C TYR A 277 -22.20 36.62 16.05
N LEU A 278 -23.50 36.98 16.11
CA LEU A 278 -24.49 35.98 16.51
C LEU A 278 -25.25 35.50 15.27
N LEU A 279 -25.19 34.20 15.04
CA LEU A 279 -25.71 33.65 13.80
C LEU A 279 -27.22 33.87 13.77
N ALA A 280 -27.80 34.04 12.57
CA ALA A 280 -29.24 34.05 12.41
C ALA A 280 -29.74 32.62 12.54
N ASN A 281 -30.86 32.43 13.23
CA ASN A 281 -31.35 31.10 13.61
C ASN A 281 -31.91 30.43 12.36
N LYS A 282 -31.52 29.19 12.10
CA LYS A 282 -32.03 28.46 10.94
C LYS A 282 -31.91 26.95 11.18
N PRO A 283 -32.65 26.38 12.15
CA PRO A 283 -32.53 24.95 12.45
C PRO A 283 -33.15 24.19 11.30
N GLY A 284 -32.79 22.90 11.19
CA GLY A 284 -33.18 22.12 10.05
C GLY A 284 -32.60 20.72 10.14
N SER A 285 -32.48 20.10 8.98
CA SER A 285 -31.82 18.82 8.91
C SER A 285 -30.53 19.07 8.17
N GLY A 286 -29.49 18.29 8.50
CA GLY A 286 -28.21 18.44 7.81
C GLY A 286 -27.17 17.55 8.46
N ASN A 287 -25.95 17.56 7.94
CA ASN A 287 -24.92 16.76 8.57
C ASN A 287 -24.03 17.64 9.46
N VAL A 288 -24.32 18.96 9.52
CA VAL A 288 -23.67 19.88 10.44
C VAL A 288 -24.71 20.73 11.19
N HIS A 289 -24.65 20.76 12.54
CA HIS A 289 -25.45 21.69 13.35
C HIS A 289 -24.56 22.50 14.29
N ILE A 290 -24.65 23.83 14.16
CA ILE A 290 -23.92 24.75 15.01
C ILE A 290 -24.89 25.32 16.05
N VAL A 291 -24.63 25.04 17.33
CA VAL A 291 -25.45 25.61 18.40
C VAL A 291 -24.61 26.69 19.09
N GLN A 292 -25.08 27.94 19.05
CA GLN A 292 -24.30 29.09 19.51
C GLN A 292 -25.04 29.77 20.67
N LYS A 293 -24.35 30.03 21.79
CA LYS A 293 -24.87 30.84 22.88
C LYS A 293 -23.90 31.99 23.14
N VAL A 294 -24.46 33.08 23.66
CA VAL A 294 -23.67 34.17 24.18
C VAL A 294 -24.07 34.38 25.63
N PHE A 295 -23.05 34.52 26.48
CA PHE A 295 -23.21 34.72 27.91
C PHE A 295 -22.50 35.98 28.35
N GLU A 296 -23.08 36.63 29.37
CA GLU A 296 -22.45 37.73 30.08
C GLU A 296 -22.07 37.25 31.48
N GLY A 297 -20.80 37.36 31.83
CA GLY A 297 -20.40 36.74 33.10
C GLY A 297 -20.35 35.21 33.06
N ASP A 298 -20.45 34.58 34.24
CA ASP A 298 -20.31 33.14 34.42
C ASP A 298 -21.44 32.41 33.67
N PHE A 299 -21.16 31.19 33.21
CA PHE A 299 -22.16 30.39 32.55
C PHE A 299 -22.01 28.91 32.86
N GLU A 300 -23.05 28.13 32.55
CA GLU A 300 -22.92 26.69 32.50
C GLU A 300 -24.07 26.08 31.70
N PHE A 301 -23.82 24.97 31.01
CA PHE A 301 -24.85 24.26 30.27
C PHE A 301 -24.48 22.81 30.08
N ASP A 302 -25.45 22.00 29.66
CA ASP A 302 -25.27 20.56 29.65
C ASP A 302 -25.49 20.03 28.25
N ILE A 303 -24.95 18.87 27.97
CA ILE A 303 -25.19 18.18 26.72
C ILE A 303 -25.57 16.78 27.10
N LEU A 304 -26.73 16.37 26.62
CA LEU A 304 -27.30 15.09 27.02
C LEU A 304 -27.52 14.27 25.76
N PHE A 305 -26.75 13.20 25.64
CA PHE A 305 -26.90 12.26 24.56
C PHE A 305 -27.63 11.03 25.11
N SER A 306 -28.82 10.77 24.55
CA SER A 306 -29.70 9.68 24.95
C SER A 306 -29.79 8.66 23.83
N SER A 307 -29.29 7.45 24.10
CA SER A 307 -29.45 6.34 23.16
C SER A 307 -30.88 5.80 23.26
N GLU A 308 -31.62 5.77 22.14
CA GLU A 308 -33.04 5.45 22.26
C GLU A 308 -33.28 4.01 22.75
N SER A 309 -32.51 3.08 22.19
CA SER A 309 -32.50 1.68 22.62
C SER A 309 -32.25 1.46 24.12
N ALA A 310 -31.82 2.49 24.87
CA ALA A 310 -31.61 2.36 26.31
C ALA A 310 -32.91 2.70 27.05
N GLY A 311 -32.84 2.72 28.39
CA GLY A 311 -33.96 3.14 29.23
C GLY A 311 -34.64 4.46 28.81
N LYS A 312 -35.01 5.26 29.83
CA LYS A 312 -35.52 6.62 29.61
C LYS A 312 -34.34 7.51 29.25
N GLU A 313 -34.60 8.66 28.62
CA GLU A 313 -33.50 9.51 28.22
C GLU A 313 -32.71 10.01 29.45
N VAL A 314 -31.45 10.41 29.21
CA VAL A 314 -30.59 10.97 30.24
C VAL A 314 -31.02 12.39 30.60
N THR A 315 -30.89 12.76 31.88
CA THR A 315 -31.24 14.10 32.33
C THR A 315 -30.06 14.70 33.09
N SER A 316 -30.15 15.97 33.46
CA SER A 316 -29.07 16.68 34.13
C SER A 316 -28.83 16.07 35.51
N LYS A 317 -29.92 15.62 36.16
CA LYS A 317 -29.83 15.09 37.52
C LYS A 317 -29.14 13.72 37.46
N ASP A 318 -29.33 12.99 36.35
CA ASP A 318 -28.51 11.81 36.06
C ASP A 318 -27.02 12.17 35.97
N LEU A 319 -26.71 13.29 35.29
CA LEU A 319 -25.36 13.72 35.01
C LEU A 319 -24.67 13.97 36.35
N GLU A 320 -25.31 14.78 37.20
CA GLU A 320 -24.70 15.14 38.48
C GLU A 320 -24.43 13.88 39.31
N ARG A 321 -25.36 12.92 39.32
CA ARG A 321 -25.18 11.73 40.13
C ARG A 321 -24.00 10.94 39.56
N GLU A 322 -24.05 10.70 38.24
CA GLU A 322 -23.00 9.88 37.66
C GLU A 322 -21.61 10.55 37.84
N VAL A 323 -21.53 11.87 37.70
CA VAL A 323 -20.30 12.61 37.97
C VAL A 323 -19.74 12.26 39.34
N LYS A 324 -20.54 12.45 40.40
CA LYS A 324 -20.12 12.23 41.78
C LYS A 324 -19.67 10.78 41.97
N GLN A 325 -20.36 9.86 41.30
CA GLN A 325 -20.06 8.44 41.39
C GLN A 325 -18.71 8.11 40.75
N ALA A 326 -18.44 8.66 39.56
CA ALA A 326 -17.21 8.40 38.83
C ALA A 326 -15.98 8.74 39.67
N THR A 327 -16.05 9.89 40.37
CA THR A 327 -15.00 10.38 41.26
C THR A 327 -14.70 9.42 42.40
N GLU A 328 -15.75 9.00 43.11
CA GLU A 328 -15.66 7.98 44.15
C GLU A 328 -14.89 6.78 43.60
N VAL A 329 -15.32 6.27 42.45
CA VAL A 329 -14.72 5.06 41.90
C VAL A 329 -13.24 5.29 41.57
N PHE A 330 -12.94 6.36 40.81
CA PHE A 330 -11.58 6.80 40.48
C PHE A 330 -10.73 6.86 41.74
N GLY A 331 -11.19 7.59 42.78
CA GLY A 331 -10.48 7.68 44.04
C GLY A 331 -10.11 6.30 44.62
N GLU A 332 -11.05 5.34 44.60
CA GLU A 332 -10.84 4.05 45.26
C GLU A 332 -9.84 3.21 44.47
N ARG A 333 -9.99 3.21 43.14
CA ARG A 333 -9.08 2.46 42.27
C ARG A 333 -7.67 3.05 42.35
N PHE A 334 -7.54 4.38 42.31
CA PHE A 334 -6.22 5.01 42.35
C PHE A 334 -5.46 4.55 43.60
N ALA A 335 -6.09 4.64 44.78
CA ALA A 335 -5.45 4.37 46.06
C ALA A 335 -4.94 2.93 46.13
N ARG A 336 -5.59 2.03 45.40
CA ARG A 336 -5.29 0.60 45.39
C ARG A 336 -4.18 0.31 44.37
N VAL A 337 -4.35 0.80 43.14
CA VAL A 337 -3.46 0.48 42.02
C VAL A 337 -2.19 1.34 42.04
N PHE A 338 -2.29 2.59 42.52
CA PHE A 338 -1.16 3.50 42.55
C PHE A 338 -0.90 3.93 43.97
N ASP A 339 -0.46 2.97 44.78
CA ASP A 339 -0.22 3.17 46.20
C ASP A 339 1.18 3.78 46.39
N LEU A 340 1.24 5.11 46.51
CA LEU A 340 2.54 5.77 46.48
C LEU A 340 3.31 5.40 47.75
N LYS A 341 4.55 4.93 47.58
CA LYS A 341 5.43 4.53 48.65
C LYS A 341 6.35 5.68 49.06
N ALA A 342 6.96 5.55 50.26
CA ALA A 342 7.88 6.53 50.81
C ALA A 342 8.96 6.87 49.79
N PRO A 343 9.46 8.14 49.78
CA PRO A 343 8.93 9.20 50.64
C PRO A 343 7.87 10.02 49.92
N PHE A 344 7.04 9.34 49.10
CA PHE A 344 6.01 10.04 48.34
C PHE A 344 4.60 9.72 48.83
N GLN A 345 4.41 9.47 50.14
CA GLN A 345 3.09 9.08 50.64
C GLN A 345 2.20 10.31 50.80
N GLY A 346 2.80 11.50 50.97
CA GLY A 346 2.07 12.74 51.23
C GLY A 346 1.04 13.08 50.14
N ASP A 347 0.09 13.97 50.49
CA ASP A 347 -1.05 14.35 49.66
C ASP A 347 -0.60 15.21 48.48
N ASN A 348 0.52 15.91 48.64
CA ASN A 348 1.09 16.70 47.54
C ASN A 348 1.42 15.75 46.39
N TYR A 349 2.10 14.65 46.71
CA TYR A 349 2.51 13.63 45.75
C TYR A 349 1.29 12.93 45.16
N LYS A 350 0.23 12.76 45.97
CA LYS A 350 -0.93 12.03 45.48
C LYS A 350 -1.65 12.88 44.43
N LYS A 351 -1.73 14.19 44.68
CA LYS A 351 -2.40 15.07 43.73
C LYS A 351 -1.59 15.06 42.43
N PHE A 352 -0.25 15.04 42.56
CA PHE A 352 0.67 15.05 41.43
C PHE A 352 0.47 13.79 40.60
N GLY A 353 0.47 12.64 41.29
CA GLY A 353 0.27 11.34 40.65
C GLY A 353 -1.06 11.23 39.92
N LYS A 354 -2.12 11.78 40.52
CA LYS A 354 -3.45 11.78 39.91
C LYS A 354 -3.44 12.63 38.63
N SER A 355 -2.71 13.76 38.66
CA SER A 355 -2.69 14.62 37.50
C SER A 355 -1.89 13.96 36.38
N MET A 356 -0.73 13.38 36.68
CA MET A 356 0.08 12.75 35.64
C MET A 356 -0.69 11.55 35.09
N PHE A 357 -1.39 10.82 35.97
CA PHE A 357 -2.03 9.63 35.43
C PHE A 357 -3.21 9.99 34.53
N SER A 358 -4.08 10.88 35.02
CA SER A 358 -5.30 11.16 34.27
C SER A 358 -4.99 11.79 32.93
N ASN A 359 -3.94 12.63 32.87
CA ASN A 359 -3.57 13.23 31.59
C ASN A 359 -3.09 12.15 30.63
N LEU A 360 -2.43 11.10 31.14
CA LEU A 360 -1.95 10.08 30.23
C LEU A 360 -3.17 9.32 29.72
N ILE A 361 -4.05 8.93 30.64
CA ILE A 361 -5.08 8.02 30.16
C ILE A 361 -6.11 8.86 29.42
N GLY A 362 -6.24 10.13 29.84
CA GLY A 362 -7.16 11.04 29.18
C GLY A 362 -6.71 11.49 27.78
N GLY A 363 -5.52 11.10 27.35
CA GLY A 363 -5.10 11.44 25.99
C GLY A 363 -5.59 10.46 24.93
N ILE A 364 -6.13 9.32 25.37
CA ILE A 364 -6.48 8.25 24.45
C ILE A 364 -7.39 8.84 23.37
N GLY A 365 -7.07 8.58 22.11
CA GLY A 365 -7.90 9.05 21.02
C GLY A 365 -8.30 7.89 20.10
N TYR A 366 -9.36 8.10 19.29
CA TYR A 366 -9.69 7.26 18.16
C TYR A 366 -9.44 8.02 16.87
N PHE A 367 -8.62 7.44 15.99
CA PHE A 367 -8.29 8.06 14.73
C PHE A 367 -8.70 7.15 13.57
N TYR A 368 -9.09 7.78 12.45
CA TYR A 368 -9.60 7.05 11.30
C TYR A 368 -9.29 7.83 10.02
N GLY A 369 -8.80 7.10 9.01
CA GLY A 369 -8.55 7.69 7.71
C GLY A 369 -7.37 7.04 7.00
N HIS A 370 -7.01 7.64 5.85
CA HIS A 370 -5.90 7.20 5.03
C HIS A 370 -4.61 7.76 5.61
N SER A 371 -3.50 7.07 5.37
CA SER A 371 -2.19 7.59 5.69
C SER A 371 -1.33 7.54 4.44
N LEU A 372 -0.31 8.41 4.40
CA LEU A 372 0.58 8.65 3.27
C LEU A 372 1.80 7.73 3.42
N VAL A 373 1.93 6.78 2.49
CA VAL A 373 2.98 5.75 2.56
C VAL A 373 3.73 5.70 1.23
N ASP A 374 5.08 5.66 1.31
CA ASP A 374 5.87 5.39 0.11
C ASP A 374 5.98 3.88 -0.05
N ARG A 375 5.34 3.30 -1.10
CA ARG A 375 5.36 1.85 -1.31
C ARG A 375 6.18 1.46 -2.56
N SER A 376 7.03 2.35 -3.07
CA SER A 376 7.99 2.06 -4.11
C SER A 376 8.96 0.92 -3.74
N TYR A 377 9.31 0.74 -2.45
CA TYR A 377 10.40 -0.14 -2.09
C TYR A 377 11.61 0.14 -3.00
N ALA A 378 11.85 1.43 -3.27
CA ALA A 378 13.02 1.83 -4.04
C ALA A 378 14.24 1.10 -3.48
N PRO A 379 15.16 0.62 -4.35
CA PRO A 379 16.33 -0.13 -3.88
C PRO A 379 17.38 0.72 -3.15
N GLU A 380 17.43 2.02 -3.41
CA GLU A 380 18.20 2.95 -2.58
C GLU A 380 17.87 2.81 -1.08
N TYR A 381 16.65 2.40 -0.73
CA TYR A 381 16.24 2.27 0.67
C TYR A 381 16.92 1.06 1.34
N ASP A 382 17.64 0.23 0.59
CA ASP A 382 18.28 -0.92 1.23
C ASP A 382 19.58 -0.50 1.89
N GLU A 383 20.07 0.70 1.50
CA GLU A 383 21.21 1.35 2.11
C GLU A 383 22.36 0.36 2.20
N GLU A 384 22.89 -0.07 1.04
CA GLU A 384 23.91 -1.11 1.02
C GLU A 384 25.27 -0.55 0.62
N ASN A 385 25.30 0.68 0.09
CA ASN A 385 26.53 1.34 -0.32
C ASN A 385 26.94 2.42 0.68
N GLU A 386 28.22 2.76 0.65
CA GLU A 386 28.75 3.96 1.26
C GLU A 386 28.03 5.17 0.65
N GLY A 387 27.73 6.17 1.50
CA GLY A 387 27.04 7.36 1.05
C GLY A 387 25.54 7.13 0.77
N PHE A 388 24.97 6.04 1.33
CA PHE A 388 23.59 5.66 1.04
C PHE A 388 22.60 6.79 1.32
N TRP A 389 22.97 7.76 2.15
CA TRP A 389 21.96 8.73 2.55
C TRP A 389 21.60 9.62 1.37
N GLU A 390 22.57 9.85 0.45
CA GLU A 390 22.30 10.70 -0.70
C GLU A 390 21.37 9.98 -1.68
N ASP A 391 21.58 8.67 -1.86
CA ASP A 391 20.73 7.83 -2.66
C ASP A 391 19.29 7.83 -2.13
N ALA A 392 19.12 7.55 -0.84
CA ALA A 392 17.80 7.44 -0.24
C ALA A 392 17.04 8.76 -0.40
N ALA A 393 17.74 9.90 -0.33
CA ALA A 393 17.14 11.20 -0.55
C ALA A 393 16.67 11.35 -2.00
N GLU A 394 17.45 10.79 -2.93
CA GLU A 394 17.10 10.83 -4.34
C GLU A 394 15.78 10.07 -4.55
N ALA A 395 15.63 8.91 -3.90
CA ALA A 395 14.42 8.12 -4.01
C ALA A 395 13.23 8.85 -3.38
N ARG A 396 13.46 9.48 -2.22
CA ARG A 396 12.42 10.29 -1.58
C ARG A 396 11.93 11.37 -2.54
N ALA A 397 12.85 11.94 -3.34
CA ALA A 397 12.45 13.05 -4.20
C ALA A 397 11.71 12.53 -5.44
N ARG A 398 11.54 11.21 -5.58
CA ARG A 398 10.69 10.66 -6.62
C ARG A 398 9.22 10.86 -6.24
N HIS A 399 8.94 11.06 -4.95
CA HIS A 399 7.61 11.28 -4.39
C HIS A 399 6.59 10.28 -4.92
N GLN A 400 6.80 9.00 -4.69
CA GLN A 400 5.92 7.94 -5.13
C GLN A 400 4.93 7.58 -4.03
N GLU A 401 4.90 8.38 -2.96
CA GLU A 401 3.98 8.07 -1.88
C GLU A 401 2.53 8.29 -2.34
N ALA A 402 1.60 7.48 -1.82
CA ALA A 402 0.19 7.59 -2.11
C ALA A 402 -0.59 7.39 -0.80
N LEU A 403 -1.83 7.87 -0.73
CA LEU A 403 -2.74 7.64 0.39
C LEU A 403 -3.22 6.19 0.35
N GLU A 404 -3.37 5.56 1.51
CA GLU A 404 -3.86 4.21 1.56
C GLU A 404 -4.64 4.00 2.87
N GLY A 405 -5.43 2.94 2.92
CA GLY A 405 -6.31 2.61 4.03
C GLY A 405 -7.75 2.50 3.52
N PRO A 406 -8.78 2.87 4.29
CA PRO A 406 -8.59 3.60 5.56
C PRO A 406 -8.11 2.71 6.70
N TYR A 407 -7.46 3.33 7.69
CA TYR A 407 -7.02 2.66 8.91
C TYR A 407 -7.79 3.27 10.08
N GLU A 408 -7.89 2.52 11.16
CA GLU A 408 -8.35 3.08 12.42
C GLU A 408 -7.31 2.76 13.52
N LEU A 409 -7.26 3.60 14.56
CA LEU A 409 -6.33 3.35 15.66
C LEU A 409 -6.92 3.92 16.95
N PHE A 410 -6.74 3.12 18.01
CA PHE A 410 -7.22 3.50 19.33
C PHE A 410 -6.00 3.54 20.26
N THR A 411 -5.56 4.74 20.65
CA THR A 411 -4.23 4.84 21.21
C THR A 411 -4.12 6.07 22.09
N SER A 412 -3.27 5.98 23.11
CA SER A 412 -2.84 7.17 23.83
C SER A 412 -1.79 7.92 22.99
N ILE A 413 -1.44 9.15 23.38
CA ILE A 413 -0.62 10.04 22.56
C ILE A 413 0.40 10.76 23.45
N PRO A 414 1.53 11.24 22.88
CA PRO A 414 2.54 11.91 23.67
C PRO A 414 2.15 13.27 24.26
N SER A 415 1.46 14.09 23.47
CA SER A 415 1.18 15.46 23.86
C SER A 415 -0.05 16.00 23.10
N ARG A 416 -1.06 16.46 23.84
CA ARG A 416 -2.26 16.96 23.18
C ARG A 416 -1.92 18.11 22.23
N PRO A 417 -1.26 19.22 22.63
CA PRO A 417 -1.08 20.35 21.71
C PRO A 417 -0.04 20.13 20.64
N PHE A 418 0.90 19.18 20.83
CA PHE A 418 2.01 19.09 19.87
C PHE A 418 2.10 17.75 19.15
N PHE A 419 1.70 16.63 19.78
CA PHE A 419 1.85 15.34 19.10
C PHE A 419 0.57 14.53 19.27
N PRO A 420 -0.57 15.03 18.74
CA PRO A 420 -1.85 14.40 19.04
C PRO A 420 -2.07 13.20 18.14
N ARG A 421 -1.20 12.18 18.20
CA ARG A 421 -1.36 11.01 17.33
C ARG A 421 -0.47 9.87 17.82
N GLY A 422 -0.61 8.69 17.19
CA GLY A 422 -0.04 7.43 17.66
C GLY A 422 1.43 7.35 17.28
N PHE A 423 2.33 7.14 18.27
CA PHE A 423 3.76 6.87 18.04
C PHE A 423 4.11 5.49 18.61
N LEU A 424 4.77 4.67 17.79
CA LEU A 424 4.91 3.24 18.09
C LEU A 424 5.71 2.99 19.37
N TRP A 425 6.95 3.48 19.46
CA TRP A 425 7.74 3.18 20.67
C TRP A 425 7.26 3.98 21.88
N ASP A 426 6.63 5.16 21.65
CA ASP A 426 6.02 5.86 22.78
C ASP A 426 4.97 4.96 23.43
N GLU A 427 4.23 4.24 22.58
CA GLU A 427 3.02 3.61 23.08
C GLU A 427 3.32 2.53 24.12
N GLY A 428 4.41 1.78 23.91
CA GLY A 428 4.86 0.85 24.93
C GLY A 428 5.05 1.49 26.31
N PHE A 429 5.64 2.69 26.37
CA PHE A 429 5.80 3.35 27.66
C PHE A 429 4.44 3.79 28.23
N HIS A 430 3.56 4.33 27.37
CA HIS A 430 2.29 4.84 27.85
C HIS A 430 1.47 3.71 28.44
N LEU A 431 1.63 2.47 27.93
CA LEU A 431 0.69 1.45 28.37
C LEU A 431 1.11 0.83 29.71
N LEU A 432 2.35 1.07 30.13
CA LEU A 432 2.77 0.38 31.35
C LEU A 432 1.92 0.84 32.54
N PRO A 433 1.70 2.15 32.74
CA PRO A 433 0.80 2.60 33.82
C PRO A 433 -0.65 2.29 33.49
N ILE A 434 -1.02 2.43 32.23
CA ILE A 434 -2.41 2.19 31.88
C ILE A 434 -2.75 0.71 32.16
N ALA A 435 -1.81 -0.19 31.91
CA ALA A 435 -2.16 -1.60 32.03
C ALA A 435 -2.41 -1.90 33.49
N ASP A 436 -1.71 -1.19 34.38
CA ASP A 436 -1.89 -1.44 35.81
C ASP A 436 -3.32 -1.15 36.20
N TRP A 437 -3.83 -0.03 35.69
CA TRP A 437 -5.13 0.53 36.01
C TRP A 437 -6.25 -0.32 35.42
N ASP A 438 -6.06 -0.78 34.18
CA ASP A 438 -7.09 -1.44 33.38
C ASP A 438 -6.39 -2.25 32.28
N ILE A 439 -6.01 -3.51 32.60
CA ILE A 439 -5.25 -4.37 31.70
C ILE A 439 -6.00 -4.60 30.39
N ASP A 440 -7.34 -4.63 30.45
CA ASP A 440 -8.12 -4.90 29.25
C ASP A 440 -8.11 -3.72 28.30
N LEU A 441 -8.13 -2.51 28.87
CA LEU A 441 -7.98 -1.32 28.04
C LEU A 441 -6.63 -1.40 27.33
N ALA A 442 -5.57 -1.76 28.06
CA ALA A 442 -4.26 -1.78 27.44
C ALA A 442 -4.21 -2.80 26.31
N LEU A 443 -4.79 -4.00 26.55
CA LEU A 443 -4.71 -5.06 25.54
C LEU A 443 -5.45 -4.63 24.28
N GLU A 444 -6.54 -3.88 24.49
CA GLU A 444 -7.34 -3.34 23.41
C GLU A 444 -6.48 -2.40 22.54
N ILE A 445 -5.59 -1.65 23.19
CA ILE A 445 -4.80 -0.69 22.44
C ILE A 445 -3.69 -1.45 21.70
N ILE A 446 -3.13 -2.49 22.33
CA ILE A 446 -2.15 -3.33 21.65
C ILE A 446 -2.79 -3.94 20.41
N LYS A 447 -4.02 -4.45 20.59
CA LYS A 447 -4.68 -5.13 19.48
C LYS A 447 -4.84 -4.13 18.34
N SER A 448 -5.40 -2.97 18.70
CA SER A 448 -5.54 -1.88 17.77
C SER A 448 -4.24 -1.65 16.99
N TRP A 449 -3.09 -1.63 17.67
CA TRP A 449 -1.84 -1.30 16.98
C TRP A 449 -1.45 -2.46 16.07
N TYR A 450 -1.63 -3.69 16.56
CA TYR A 450 -1.18 -4.84 15.79
C TYR A 450 -2.07 -5.05 14.57
N ASN A 451 -3.34 -4.58 14.57
CA ASN A 451 -4.21 -4.69 13.39
C ASN A 451 -3.78 -3.73 12.28
N LEU A 452 -2.80 -2.87 12.53
CA LEU A 452 -2.32 -2.04 11.44
C LEU A 452 -1.23 -2.80 10.68
N MET A 453 -0.75 -3.91 11.25
CA MET A 453 0.50 -4.47 10.71
C MET A 453 0.20 -5.02 9.31
N ASP A 454 1.08 -4.71 8.35
CA ASP A 454 0.93 -5.15 6.97
C ASP A 454 1.43 -6.59 6.82
N GLU A 455 1.40 -7.11 5.58
CA GLU A 455 1.68 -8.53 5.33
C GLU A 455 3.16 -8.87 5.56
N ASP A 456 4.06 -7.88 5.47
CA ASP A 456 5.49 -8.06 5.68
C ASP A 456 5.87 -8.10 7.18
N GLY A 457 4.99 -7.64 8.10
CA GLY A 457 5.31 -7.35 9.50
C GLY A 457 5.71 -5.89 9.81
N TRP A 458 5.37 -4.90 8.97
CA TRP A 458 5.74 -3.53 9.27
C TRP A 458 4.55 -2.77 9.87
N ILE A 459 4.81 -2.03 10.96
CA ILE A 459 3.91 -1.01 11.45
C ILE A 459 4.63 0.34 11.40
N ALA A 460 3.98 1.37 10.81
CA ALA A 460 4.61 2.68 10.68
C ALA A 460 4.82 3.29 12.05
N ARG A 461 5.96 3.99 12.20
CA ARG A 461 6.38 4.45 13.50
C ARG A 461 5.47 5.60 13.97
N GLU A 462 4.75 6.23 13.02
CA GLU A 462 3.98 7.43 13.31
C GLU A 462 2.63 7.31 12.59
N GLN A 463 1.52 7.31 13.34
CA GLN A 463 0.26 7.02 12.68
C GLN A 463 -0.49 8.33 12.48
N ILE A 464 -0.50 8.85 11.23
CA ILE A 464 -1.21 10.05 10.84
C ILE A 464 -2.40 9.67 9.96
N LEU A 465 -3.58 9.50 10.58
CA LEU A 465 -4.73 8.88 9.95
C LEU A 465 -5.81 9.95 9.75
N GLY A 466 -6.12 10.25 8.49
CA GLY A 466 -7.20 11.16 8.15
C GLY A 466 -6.72 12.59 7.94
N ALA A 467 -7.52 13.37 7.21
CA ALA A 467 -7.18 14.74 6.88
C ALA A 467 -7.09 15.60 8.14
N GLU A 468 -7.91 15.26 9.13
CA GLU A 468 -7.91 16.05 10.34
C GLU A 468 -6.54 15.91 11.01
N ALA A 469 -6.04 14.68 11.13
CA ALA A 469 -4.72 14.41 11.72
C ALA A 469 -3.61 15.04 10.89
N ARG A 470 -3.75 15.03 9.55
CA ARG A 470 -2.74 15.54 8.63
C ARG A 470 -2.62 17.07 8.70
N SER A 471 -3.66 17.76 9.19
CA SER A 471 -3.78 19.22 9.05
C SER A 471 -2.68 19.91 9.86
N LYS A 472 -2.32 19.27 10.98
CA LYS A 472 -1.40 19.73 12.01
C LYS A 472 0.01 19.15 11.77
N VAL A 473 0.35 18.80 10.53
CA VAL A 473 1.60 18.10 10.25
C VAL A 473 2.08 18.51 8.85
N PRO A 474 3.28 19.12 8.75
CA PRO A 474 3.76 19.54 7.43
C PRO A 474 3.88 18.33 6.50
N LYS A 475 3.62 18.54 5.21
CA LYS A 475 3.53 17.47 4.21
C LYS A 475 4.81 16.63 4.15
N GLU A 476 5.98 17.28 4.27
CA GLU A 476 7.30 16.64 4.20
C GLU A 476 7.46 15.61 5.32
N PHE A 477 6.67 15.77 6.39
CA PHE A 477 6.83 14.93 7.56
C PHE A 477 5.75 13.84 7.64
N GLN A 478 4.81 13.78 6.67
CA GLN A 478 3.68 12.84 6.74
C GLN A 478 4.06 11.44 6.25
N THR A 479 4.98 11.35 5.28
CA THR A 479 5.16 10.10 4.56
C THR A 479 5.84 9.06 5.44
N GLN A 480 5.25 7.86 5.51
CA GLN A 480 5.85 6.74 6.23
C GLN A 480 6.63 5.85 5.25
N TYR A 481 7.70 5.21 5.75
CA TYR A 481 8.60 4.41 4.94
C TYR A 481 8.63 2.99 5.49
N PRO A 482 8.26 1.98 4.66
CA PRO A 482 8.22 0.60 5.13
C PRO A 482 9.56 -0.02 5.53
N HIS A 483 10.69 0.67 5.30
CA HIS A 483 11.98 0.19 5.83
C HIS A 483 12.33 0.82 7.20
N TYR A 484 11.45 1.66 7.78
CA TYR A 484 11.79 2.29 9.05
C TYR A 484 11.20 1.50 10.22
N ALA A 485 12.04 0.94 11.11
CA ALA A 485 11.50 0.31 12.31
C ALA A 485 11.35 1.36 13.39
N ASN A 486 11.03 0.89 14.60
CA ASN A 486 11.03 1.68 15.82
C ASN A 486 11.22 0.67 16.96
N PRO A 487 11.75 1.09 18.13
CA PRO A 487 11.86 0.15 19.24
C PRO A 487 10.55 -0.55 19.54
N PRO A 488 10.55 -1.90 19.70
CA PRO A 488 9.35 -2.67 19.99
C PRO A 488 8.95 -2.73 21.46
N THR A 489 8.64 -1.55 22.03
CA THR A 489 8.42 -1.39 23.47
C THR A 489 7.05 -1.94 23.89
N LEU A 490 6.16 -2.14 22.92
CA LEU A 490 4.91 -2.79 23.24
C LEU A 490 5.13 -4.21 23.76
N PHE A 491 6.28 -4.82 23.44
CA PHE A 491 6.61 -6.10 24.05
C PHE A 491 6.76 -5.98 25.56
N LEU A 492 7.20 -4.82 26.06
CA LEU A 492 7.34 -4.66 27.50
C LEU A 492 5.98 -4.85 28.14
N VAL A 493 4.93 -4.27 27.53
CA VAL A 493 3.61 -4.37 28.11
C VAL A 493 3.19 -5.83 28.09
N LEU A 494 3.47 -6.53 26.98
CA LEU A 494 3.05 -7.91 26.86
C LEU A 494 3.69 -8.75 27.95
N ASP A 495 4.96 -8.44 28.28
CA ASP A 495 5.69 -9.09 29.35
C ASP A 495 5.03 -8.93 30.71
N ASN A 496 4.40 -7.79 30.96
CA ASN A 496 3.80 -7.55 32.26
C ASN A 496 2.53 -8.37 32.36
N PHE A 497 1.87 -8.51 31.20
CA PHE A 497 0.60 -9.20 31.13
C PHE A 497 0.86 -10.71 31.22
N VAL A 498 1.95 -11.20 30.62
CA VAL A 498 2.33 -12.61 30.72
C VAL A 498 2.54 -12.98 32.18
N GLU A 499 3.27 -12.13 32.93
CA GLU A 499 3.61 -12.39 34.33
C GLU A 499 2.36 -12.32 35.19
N ARG A 500 1.46 -11.38 34.91
CA ARG A 500 0.22 -11.29 35.68
C ARG A 500 -0.66 -12.53 35.45
N LEU A 501 -0.73 -13.01 34.20
CA LEU A 501 -1.59 -14.13 33.82
C LEU A 501 -1.14 -15.40 34.55
N ARG A 502 0.17 -15.62 34.67
CA ARG A 502 0.74 -16.71 35.44
C ARG A 502 0.34 -16.60 36.93
N LYS A 503 0.67 -15.48 37.59
CA LYS A 503 0.32 -15.27 39.00
C LYS A 503 -1.15 -14.77 39.16
N LEU A 517 -18.86 -4.20 37.71
CA LEU A 517 -19.14 -4.45 36.26
C LEU A 517 -18.01 -3.89 35.40
N ASP A 518 -17.75 -2.58 35.56
CA ASP A 518 -16.58 -1.96 34.95
C ASP A 518 -15.33 -2.51 35.63
N GLU A 519 -15.39 -2.64 36.96
CA GLU A 519 -14.35 -3.26 37.75
C GLU A 519 -13.97 -4.64 37.18
N THR A 520 -14.99 -5.48 36.89
CA THR A 520 -14.76 -6.85 36.43
C THR A 520 -14.13 -6.84 35.05
N LEU A 521 -14.70 -6.03 34.15
CA LEU A 521 -14.25 -5.88 32.79
C LEU A 521 -12.77 -5.49 32.74
N SER A 522 -12.36 -4.55 33.60
CA SER A 522 -10.99 -4.05 33.55
C SER A 522 -9.94 -5.14 33.79
N THR A 523 -10.31 -6.25 34.48
CA THR A 523 -9.32 -7.30 34.69
C THR A 523 -9.71 -8.65 34.07
N ALA A 524 -10.71 -8.66 33.20
CA ALA A 524 -11.28 -9.95 32.79
C ALA A 524 -10.26 -10.84 32.08
N SER A 525 -9.19 -10.24 31.55
CA SER A 525 -8.25 -10.95 30.70
C SER A 525 -7.23 -11.68 31.56
N VAL A 526 -7.14 -11.35 32.85
CA VAL A 526 -6.24 -12.07 33.74
C VAL A 526 -7.04 -12.95 34.70
N ASP A 527 -8.31 -12.59 34.95
CA ASP A 527 -9.19 -13.34 35.84
C ASP A 527 -9.69 -14.62 35.15
N ASN A 528 -9.91 -14.55 33.83
CA ASN A 528 -10.35 -15.67 33.02
C ASN A 528 -9.17 -16.20 32.19
N PRO A 529 -8.42 -17.22 32.68
CA PRO A 529 -7.15 -17.60 32.07
C PRO A 529 -7.28 -18.05 30.61
N GLU A 530 -8.46 -18.58 30.23
CA GLU A 530 -8.67 -19.01 28.86
C GLU A 530 -8.89 -17.81 27.94
N VAL A 531 -9.49 -16.74 28.48
CA VAL A 531 -9.61 -15.46 27.77
C VAL A 531 -8.22 -14.92 27.38
N GLY A 532 -7.31 -14.83 28.37
CA GLY A 532 -5.97 -14.31 28.18
C GLY A 532 -5.21 -15.06 27.09
N LEU A 533 -5.27 -16.39 27.17
CA LEU A 533 -4.48 -17.25 26.29
C LEU A 533 -4.99 -17.13 24.86
N GLU A 534 -6.31 -16.98 24.75
CA GLU A 534 -6.91 -16.79 23.44
C GLU A 534 -6.39 -15.48 22.85
N TYR A 535 -6.33 -14.44 23.69
CA TYR A 535 -5.82 -13.16 23.21
C TYR A 535 -4.40 -13.39 22.68
N LEU A 536 -3.58 -14.14 23.44
CA LEU A 536 -2.21 -14.40 23.04
C LEU A 536 -2.13 -15.26 21.78
N ARG A 537 -3.03 -16.24 21.65
CA ARG A 537 -3.05 -17.11 20.49
C ARG A 537 -3.21 -16.31 19.21
N ARG A 538 -4.07 -15.28 19.25
CA ARG A 538 -4.37 -14.51 18.05
C ARG A 538 -3.30 -13.46 17.79
N LEU A 539 -2.68 -12.91 18.85
CA LEU A 539 -1.69 -11.86 18.68
C LEU A 539 -0.35 -12.46 18.21
N TYR A 540 -0.10 -13.68 18.70
CA TYR A 540 1.20 -14.34 18.64
C TYR A 540 1.78 -14.42 17.21
N PRO A 541 1.00 -14.83 16.17
CA PRO A 541 1.50 -14.81 14.81
C PRO A 541 1.94 -13.43 14.34
N LEU A 542 1.32 -12.39 14.90
CA LEU A 542 1.65 -11.03 14.48
C LEU A 542 3.00 -10.65 15.08
N LEU A 543 3.20 -11.01 16.36
CA LEU A 543 4.46 -10.77 17.05
C LEU A 543 5.59 -11.45 16.29
N ARG A 544 5.39 -12.75 15.98
CA ARG A 544 6.34 -13.54 15.22
C ARG A 544 6.67 -12.87 13.89
N ARG A 545 5.64 -12.42 13.18
CA ARG A 545 5.88 -11.72 11.93
C ARG A 545 6.72 -10.46 12.18
N GLN A 546 6.47 -9.74 13.28
CA GLN A 546 7.26 -8.53 13.46
C GLN A 546 8.72 -8.90 13.69
N PHE A 547 8.93 -9.98 14.43
CA PHE A 547 10.27 -10.45 14.75
C PHE A 547 11.02 -10.77 13.46
N ASP A 548 10.35 -11.51 12.56
CA ASP A 548 10.97 -11.93 11.32
C ASP A 548 11.26 -10.69 10.46
N TRP A 549 10.37 -9.69 10.59
CA TRP A 549 10.50 -8.50 9.76
C TRP A 549 11.78 -7.73 10.12
N PHE A 550 12.05 -7.62 11.42
CA PHE A 550 13.24 -6.97 11.96
C PHE A 550 14.49 -7.61 11.36
N ARG A 551 14.49 -8.95 11.34
CA ARG A 551 15.63 -9.75 10.91
C ARG A 551 15.85 -9.66 9.40
N LYS A 552 14.76 -9.58 8.62
CA LYS A 552 14.96 -9.38 7.19
C LYS A 552 15.27 -7.90 6.86
N THR A 553 14.77 -6.93 7.63
CA THR A 553 14.89 -5.58 7.09
C THR A 553 15.97 -4.78 7.80
N GLN A 554 16.27 -5.14 9.07
CA GLN A 554 17.18 -4.36 9.91
C GLN A 554 18.45 -5.17 10.27
N ALA A 555 18.92 -6.01 9.33
CA ALA A 555 20.02 -6.94 9.60
C ALA A 555 21.35 -6.22 9.39
N GLY A 556 22.31 -6.52 10.25
CA GLY A 556 23.66 -6.03 9.96
C GLY A 556 24.49 -7.11 9.29
N ASP A 557 25.69 -6.70 8.88
CA ASP A 557 26.59 -7.48 8.07
C ASP A 557 27.78 -7.96 8.90
N ILE A 558 27.80 -9.28 9.19
CA ILE A 558 28.99 -9.95 9.69
C ILE A 558 29.84 -10.54 8.55
N LYS A 559 29.28 -11.54 7.82
CA LYS A 559 29.99 -12.42 6.89
C LYS A 559 30.90 -11.63 5.93
N SER A 560 30.46 -10.46 5.49
CA SER A 560 31.14 -9.80 4.39
C SER A 560 32.37 -8.97 4.83
N TYR A 561 32.68 -8.98 6.14
CA TYR A 561 33.83 -8.22 6.63
C TYR A 561 34.74 -9.16 7.43
N ASP A 562 35.94 -8.67 7.75
CA ASP A 562 36.86 -9.43 8.60
C ASP A 562 36.40 -9.33 10.06
N ARG A 563 35.37 -10.13 10.40
CA ARG A 563 34.59 -9.91 11.61
C ARG A 563 34.34 -11.27 12.24
N GLU A 564 34.74 -11.42 13.51
CA GLU A 564 34.72 -12.70 14.19
C GLU A 564 33.75 -12.62 15.36
N ALA A 565 32.92 -13.65 15.50
CA ALA A 565 31.87 -13.63 16.50
C ALA A 565 31.24 -15.02 16.61
N TYR A 566 30.64 -15.29 17.76
CA TYR A 566 30.04 -16.58 18.07
C TYR A 566 29.01 -16.99 17.03
N SER A 567 28.09 -16.07 16.66
CA SER A 567 27.08 -16.41 15.67
C SER A 567 27.32 -15.66 14.36
N THR A 568 26.96 -16.29 13.23
CA THR A 568 27.07 -15.64 11.94
C THR A 568 25.84 -14.76 11.70
N LYS A 569 24.75 -15.06 12.40
CA LYS A 569 23.43 -14.53 12.07
C LYS A 569 23.18 -13.17 12.74
N GLU A 570 23.51 -13.02 14.04
CA GLU A 570 22.94 -12.01 14.91
C GLU A 570 23.72 -10.69 14.88
N ALA A 571 23.23 -9.71 14.13
CA ALA A 571 23.81 -8.38 14.04
C ALA A 571 22.79 -7.45 13.41
N TYR A 572 22.69 -6.21 13.89
CA TYR A 572 21.56 -5.36 13.50
C TYR A 572 21.98 -3.94 13.17
N ARG A 573 21.30 -3.34 12.20
CA ARG A 573 21.60 -1.97 11.89
C ARG A 573 20.28 -1.28 11.55
N TRP A 574 19.94 -0.23 12.30
CA TRP A 574 18.78 0.63 12.02
C TRP A 574 18.89 1.19 10.61
N ARG A 575 17.87 0.93 9.77
CA ARG A 575 17.76 1.66 8.51
C ARG A 575 17.25 3.06 8.81
N GLY A 576 17.68 4.02 7.99
CA GLY A 576 17.09 5.34 8.02
C GLY A 576 18.05 6.45 8.45
N ARG A 577 19.32 6.12 8.63
CA ARG A 577 20.15 7.14 9.26
C ARG A 577 20.68 8.17 8.27
N THR A 578 20.68 9.43 8.70
CA THR A 578 21.35 10.48 7.97
C THR A 578 22.66 10.78 8.71
N VAL A 579 23.47 11.71 8.18
CA VAL A 579 24.75 12.05 8.78
C VAL A 579 24.50 12.47 10.23
N SER A 580 23.40 13.19 10.44
CA SER A 580 23.19 13.90 11.68
C SER A 580 22.26 13.14 12.63
N HIS A 581 21.47 12.17 12.11
CA HIS A 581 20.35 11.63 12.86
C HIS A 581 20.24 10.12 12.75
N CYS A 582 19.48 9.53 13.69
CA CYS A 582 18.94 8.18 13.55
C CYS A 582 17.52 8.10 14.13
N LEU A 583 16.55 8.63 13.36
CA LEU A 583 15.18 8.82 13.79
C LEU A 583 14.53 7.52 14.25
N THR A 584 14.89 6.39 13.62
CA THR A 584 14.10 5.18 13.80
C THR A 584 14.42 4.55 15.14
N SER A 585 15.61 4.81 15.69
CA SER A 585 15.98 4.22 16.99
C SER A 585 15.22 4.91 18.13
N GLY A 586 14.66 6.09 17.81
CA GLY A 586 13.93 6.88 18.79
C GLY A 586 14.85 7.88 19.49
N LEU A 587 16.16 7.63 19.47
CA LEU A 587 17.08 8.57 20.09
C LEU A 587 17.71 9.39 18.98
N ASP A 588 16.94 10.36 18.50
CA ASP A 588 17.13 11.06 17.24
C ASP A 588 18.61 11.35 16.99
N ASP A 589 19.25 12.11 17.90
CA ASP A 589 20.51 12.74 17.57
C ASP A 589 21.58 12.25 18.53
N TYR A 590 21.30 11.11 19.16
CA TYR A 590 22.36 10.51 19.95
C TYR A 590 23.48 10.18 19.00
N PRO A 591 24.75 10.45 19.37
CA PRO A 591 25.90 10.29 18.45
C PRO A 591 26.13 8.84 18.07
N ARG A 592 26.31 8.61 16.76
CA ARG A 592 26.53 7.29 16.17
C ARG A 592 27.82 7.33 15.33
N PRO A 593 28.34 6.19 14.83
CA PRO A 593 29.53 6.23 13.98
C PRO A 593 29.40 7.25 12.84
N GLN A 594 30.50 7.98 12.60
CA GLN A 594 30.61 8.95 11.52
C GLN A 594 31.75 8.51 10.60
N PRO A 595 31.54 8.43 9.26
CA PRO A 595 30.25 8.73 8.63
C PRO A 595 29.31 7.53 8.78
N PRO A 596 27.98 7.65 8.56
CA PRO A 596 27.11 6.48 8.66
C PRO A 596 27.64 5.52 7.60
N HIS A 597 27.43 4.22 7.75
CA HIS A 597 28.16 3.32 6.88
C HIS A 597 27.44 1.98 6.90
N PRO A 598 27.39 1.25 5.76
CA PRO A 598 26.63 -0.02 5.69
C PRO A 598 27.11 -1.10 6.64
N GLY A 599 28.33 -0.93 7.16
CA GLY A 599 28.83 -1.93 8.10
C GLY A 599 28.57 -1.61 9.58
N GLU A 600 27.88 -0.48 9.88
CA GLU A 600 27.49 -0.11 11.23
C GLU A 600 26.74 -1.26 11.90
N LEU A 601 26.96 -1.43 13.21
CA LEU A 601 26.04 -2.24 14.00
C LEU A 601 25.61 -1.45 15.21
N HIS A 602 24.36 -1.66 15.65
CA HIS A 602 23.77 -0.81 16.67
C HIS A 602 23.38 -1.71 17.83
N VAL A 603 23.94 -1.43 19.01
CA VAL A 603 23.78 -2.33 20.13
C VAL A 603 22.39 -2.14 20.73
N ASP A 604 21.85 -0.92 20.59
CA ASP A 604 20.46 -0.73 20.99
C ASP A 604 19.55 -1.69 20.24
N LEU A 605 19.62 -1.69 18.89
CA LEU A 605 18.71 -2.48 18.07
C LEU A 605 18.85 -3.96 18.42
N MET A 606 20.11 -4.44 18.59
CA MET A 606 20.33 -5.84 18.96
C MET A 606 19.69 -6.19 20.30
N SER A 607 19.80 -5.26 21.28
CA SER A 607 19.12 -5.44 22.56
C SER A 607 17.60 -5.50 22.41
N TRP A 608 17.03 -4.68 21.53
CA TRP A 608 15.58 -4.73 21.37
C TRP A 608 15.14 -6.10 20.83
N VAL A 609 15.98 -6.69 19.96
CA VAL A 609 15.77 -8.05 19.51
C VAL A 609 15.82 -9.05 20.67
N GLY A 610 16.74 -8.85 21.61
CA GLY A 610 16.76 -9.68 22.80
C GLY A 610 15.43 -9.61 23.56
N VAL A 611 14.94 -8.38 23.78
CA VAL A 611 13.65 -8.18 24.43
C VAL A 611 12.59 -9.02 23.74
N MET A 612 12.54 -8.95 22.40
CA MET A 612 11.49 -9.59 21.63
C MET A 612 11.57 -11.11 21.74
N VAL A 613 12.78 -11.70 21.61
CA VAL A 613 12.88 -13.16 21.72
C VAL A 613 12.40 -13.61 23.10
N LYS A 614 12.78 -12.88 24.14
CA LYS A 614 12.43 -13.32 25.48
C LYS A 614 10.93 -13.41 25.59
N SER A 615 10.22 -12.52 24.89
CA SER A 615 8.76 -12.44 24.97
C SER A 615 8.17 -13.61 24.23
N LEU A 616 8.75 -13.88 23.06
CA LEU A 616 8.26 -14.92 22.19
C LEU A 616 8.49 -16.28 22.85
N ILE A 617 9.54 -16.41 23.68
CA ILE A 617 9.77 -17.62 24.45
C ILE A 617 8.63 -17.84 25.43
N SER A 618 8.27 -16.85 26.25
CA SER A 618 7.21 -17.01 27.23
C SER A 618 5.87 -17.27 26.56
N ILE A 619 5.60 -16.56 25.47
CA ILE A 619 4.26 -16.63 24.90
C ILE A 619 4.15 -17.95 24.14
N GLY A 620 5.16 -18.24 23.31
CA GLY A 620 5.38 -19.54 22.71
C GLY A 620 5.13 -20.71 23.67
N SER A 621 5.85 -20.73 24.80
CA SER A 621 5.64 -21.76 25.80
C SER A 621 4.16 -21.92 26.07
N LEU A 622 3.51 -20.83 26.52
CA LEU A 622 2.11 -20.83 26.95
C LEU A 622 1.20 -21.47 25.89
N LEU A 623 1.59 -21.39 24.62
CA LEU A 623 0.75 -21.91 23.55
C LEU A 623 1.28 -23.28 23.09
N GLY A 624 2.26 -23.81 23.85
CA GLY A 624 3.01 -25.01 23.49
C GLY A 624 3.49 -25.03 22.04
N ALA A 625 4.07 -23.92 21.57
CA ALA A 625 4.63 -23.88 20.23
C ALA A 625 6.09 -24.28 20.28
N THR A 626 6.34 -25.53 20.69
CA THR A 626 7.65 -26.01 21.11
C THR A 626 8.68 -25.94 19.98
N GLU A 627 8.21 -26.17 18.74
CA GLU A 627 9.03 -25.97 17.55
C GLU A 627 9.63 -24.55 17.54
N ASP A 628 8.82 -23.55 17.88
CA ASP A 628 9.21 -22.15 17.82
C ASP A 628 10.07 -21.78 19.03
N VAL A 629 9.65 -22.20 20.21
CA VAL A 629 10.40 -21.99 21.45
C VAL A 629 11.87 -22.41 21.30
N GLU A 630 12.12 -23.54 20.63
CA GLU A 630 13.48 -24.03 20.49
C GLU A 630 14.31 -23.10 19.59
N PHE A 631 13.73 -22.63 18.48
CA PHE A 631 14.42 -21.68 17.62
C PHE A 631 14.80 -20.41 18.39
N TYR A 632 13.84 -19.85 19.14
CA TYR A 632 14.05 -18.59 19.84
C TYR A 632 15.19 -18.73 20.86
N THR A 633 15.24 -19.90 21.50
CA THR A 633 16.22 -20.21 22.53
C THR A 633 17.63 -20.07 21.96
N LYS A 634 17.81 -20.49 20.71
CA LYS A 634 19.13 -20.42 20.10
C LYS A 634 19.42 -18.99 19.64
N VAL A 635 18.38 -18.27 19.21
CA VAL A 635 18.55 -16.86 18.86
C VAL A 635 19.02 -16.10 20.11
N LEU A 636 18.35 -16.35 21.23
CA LEU A 636 18.69 -15.66 22.47
C LEU A 636 20.17 -15.92 22.82
N ASP A 637 20.51 -17.18 23.04
CA ASP A 637 21.88 -17.64 23.24
C ASP A 637 22.87 -16.90 22.33
N ALA A 638 22.59 -16.83 21.02
CA ALA A 638 23.52 -16.18 20.12
C ALA A 638 23.59 -14.65 20.36
N ILE A 639 22.44 -14.00 20.59
CA ILE A 639 22.45 -12.56 20.84
C ILE A 639 23.27 -12.30 22.10
N GLU A 640 23.09 -13.16 23.12
CA GLU A 640 23.87 -13.06 24.36
C GLU A 640 25.36 -13.10 24.07
N HIS A 641 25.80 -14.02 23.19
CA HIS A 641 27.24 -14.09 22.90
C HIS A 641 27.67 -12.90 22.07
N ASN A 642 26.85 -12.56 21.05
CA ASN A 642 27.27 -11.61 20.04
C ASN A 642 27.22 -10.17 20.58
N LEU A 643 26.40 -9.92 21.61
CA LEU A 643 26.46 -8.63 22.29
C LEU A 643 27.87 -8.46 22.85
N ASP A 644 28.41 -9.57 23.42
CA ASP A 644 29.75 -9.53 23.95
C ASP A 644 30.78 -9.38 22.81
N ASP A 645 30.77 -10.28 21.81
CA ASP A 645 31.86 -10.30 20.85
C ASP A 645 31.83 -9.07 19.95
N LEU A 646 30.64 -8.58 19.59
CA LEU A 646 30.61 -7.45 18.67
C LEU A 646 30.54 -6.09 19.36
N HIS A 647 30.02 -6.02 20.58
CA HIS A 647 29.67 -4.70 21.11
C HIS A 647 30.39 -4.31 22.40
N TRP A 648 31.08 -5.23 23.08
CA TRP A 648 31.70 -4.91 24.38
C TRP A 648 33.11 -4.35 24.25
N SER A 649 33.33 -3.18 24.85
CA SER A 649 34.65 -2.55 24.92
C SER A 649 35.24 -2.79 26.30
N GLU A 650 36.31 -3.60 26.33
CA GLU A 650 37.13 -3.76 27.52
C GLU A 650 37.80 -2.45 27.90
N LYS A 651 38.36 -1.74 26.91
CA LYS A 651 39.11 -0.52 27.12
C LYS A 651 38.23 0.53 27.79
N GLU A 652 36.89 0.46 27.59
CA GLU A 652 36.00 1.52 28.04
C GLU A 652 35.07 1.06 29.17
N GLY A 653 34.85 -0.25 29.26
CA GLY A 653 33.94 -0.78 30.27
C GLY A 653 32.48 -0.47 29.96
N CYS A 654 32.06 -0.55 28.69
CA CYS A 654 30.65 -0.41 28.36
C CYS A 654 30.38 -0.95 26.96
N TYR A 655 29.09 -1.03 26.58
CA TYR A 655 28.71 -1.41 25.23
C TYR A 655 28.84 -0.21 24.28
N CYS A 656 29.12 -0.51 23.01
CA CYS A 656 29.29 0.47 21.95
C CYS A 656 28.70 -0.02 20.64
N ASP A 657 28.16 0.91 19.85
CA ASP A 657 27.90 0.66 18.44
C ASP A 657 29.24 0.37 17.75
N ALA A 658 29.22 -0.12 16.51
CA ALA A 658 30.40 -0.55 15.78
C ALA A 658 30.30 -0.06 14.34
N THR A 659 31.45 0.07 13.66
CA THR A 659 31.44 0.33 12.23
C THR A 659 32.51 -0.52 11.55
N ILE A 660 32.95 0.02 10.40
CA ILE A 660 34.04 -0.47 9.61
C ILE A 660 34.88 0.75 9.23
N ASP A 661 36.18 0.64 9.56
CA ASP A 661 37.31 1.53 9.31
C ASP A 661 37.45 1.93 7.85
N GLU A 662 38.38 2.88 7.61
CA GLU A 662 39.03 3.12 6.33
C GLU A 662 39.65 1.84 5.77
N PHE A 663 40.21 1.01 6.67
CA PHE A 663 41.00 -0.16 6.29
C PHE A 663 40.17 -1.42 6.48
N GLU A 664 38.84 -1.23 6.44
CA GLU A 664 37.86 -2.31 6.39
C GLU A 664 37.84 -3.14 7.68
N GLU A 665 38.42 -2.64 8.78
CA GLU A 665 38.36 -3.45 10.00
C GLU A 665 37.20 -2.95 10.88
N HIS A 666 36.65 -3.87 11.65
CA HIS A 666 35.70 -3.57 12.71
C HIS A 666 36.31 -2.62 13.76
N LYS A 667 35.53 -1.63 14.18
CA LYS A 667 35.92 -0.60 15.13
C LYS A 667 34.71 -0.37 16.02
N LEU A 668 34.90 -0.41 17.35
CA LEU A 668 33.90 0.08 18.29
C LEU A 668 33.96 1.60 18.30
N VAL A 669 32.81 2.26 18.39
CA VAL A 669 32.78 3.71 18.53
C VAL A 669 32.03 4.04 19.83
N CYS A 670 32.75 4.45 20.88
CA CYS A 670 32.11 4.56 22.19
C CYS A 670 31.77 6.00 22.53
N HIS A 671 30.49 6.18 22.88
CA HIS A 671 30.00 7.45 23.36
C HIS A 671 29.13 7.13 24.55
N LYS A 672 29.60 7.52 25.74
CA LYS A 672 29.02 6.93 26.93
C LYS A 672 27.72 7.68 27.22
N GLY A 673 26.66 6.90 27.37
CA GLY A 673 25.35 7.50 27.53
C GLY A 673 24.36 6.35 27.50
N TYR A 674 23.07 6.67 27.28
CA TYR A 674 22.03 5.67 27.31
C TYR A 674 22.40 4.45 26.47
N ILE A 675 22.87 4.68 25.24
CA ILE A 675 23.15 3.58 24.34
C ILE A 675 24.07 2.56 25.02
N SER A 676 25.05 3.04 25.82
CA SER A 676 26.09 2.21 26.43
C SER A 676 25.53 1.17 27.37
N LEU A 677 24.36 1.49 27.96
CA LEU A 677 23.79 0.67 29.01
C LEU A 677 22.73 -0.27 28.44
N PHE A 678 22.53 -0.23 27.11
CA PHE A 678 21.31 -0.83 26.59
C PHE A 678 21.15 -2.29 27.02
N PRO A 679 22.15 -3.18 26.92
CA PRO A 679 21.91 -4.59 27.27
C PRO A 679 21.36 -4.72 28.69
N PHE A 680 21.76 -3.76 29.54
CA PHE A 680 21.30 -3.70 30.91
C PHE A 680 19.86 -3.17 31.01
N LEU A 681 19.55 -2.02 30.37
CA LEU A 681 18.22 -1.41 30.42
C LEU A 681 17.13 -2.36 29.94
N THR A 682 17.51 -3.26 29.02
CA THR A 682 16.54 -4.14 28.36
C THR A 682 16.48 -5.51 29.01
N GLY A 683 17.30 -5.77 30.03
CA GLY A 683 17.09 -6.90 30.94
C GLY A 683 17.75 -8.21 30.49
N LEU A 684 18.92 -8.11 29.84
CA LEU A 684 19.59 -9.21 29.17
C LEU A 684 20.81 -9.69 29.97
N LEU A 685 21.24 -8.90 30.96
CA LEU A 685 22.46 -9.20 31.70
C LEU A 685 22.11 -10.07 32.90
N LYS A 686 22.97 -11.07 33.20
CA LYS A 686 22.80 -11.88 34.39
C LYS A 686 23.15 -11.03 35.62
N PRO A 687 22.49 -11.27 36.78
CA PRO A 687 22.74 -10.48 38.00
C PRO A 687 24.16 -10.49 38.57
N ASP A 688 25.05 -11.31 37.99
CA ASP A 688 26.39 -11.48 38.53
C ASP A 688 27.41 -11.07 37.47
N SER A 689 26.90 -10.65 36.31
CA SER A 689 27.80 -10.31 35.22
C SER A 689 28.80 -9.28 35.72
N PRO A 690 30.11 -9.46 35.49
CA PRO A 690 31.09 -8.40 35.73
C PRO A 690 30.83 -7.20 34.83
N LYS A 691 30.28 -7.46 33.65
CA LYS A 691 29.93 -6.36 32.76
C LYS A 691 28.89 -5.48 33.45
N LEU A 692 27.90 -6.13 34.07
CA LEU A 692 26.87 -5.43 34.82
C LEU A 692 27.51 -4.54 35.89
N GLY A 693 28.52 -5.09 36.59
CA GLY A 693 29.20 -4.35 37.63
C GLY A 693 29.80 -3.07 37.06
N LYS A 694 30.37 -3.18 35.86
CA LYS A 694 31.05 -2.04 35.24
C LYS A 694 30.03 -0.98 34.80
N LEU A 695 28.84 -1.42 34.33
CA LEU A 695 27.78 -0.52 33.94
C LEU A 695 27.23 0.21 35.18
N LEU A 696 27.14 -0.51 36.31
CA LEU A 696 26.69 0.11 37.54
C LEU A 696 27.65 1.23 37.96
N ALA A 697 28.96 1.02 37.70
CA ALA A 697 29.95 2.05 37.97
C ALA A 697 29.67 3.30 37.12
N LEU A 698 29.33 3.08 35.83
CA LEU A 698 29.21 4.19 34.91
C LEU A 698 27.88 4.91 35.15
N ILE A 699 26.84 4.15 35.50
CA ILE A 699 25.55 4.72 35.86
C ILE A 699 25.69 5.63 37.08
N GLY A 700 26.47 5.16 38.10
CA GLY A 700 26.66 5.86 39.37
C GLY A 700 27.60 7.08 39.34
N ASP A 701 28.39 7.24 38.27
CA ASP A 701 29.49 8.20 38.22
C ASP A 701 29.02 9.60 37.87
N GLU A 702 29.15 10.52 38.84
CA GLU A 702 28.64 11.86 38.70
C GLU A 702 29.30 12.62 37.54
N SER A 703 30.56 12.29 37.26
CA SER A 703 31.31 12.99 36.22
C SER A 703 30.95 12.43 34.85
N GLU A 704 30.11 11.37 34.83
CA GLU A 704 29.65 10.77 33.58
C GLU A 704 28.14 11.01 33.41
N LEU A 705 27.32 10.04 33.86
CA LEU A 705 25.90 10.04 33.55
C LEU A 705 25.05 10.59 34.69
N TRP A 706 25.54 10.49 35.95
CA TRP A 706 24.69 10.69 37.14
C TRP A 706 24.59 12.17 37.48
N SER A 707 23.40 12.74 37.36
CA SER A 707 23.24 14.14 37.75
C SER A 707 22.26 14.16 38.90
N PRO A 708 22.15 15.28 39.63
CA PRO A 708 21.21 15.37 40.74
C PRO A 708 19.76 15.12 40.30
N TYR A 709 19.51 15.16 38.98
CA TYR A 709 18.16 15.26 38.46
C TYR A 709 17.78 13.97 37.74
N GLY A 710 18.73 13.04 37.65
CA GLY A 710 18.53 11.82 36.89
C GLY A 710 19.74 11.55 35.98
N LEU A 711 19.68 10.41 35.27
CA LEU A 711 20.77 10.07 34.36
C LEU A 711 20.70 10.95 33.12
N ARG A 712 21.86 11.51 32.71
CA ARG A 712 22.08 12.23 31.46
C ARG A 712 22.03 11.26 30.27
N SER A 713 21.40 11.70 29.18
CA SER A 713 21.36 10.89 27.96
C SER A 713 22.79 10.60 27.46
N LEU A 714 23.68 11.61 27.58
CA LEU A 714 25.07 11.47 27.18
C LEU A 714 26.00 11.98 28.29
N SER A 715 27.19 11.39 28.43
CA SER A 715 28.18 11.70 29.46
C SER A 715 28.82 13.07 29.23
N LYS A 716 29.14 13.76 30.35
CA LYS A 716 29.73 15.09 30.32
C LYS A 716 31.14 14.99 29.73
N LYS A 717 31.67 13.77 29.63
CA LYS A 717 33.00 13.58 29.08
C LYS A 717 32.96 13.44 27.56
N ASP A 718 31.86 12.97 26.99
CA ASP A 718 31.82 12.75 25.54
C ASP A 718 32.05 14.06 24.79
N GLU A 719 32.75 13.96 23.66
CA GLU A 719 33.06 15.15 22.88
C GLU A 719 31.79 15.76 22.29
N PHE A 720 30.67 15.03 22.29
CA PHE A 720 29.46 15.58 21.68
C PHE A 720 28.45 16.07 22.72
N TYR A 721 28.83 16.04 24.00
CA TYR A 721 28.01 16.59 25.06
C TYR A 721 27.55 18.02 24.74
N GLY A 722 26.24 18.26 24.85
CA GLY A 722 25.63 19.57 24.66
C GLY A 722 25.97 20.21 23.31
N THR A 723 26.04 19.41 22.24
CA THR A 723 26.30 19.94 20.91
C THR A 723 25.04 19.80 20.04
N ALA A 724 24.99 20.56 18.94
CA ALA A 724 23.97 20.44 17.90
C ALA A 724 22.61 20.84 18.47
N GLU A 725 21.60 19.99 18.32
CA GLU A 725 20.27 20.37 18.76
C GLU A 725 20.10 19.92 20.21
N ASN A 726 21.04 19.08 20.65
CA ASN A 726 21.21 18.70 22.05
C ASN A 726 19.91 18.07 22.56
N TYR A 727 19.42 17.09 21.82
CA TYR A 727 18.17 16.46 22.18
C TYR A 727 18.46 15.27 23.11
N TRP A 728 19.34 14.39 22.63
CA TRP A 728 19.74 13.17 23.32
C TRP A 728 21.23 13.27 23.62
N ARG A 729 21.73 14.51 23.73
CA ARG A 729 23.15 14.65 24.01
C ARG A 729 23.41 15.30 25.37
N SER A 730 22.47 15.21 26.32
CA SER A 730 22.75 15.56 27.71
C SER A 730 21.47 15.54 28.54
N PRO A 731 20.31 15.92 27.98
CA PRO A 731 19.10 16.01 28.79
C PRO A 731 18.66 14.66 29.39
N VAL A 732 17.85 14.75 30.45
CA VAL A 732 17.42 13.61 31.23
C VAL A 732 16.04 13.24 30.74
N TRP A 733 15.87 11.96 30.40
CA TRP A 733 14.64 11.54 29.75
C TRP A 733 14.00 10.47 30.63
N ILE A 734 12.69 10.63 30.89
CA ILE A 734 12.05 9.87 31.95
C ILE A 734 11.85 8.41 31.51
N ASN A 735 11.75 8.14 30.20
CA ASN A 735 11.42 6.80 29.70
C ASN A 735 12.58 5.84 29.93
N ILE A 736 13.79 6.31 29.59
CA ILE A 736 15.02 5.59 29.73
C ILE A 736 15.43 5.53 31.22
N ASN A 737 15.30 6.65 31.96
CA ASN A 737 15.46 6.56 33.41
C ASN A 737 14.55 5.48 33.99
N TYR A 738 13.35 5.31 33.42
CA TYR A 738 12.38 4.38 33.97
C TYR A 738 12.89 2.96 33.78
N LEU A 739 13.41 2.66 32.59
CA LEU A 739 14.03 1.37 32.38
C LEU A 739 15.18 1.12 33.37
N ALA A 740 15.98 2.16 33.68
CA ALA A 740 17.12 2.00 34.57
C ALA A 740 16.61 1.65 35.98
N ILE A 741 15.62 2.41 36.44
CA ILE A 741 15.10 2.26 37.78
C ILE A 741 14.56 0.85 37.95
N VAL A 742 13.93 0.31 36.91
CA VAL A 742 13.25 -0.98 36.97
C VAL A 742 14.29 -2.09 37.05
N GLN A 743 15.42 -1.89 36.35
CA GLN A 743 16.48 -2.88 36.34
C GLN A 743 17.34 -2.82 37.61
N LEU A 744 17.64 -1.62 38.12
CA LEU A 744 18.32 -1.50 39.40
C LEU A 744 17.52 -2.24 40.46
N TYR A 745 16.19 -2.03 40.46
CA TYR A 745 15.35 -2.61 41.48
C TYR A 745 15.42 -4.14 41.41
N ASN A 746 15.49 -4.66 40.19
CA ASN A 746 15.48 -6.09 39.95
C ASN A 746 16.71 -6.71 40.62
N ILE A 747 17.87 -6.13 40.31
CA ILE A 747 19.14 -6.54 40.89
C ILE A 747 19.14 -6.32 42.40
N ALA A 748 18.38 -5.33 42.88
CA ALA A 748 18.42 -4.97 44.29
C ALA A 748 17.72 -6.03 45.17
N THR A 749 16.87 -6.86 44.56
CA THR A 749 15.95 -7.70 45.32
C THR A 749 16.22 -9.17 44.97
N GLN A 750 17.49 -9.47 44.67
CA GLN A 750 17.96 -10.82 44.47
C GLN A 750 19.37 -10.91 45.04
N ASP A 751 19.74 -12.10 45.55
CA ASP A 751 21.09 -12.39 46.01
C ASP A 751 22.05 -12.13 44.83
N GLY A 752 23.19 -11.48 45.13
CA GLY A 752 24.30 -11.36 44.18
C GLY A 752 25.31 -10.29 44.60
N PRO A 753 26.46 -10.19 43.90
CA PRO A 753 27.53 -9.26 44.27
C PRO A 753 27.23 -7.77 44.19
N TYR A 754 26.09 -7.40 43.56
CA TYR A 754 25.75 -6.00 43.31
C TYR A 754 24.43 -5.62 43.97
N LYS A 755 23.85 -6.56 44.73
CA LYS A 755 22.57 -6.30 45.39
C LYS A 755 22.56 -4.91 46.03
N GLU A 756 23.61 -4.57 46.79
CA GLU A 756 23.55 -3.37 47.60
C GLU A 756 24.02 -2.13 46.81
N THR A 757 24.85 -2.29 45.78
CA THR A 757 25.14 -1.12 44.94
C THR A 757 23.86 -0.73 44.20
N ALA A 758 23.17 -1.75 43.69
CA ALA A 758 21.93 -1.53 42.97
C ALA A 758 20.85 -0.93 43.91
N ARG A 759 20.83 -1.33 45.17
CA ARG A 759 19.82 -0.82 46.09
C ARG A 759 20.08 0.67 46.34
N ASP A 760 21.35 1.08 46.47
CA ASP A 760 21.64 2.47 46.76
C ASP A 760 21.21 3.34 45.57
N LEU A 761 21.62 2.92 44.36
CA LEU A 761 21.29 3.59 43.10
C LEU A 761 19.78 3.63 42.86
N TYR A 762 19.10 2.49 43.04
CA TYR A 762 17.64 2.45 42.93
C TYR A 762 17.01 3.55 43.79
N THR A 763 17.30 3.53 45.10
CA THR A 763 16.76 4.49 46.06
C THR A 763 16.92 5.92 45.54
N ARG A 764 18.14 6.29 45.16
CA ARG A 764 18.44 7.70 44.89
C ARG A 764 17.89 8.11 43.51
N LEU A 765 18.04 7.24 42.49
CA LEU A 765 17.53 7.59 41.17
C LEU A 765 16.00 7.70 41.21
N ARG A 766 15.31 6.80 41.92
CA ARG A 766 13.86 6.95 42.06
C ARG A 766 13.50 8.30 42.67
N LYS A 767 14.26 8.71 43.69
CA LYS A 767 13.97 9.97 44.34
C LYS A 767 14.22 11.13 43.38
N ASN A 768 15.39 11.11 42.68
CA ASN A 768 15.81 12.24 41.85
C ASN A 768 14.84 12.43 40.68
N ILE A 769 14.42 11.33 40.04
CA ILE A 769 13.48 11.37 38.93
C ILE A 769 12.14 11.94 39.39
N VAL A 770 11.57 11.34 40.44
CA VAL A 770 10.24 11.75 40.85
C VAL A 770 10.26 13.22 41.29
N GLU A 771 11.30 13.61 42.07
CA GLU A 771 11.38 14.97 42.57
C GLU A 771 11.58 15.96 41.43
N THR A 772 12.34 15.59 40.38
CA THR A 772 12.53 16.50 39.27
C THR A 772 11.19 16.82 38.59
N VAL A 773 10.43 15.75 38.33
CA VAL A 773 9.19 15.90 37.59
C VAL A 773 8.16 16.63 38.47
N TYR A 774 8.07 16.22 39.74
CA TYR A 774 7.15 16.87 40.67
C TYR A 774 7.46 18.37 40.81
N ARG A 775 8.73 18.71 40.99
CA ARG A 775 9.16 20.10 41.23
C ARG A 775 8.74 20.99 40.06
N ASN A 776 8.89 20.48 38.82
CA ASN A 776 8.49 21.22 37.64
C ASN A 776 6.98 21.30 37.49
N TRP A 777 6.27 20.19 37.73
CA TRP A 777 4.81 20.19 37.75
C TRP A 777 4.29 21.26 38.69
N GLU A 778 4.81 21.29 39.92
CA GLU A 778 4.43 22.29 40.91
C GLU A 778 4.69 23.70 40.38
N GLU A 779 5.84 23.94 39.73
CA GLU A 779 6.16 25.30 39.35
C GLU A 779 5.41 25.72 38.08
N THR A 780 5.09 24.80 37.16
CA THR A 780 4.65 25.18 35.81
C THR A 780 3.29 24.56 35.46
N GLY A 781 2.86 23.61 36.28
CA GLY A 781 1.71 22.79 35.95
C GLY A 781 1.90 21.80 34.80
N PHE A 782 3.13 21.58 34.29
CA PHE A 782 3.30 20.73 33.11
C PHE A 782 4.19 19.52 33.37
N ALA A 783 3.92 18.45 32.64
CA ALA A 783 4.94 17.45 32.43
C ALA A 783 5.74 17.94 31.24
N TRP A 784 7.06 17.70 31.24
CA TRP A 784 7.87 18.06 30.09
C TRP A 784 8.51 16.83 29.46
N GLU A 785 8.96 16.99 28.21
CA GLU A 785 9.56 15.97 27.36
C GLU A 785 10.89 15.53 27.98
N GLN A 786 11.65 16.50 28.50
CA GLN A 786 12.97 16.17 28.99
C GLN A 786 13.33 17.17 30.07
N TYR A 787 14.42 16.89 30.80
CA TYR A 787 14.80 17.75 31.91
C TYR A 787 16.29 18.06 31.84
N ASN A 788 16.59 19.32 32.18
CA ASN A 788 17.91 19.88 32.08
C ASN A 788 18.80 19.34 33.21
N PRO A 789 19.93 18.70 32.92
CA PRO A 789 20.72 18.09 33.98
C PRO A 789 21.48 19.06 34.88
N GLU A 790 21.68 20.31 34.43
CA GLU A 790 22.39 21.34 35.17
C GLU A 790 21.41 22.12 36.07
N THR A 791 20.17 22.37 35.58
CA THR A 791 19.30 23.27 36.31
C THR A 791 18.09 22.54 36.86
N GLY A 792 17.80 21.37 36.31
CA GLY A 792 16.61 20.66 36.72
C GLY A 792 15.36 21.10 35.98
N LYS A 793 15.44 22.16 35.13
CA LYS A 793 14.20 22.69 34.55
C LYS A 793 13.67 21.75 33.47
N GLY A 794 12.34 21.67 33.36
CA GLY A 794 11.71 20.99 32.23
C GLY A 794 11.90 21.83 30.96
N GLN A 795 12.12 21.15 29.84
CA GLN A 795 12.35 21.87 28.59
C GLN A 795 11.76 21.09 27.43
N ARG A 796 11.58 21.79 26.30
CA ARG A 796 11.02 21.27 25.06
C ARG A 796 9.52 21.15 25.20
N THR A 797 8.96 20.01 24.78
CA THR A 797 7.53 19.85 24.64
C THR A 797 6.87 19.80 26.02
N GLN A 798 5.83 20.65 26.21
CA GLN A 798 4.95 20.65 27.36
C GLN A 798 3.76 19.70 27.18
N HIS A 799 3.03 19.47 28.28
CA HIS A 799 1.88 18.58 28.28
C HIS A 799 2.33 17.21 27.80
N PHE A 800 3.47 16.75 28.30
CA PHE A 800 4.06 15.58 27.69
C PHE A 800 3.64 14.34 28.46
N THR A 801 2.37 13.93 28.28
CA THR A 801 1.87 12.78 29.01
C THR A 801 1.30 11.76 28.01
N GLY A 802 2.13 11.03 27.26
CA GLY A 802 3.57 11.16 27.32
C GLY A 802 4.17 10.25 28.38
N TRP A 803 5.37 9.74 28.09
CA TRP A 803 6.01 8.75 28.93
C TRP A 803 6.54 9.39 30.21
N THR A 804 6.52 10.73 30.29
CA THR A 804 6.90 11.35 31.53
C THR A 804 6.00 10.85 32.67
N SER A 805 4.76 10.48 32.35
CA SER A 805 3.78 10.00 33.33
C SER A 805 4.20 8.68 33.97
N LEU A 806 5.21 7.98 33.42
CA LEU A 806 5.76 6.78 34.07
C LEU A 806 6.10 7.03 35.54
N VAL A 807 6.24 8.31 35.90
CA VAL A 807 6.58 8.70 37.25
CA VAL A 807 6.57 8.73 37.25
C VAL A 807 5.54 8.19 38.25
N VAL A 808 4.29 7.94 37.80
CA VAL A 808 3.32 7.40 38.74
C VAL A 808 3.70 5.97 39.10
N LYS A 809 4.17 5.17 38.13
CA LYS A 809 4.63 3.82 38.39
C LYS A 809 5.89 3.80 39.25
N ILE A 810 6.85 4.69 38.96
CA ILE A 810 8.05 4.79 39.77
C ILE A 810 7.69 5.07 41.24
N MET A 811 6.76 5.99 41.52
CA MET A 811 6.39 6.30 42.89
C MET A 811 5.81 5.07 43.58
N SER A 812 5.02 4.28 42.86
CA SER A 812 4.24 3.23 43.50
C SER A 812 5.02 1.92 43.65
N GLY A 813 6.17 1.82 42.98
CA GLY A 813 7.23 0.85 43.28
C GLY A 813 6.87 -0.60 43.00
N HIS A 814 7.42 -1.50 43.83
CA HIS A 814 7.03 -2.91 43.89
C HIS A 814 6.99 -3.54 42.50
N HIS A 815 8.12 -3.46 41.76
CA HIS A 815 8.20 -4.04 40.42
C HIS A 815 8.30 -5.59 40.46
N GLU B 35 22.82 -1.30 -42.45
CA GLU B 35 23.35 -1.35 -43.86
C GLU B 35 22.31 -0.84 -44.87
N SER B 36 21.29 -1.64 -45.21
CA SER B 36 20.66 -1.44 -46.52
C SER B 36 19.57 -0.37 -46.50
N ILE B 37 19.53 0.44 -47.57
CA ILE B 37 18.50 1.43 -47.83
C ILE B 37 17.12 0.80 -47.75
N LEU B 38 16.95 -0.38 -48.32
CA LEU B 38 15.63 -0.95 -48.41
C LEU B 38 15.18 -1.36 -47.01
N HIS B 39 16.09 -2.00 -46.28
CA HIS B 39 15.80 -2.39 -44.91
C HIS B 39 15.49 -1.18 -44.05
N SER B 40 16.33 -0.15 -44.11
CA SER B 40 16.03 1.05 -43.32
C SER B 40 14.66 1.56 -43.71
N GLU B 41 14.34 1.58 -45.01
CA GLU B 41 13.13 2.27 -45.43
C GLU B 41 11.90 1.48 -44.94
N ILE B 42 11.94 0.14 -45.03
CA ILE B 42 10.82 -0.64 -44.53
C ILE B 42 10.66 -0.40 -43.04
N GLY B 43 11.79 -0.30 -42.34
CA GLY B 43 11.80 0.02 -40.92
C GLY B 43 11.07 1.34 -40.63
N ARG B 44 11.42 2.42 -41.37
CA ARG B 44 10.79 3.70 -41.05
C ARG B 44 9.29 3.57 -41.30
N LEU B 45 8.91 2.76 -42.30
CA LEU B 45 7.51 2.68 -42.66
C LEU B 45 6.75 1.86 -41.63
N ASN B 46 7.39 0.80 -41.17
CA ASN B 46 6.75 0.01 -40.13
C ASN B 46 6.55 0.86 -38.88
N ASN B 47 7.59 1.59 -38.55
CA ASN B 47 7.70 2.44 -37.38
C ASN B 47 6.58 3.50 -37.39
N GLN B 48 6.34 4.15 -38.54
CA GLN B 48 5.28 5.13 -38.71
C GLN B 48 3.89 4.49 -38.71
N SER B 49 3.80 3.29 -39.30
CA SER B 49 2.55 2.54 -39.29
C SER B 49 2.12 2.21 -37.86
N LEU B 50 3.07 1.82 -37.00
CA LEU B 50 2.70 1.24 -35.71
C LEU B 50 2.85 2.25 -34.57
N LEU B 51 3.23 3.51 -34.85
CA LEU B 51 3.50 4.51 -33.81
C LEU B 51 2.43 4.60 -32.73
N TRP B 52 1.19 4.88 -33.15
CA TRP B 52 0.09 5.12 -32.23
C TRP B 52 -0.67 3.83 -31.97
N GLY B 53 -1.17 3.67 -30.73
CA GLY B 53 -2.20 2.68 -30.54
C GLY B 53 -2.78 2.79 -29.15
N PRO B 54 -3.71 1.91 -28.77
CA PRO B 54 -4.15 1.84 -27.38
C PRO B 54 -3.14 0.98 -26.61
N TYR B 55 -1.88 1.42 -26.60
CA TYR B 55 -0.77 0.63 -26.11
C TYR B 55 -0.62 0.69 -24.58
N ARG B 56 -1.75 0.73 -23.85
CA ARG B 56 -1.70 0.75 -22.40
C ARG B 56 -2.71 -0.28 -21.94
N PRO B 57 -2.39 -1.58 -22.06
CA PRO B 57 -3.37 -2.62 -21.79
C PRO B 57 -3.79 -2.81 -20.34
N ASN B 58 -3.02 -2.23 -19.40
CA ASN B 58 -3.30 -2.21 -17.96
C ASN B 58 -4.54 -1.38 -17.64
N ILE B 59 -4.97 -0.48 -18.54
CA ILE B 59 -6.21 0.27 -18.26
C ILE B 59 -7.28 -0.09 -19.27
N TYR B 60 -8.55 0.08 -18.88
CA TYR B 60 -9.72 -0.02 -19.75
C TYR B 60 -9.51 0.66 -21.10
N PHE B 61 -9.01 1.90 -21.12
CA PHE B 61 -8.91 2.60 -22.38
C PHE B 61 -8.02 3.83 -22.24
N GLY B 62 -7.00 3.90 -23.11
CA GLY B 62 -6.13 5.05 -23.26
C GLY B 62 -5.08 4.75 -24.32
N THR B 63 -4.33 5.78 -24.73
CA THR B 63 -3.45 5.62 -25.86
C THR B 63 -2.09 6.14 -25.45
N ARG B 64 -1.05 5.66 -26.13
CA ARG B 64 0.20 6.38 -26.16
C ARG B 64 0.92 5.95 -27.42
N PRO B 65 1.89 6.74 -27.92
CA PRO B 65 2.73 6.34 -29.04
C PRO B 65 3.90 5.52 -28.53
N ARG B 66 4.60 4.82 -29.44
CA ARG B 66 5.76 4.02 -29.10
C ARG B 66 6.96 4.94 -28.85
N ILE B 67 6.81 5.91 -27.91
CA ILE B 67 7.86 6.83 -27.53
C ILE B 67 7.90 6.91 -26.01
N GLY B 68 9.10 6.81 -25.43
CA GLY B 68 9.23 6.77 -23.97
C GLY B 68 8.55 7.96 -23.26
N LYS B 69 8.87 9.19 -23.68
CA LYS B 69 8.39 10.38 -22.99
C LYS B 69 7.55 11.17 -23.99
N SER B 70 6.24 11.06 -23.88
CA SER B 70 5.44 11.74 -24.88
C SER B 70 4.02 11.86 -24.30
N LEU B 71 3.04 11.96 -25.20
CA LEU B 71 1.66 12.25 -24.83
C LEU B 71 0.95 10.95 -24.49
N MET B 72 0.26 10.85 -23.33
CA MET B 72 -0.53 9.67 -23.04
C MET B 72 -1.94 10.06 -22.63
N THR B 73 -2.89 9.16 -22.88
CA THR B 73 -4.25 9.47 -22.53
C THR B 73 -4.82 8.32 -21.72
N GLY B 74 -5.92 8.57 -20.99
CA GLY B 74 -6.67 7.51 -20.35
C GLY B 74 -8.07 7.98 -19.94
N LEU B 75 -9.00 7.02 -19.84
CA LEU B 75 -10.42 7.25 -19.63
C LEU B 75 -10.84 6.75 -18.25
N MET B 76 -11.65 7.54 -17.55
CA MET B 76 -12.23 7.03 -16.32
C MET B 76 -13.72 7.37 -16.30
N TRP B 77 -14.49 6.57 -15.55
CA TRP B 77 -15.94 6.75 -15.41
C TRP B 77 -16.39 6.14 -14.10
N GLY B 78 -17.50 6.65 -13.57
CA GLY B 78 -18.19 5.95 -12.50
C GLY B 78 -19.50 6.65 -12.23
N LYS B 79 -20.47 5.91 -11.70
CA LYS B 79 -21.72 6.53 -11.27
C LYS B 79 -21.47 7.41 -10.03
N ILE B 80 -22.31 8.44 -9.83
CA ILE B 80 -22.22 9.18 -8.58
C ILE B 80 -23.59 9.36 -7.93
N GLU B 81 -23.78 8.80 -6.72
CA GLU B 81 -25.06 8.87 -6.04
C GLU B 81 -24.98 9.61 -4.69
N SER B 82 -23.81 9.69 -4.05
CA SER B 82 -23.64 10.23 -2.71
C SER B 82 -22.35 11.05 -2.65
N TYR B 83 -22.03 11.62 -1.48
CA TYR B 83 -20.82 12.44 -1.38
C TYR B 83 -19.55 11.59 -1.24
N THR B 84 -19.71 10.27 -1.08
CA THR B 84 -18.57 9.41 -0.74
C THR B 84 -18.43 8.18 -1.65
N ASP B 85 -19.35 7.96 -2.62
CA ASP B 85 -19.35 6.72 -3.40
C ASP B 85 -18.42 6.77 -4.63
N PHE B 86 -18.21 7.94 -5.24
CA PHE B 86 -17.48 8.00 -6.49
C PHE B 86 -16.10 7.32 -6.37
N GLN B 87 -15.41 7.49 -5.24
CA GLN B 87 -14.13 6.87 -4.98
C GLN B 87 -14.23 5.33 -5.10
N HIS B 88 -15.40 4.74 -4.83
CA HIS B 88 -15.53 3.28 -4.91
C HIS B 88 -16.02 2.81 -6.28
N THR B 89 -16.70 3.68 -7.04
CA THR B 89 -17.30 3.31 -8.32
C THR B 89 -16.35 3.54 -9.51
N VAL B 90 -15.38 4.46 -9.39
CA VAL B 90 -14.66 4.95 -10.56
C VAL B 90 -13.81 3.83 -11.16
N ARG B 91 -13.76 3.73 -12.49
CA ARG B 91 -12.94 2.73 -13.17
C ARG B 91 -11.79 3.41 -13.89
N TYR B 92 -10.62 2.74 -13.89
CA TYR B 92 -9.41 3.20 -14.57
C TYR B 92 -8.52 2.02 -14.95
N THR B 93 -7.87 1.39 -13.98
CA THR B 93 -7.03 0.23 -14.27
C THR B 93 -7.89 -1.04 -14.34
N CYS B 94 -7.56 -1.92 -15.30
CA CYS B 94 -8.31 -3.16 -15.54
C CYS B 94 -8.33 -4.03 -14.28
N GLU B 95 -9.52 -4.54 -13.89
CA GLU B 95 -9.67 -5.52 -12.80
C GLU B 95 -10.60 -6.66 -13.25
N GLN B 96 -10.78 -7.70 -12.44
CA GLN B 96 -11.88 -8.61 -12.75
C GLN B 96 -12.43 -9.22 -11.46
N ASN B 97 -13.74 -9.07 -11.24
CA ASN B 97 -14.43 -9.27 -9.97
C ASN B 97 -15.93 -9.28 -10.22
N GLU B 98 -16.75 -9.53 -9.17
CA GLU B 98 -18.20 -9.61 -9.23
C GLU B 98 -18.80 -8.35 -9.87
N GLY B 99 -18.17 -7.17 -9.68
CA GLY B 99 -18.76 -5.94 -10.19
C GLY B 99 -18.53 -5.70 -11.68
N MET B 100 -17.73 -6.56 -12.33
CA MET B 100 -17.55 -6.45 -13.78
C MET B 100 -17.95 -7.75 -14.45
N LYS B 101 -18.74 -7.67 -15.53
CA LYS B 101 -19.22 -8.88 -16.21
C LYS B 101 -18.13 -9.43 -17.12
N GLY B 102 -17.61 -8.57 -18.00
CA GLY B 102 -16.45 -8.82 -18.83
C GLY B 102 -16.10 -7.56 -19.64
N TYR B 103 -15.09 -7.71 -20.51
CA TYR B 103 -14.65 -6.65 -21.40
C TYR B 103 -13.57 -7.23 -22.27
N GLY B 104 -13.33 -6.56 -23.40
CA GLY B 104 -12.21 -6.81 -24.28
C GLY B 104 -12.53 -6.34 -25.69
N TRP B 105 -11.64 -6.66 -26.63
CA TRP B 105 -11.78 -6.19 -27.99
C TRP B 105 -12.60 -7.19 -28.80
N ASP B 106 -13.56 -6.69 -29.59
CA ASP B 106 -14.44 -7.52 -30.41
C ASP B 106 -13.76 -7.87 -31.71
N GLU B 107 -13.00 -6.88 -32.20
CA GLU B 107 -12.17 -6.95 -33.37
C GLU B 107 -11.05 -5.93 -33.16
N TYR B 108 -9.83 -6.21 -33.64
CA TYR B 108 -8.79 -5.21 -33.50
C TYR B 108 -7.61 -5.54 -34.42
N ASP B 109 -6.99 -4.50 -34.93
CA ASP B 109 -5.78 -4.63 -35.70
C ASP B 109 -4.93 -3.41 -35.39
N PRO B 110 -3.67 -3.59 -34.97
CA PRO B 110 -2.84 -2.47 -34.52
C PRO B 110 -2.50 -1.44 -35.59
N ARG B 111 -2.60 -1.80 -36.88
CA ARG B 111 -2.40 -0.79 -37.93
C ARG B 111 -3.68 0.03 -38.17
N ARG B 112 -4.84 -0.49 -37.79
CA ARG B 112 -6.08 0.13 -38.24
C ARG B 112 -6.94 0.61 -37.08
N GLY B 113 -6.89 -0.10 -35.94
CA GLY B 113 -7.78 0.15 -34.81
C GLY B 113 -8.72 -1.02 -34.55
N GLY B 114 -9.84 -0.73 -33.87
CA GLY B 114 -10.78 -1.74 -33.47
C GLY B 114 -11.79 -1.16 -32.49
N ILE B 115 -12.48 -2.07 -31.80
CA ILE B 115 -13.64 -1.75 -30.99
C ILE B 115 -13.57 -2.65 -29.77
N GLN B 116 -13.72 -2.03 -28.59
CA GLN B 116 -13.75 -2.73 -27.33
C GLN B 116 -15.12 -2.52 -26.69
N SER B 117 -15.62 -3.59 -26.08
CA SER B 117 -16.84 -3.55 -25.30
C SER B 117 -16.50 -3.78 -23.83
N ILE B 118 -17.13 -3.02 -22.92
CA ILE B 118 -16.92 -3.19 -21.48
C ILE B 118 -18.28 -3.34 -20.82
N HIS B 119 -18.49 -4.42 -20.07
CA HIS B 119 -19.74 -4.71 -19.40
C HIS B 119 -19.58 -4.53 -17.89
N ASP B 120 -19.97 -3.34 -17.42
CA ASP B 120 -19.73 -2.91 -16.06
C ASP B 120 -21.01 -3.10 -15.24
N ILE B 121 -21.05 -4.11 -14.36
CA ILE B 121 -22.26 -4.34 -13.60
C ILE B 121 -22.38 -3.29 -12.48
N GLN B 122 -21.31 -3.05 -11.72
CA GLN B 122 -21.38 -2.08 -10.63
C GLN B 122 -22.01 -0.75 -11.10
N ASN B 123 -21.59 -0.23 -12.27
CA ASN B 123 -21.96 1.11 -12.70
C ASN B 123 -23.13 1.06 -13.69
N GLY B 124 -23.67 -0.16 -13.87
CA GLY B 124 -24.86 -0.38 -14.69
C GLY B 124 -24.72 0.18 -16.09
N LEU B 125 -23.53 0.07 -16.69
CA LEU B 125 -23.23 0.63 -18.01
C LEU B 125 -22.63 -0.42 -18.93
N ASP B 126 -22.93 -0.33 -20.23
CA ASP B 126 -22.22 -1.05 -21.27
C ASP B 126 -21.49 -0.03 -22.13
N ILE B 127 -20.16 -0.08 -22.11
CA ILE B 127 -19.44 0.94 -22.84
C ILE B 127 -18.76 0.33 -24.06
N THR B 128 -18.71 1.07 -25.17
CA THR B 128 -17.85 0.69 -26.27
C THR B 128 -16.88 1.82 -26.59
N THR B 129 -15.67 1.43 -26.93
CA THR B 129 -14.60 2.37 -27.25
C THR B 129 -14.12 1.91 -28.61
N SER B 130 -14.42 2.71 -29.62
CA SER B 130 -13.95 2.43 -30.97
C SER B 130 -12.72 3.31 -31.18
N PHE B 131 -11.69 2.77 -31.83
CA PHE B 131 -10.44 3.50 -31.99
C PHE B 131 -9.96 3.31 -33.42
N VAL B 132 -9.58 4.40 -34.11
CA VAL B 132 -9.18 4.24 -35.50
C VAL B 132 -7.97 5.12 -35.72
N LYS B 133 -7.10 4.68 -36.62
CA LYS B 133 -5.89 5.41 -37.02
C LYS B 133 -6.02 5.85 -38.48
N ILE B 134 -5.40 6.99 -38.79
CA ILE B 134 -5.57 7.64 -40.06
C ILE B 134 -4.17 8.09 -40.48
N PRO B 135 -3.53 7.40 -41.44
CA PRO B 135 -2.17 7.76 -41.85
C PRO B 135 -2.18 9.13 -42.52
N GLY B 136 -1.03 9.81 -42.51
CA GLY B 136 -0.88 11.22 -42.80
C GLY B 136 0.33 11.82 -42.09
N GLY B 137 1.14 12.57 -42.86
CA GLY B 137 2.23 13.37 -42.33
C GLY B 137 3.45 12.51 -41.98
N ALA B 138 4.39 13.14 -41.25
CA ALA B 138 5.67 12.55 -40.91
C ALA B 138 5.71 12.12 -39.45
N HIS B 139 4.58 12.12 -38.74
CA HIS B 139 4.72 11.95 -37.30
C HIS B 139 3.88 10.79 -36.80
N GLY B 140 3.46 9.87 -37.67
CA GLY B 140 2.82 8.65 -37.23
C GLY B 140 1.31 8.71 -37.39
N GLY B 141 0.87 9.85 -37.94
CA GLY B 141 -0.50 10.02 -38.39
C GLY B 141 -1.42 10.49 -37.27
N SER B 142 -2.72 10.24 -37.45
CA SER B 142 -3.77 10.76 -36.62
C SER B 142 -4.59 9.58 -36.14
N TRP B 143 -5.51 9.86 -35.20
CA TRP B 143 -6.33 8.81 -34.62
C TRP B 143 -7.56 9.48 -34.05
N ALA B 144 -8.59 8.69 -33.74
CA ALA B 144 -9.85 9.17 -33.22
C ALA B 144 -10.46 8.03 -32.43
N ALA B 145 -11.30 8.36 -31.43
CA ALA B 145 -12.03 7.35 -30.69
C ALA B 145 -13.40 7.91 -30.35
N ARG B 146 -14.35 7.01 -30.17
CA ARG B 146 -15.68 7.36 -29.75
C ARG B 146 -15.96 6.51 -28.53
N ILE B 147 -16.35 7.21 -27.45
CA ILE B 147 -16.76 6.60 -26.20
C ILE B 147 -18.29 6.66 -26.13
N LYS B 148 -18.94 5.50 -26.05
CA LYS B 148 -20.38 5.42 -26.02
C LYS B 148 -20.82 4.62 -24.79
N GLY B 149 -21.62 5.22 -23.91
CA GLY B 149 -22.18 4.51 -22.79
C GLY B 149 -23.70 4.36 -22.89
N THR B 150 -24.19 3.18 -22.47
CA THR B 150 -25.58 2.81 -22.51
C THR B 150 -25.89 2.09 -21.20
N LEU B 151 -26.88 2.60 -20.44
CA LEU B 151 -27.30 2.01 -19.19
C LEU B 151 -27.95 0.66 -19.49
N ASN B 152 -27.57 -0.36 -18.72
CA ASN B 152 -28.21 -1.68 -18.77
C ASN B 152 -29.65 -1.52 -18.28
N ASP B 153 -30.40 -2.64 -18.25
CA ASP B 153 -31.82 -2.60 -17.95
C ASP B 153 -32.09 -2.34 -16.45
N ASP B 154 -31.07 -2.50 -15.58
CA ASP B 154 -31.26 -2.48 -14.13
C ASP B 154 -30.83 -1.14 -13.57
N ALA B 155 -30.15 -0.31 -14.37
CA ALA B 155 -29.68 0.97 -13.89
C ALA B 155 -30.87 1.92 -13.76
N PRO B 156 -30.92 2.74 -12.68
CA PRO B 156 -31.88 3.85 -12.60
C PRO B 156 -31.74 4.76 -13.83
N LYS B 157 -32.85 5.08 -14.49
CA LYS B 157 -32.84 5.64 -15.83
C LYS B 157 -32.24 7.05 -15.84
N ASP B 158 -32.17 7.66 -14.66
CA ASP B 158 -31.61 9.01 -14.50
C ASP B 158 -30.25 8.95 -13.79
N GLN B 159 -29.55 7.80 -13.87
CA GLN B 159 -28.23 7.66 -13.27
C GLN B 159 -27.32 8.82 -13.69
N LYS B 160 -26.56 9.36 -12.73
CA LYS B 160 -25.55 10.34 -13.11
C LYS B 160 -24.19 9.65 -13.18
N THR B 161 -23.53 9.80 -14.33
CA THR B 161 -22.24 9.16 -14.60
C THR B 161 -21.22 10.26 -14.84
N ILE B 162 -20.13 10.23 -14.05
CA ILE B 162 -18.97 11.08 -14.32
C ILE B 162 -18.05 10.34 -15.27
N VAL B 163 -17.50 11.11 -16.22
CA VAL B 163 -16.56 10.61 -17.19
C VAL B 163 -15.41 11.59 -17.32
N VAL B 164 -14.19 11.07 -17.23
CA VAL B 164 -13.00 11.88 -17.32
C VAL B 164 -12.11 11.36 -18.44
N PHE B 165 -11.57 12.32 -19.19
CA PHE B 165 -10.52 12.01 -20.11
C PHE B 165 -9.26 12.72 -19.62
N TYR B 166 -8.22 11.94 -19.34
CA TYR B 166 -6.99 12.44 -18.75
C TYR B 166 -5.89 12.45 -19.82
N VAL B 167 -5.20 13.59 -19.94
CA VAL B 167 -4.14 13.71 -20.93
C VAL B 167 -2.86 14.19 -20.24
N SER B 168 -1.75 13.51 -20.47
CA SER B 168 -0.50 13.95 -19.87
C SER B 168 0.57 14.00 -20.96
N GLN B 169 1.61 14.81 -20.72
CA GLN B 169 2.69 14.91 -21.71
C GLN B 169 4.04 15.07 -21.04
N GLU B 170 4.89 14.05 -21.20
CA GLU B 170 6.22 14.11 -20.63
C GLU B 170 7.20 14.55 -21.73
N GLY B 171 8.31 15.14 -21.33
CA GLY B 171 9.42 15.30 -22.24
C GLY B 171 9.86 16.76 -22.35
N GLU B 172 11.08 16.97 -22.87
CA GLU B 172 11.69 18.29 -22.93
C GLU B 172 11.12 19.06 -24.12
N ASN B 173 11.00 20.38 -23.92
CA ASN B 173 10.68 21.29 -25.01
C ASN B 173 9.41 20.80 -25.70
N SER B 174 8.31 20.81 -24.95
CA SER B 174 7.03 20.36 -25.46
C SER B 174 5.91 21.07 -24.70
N GLU B 175 4.82 21.39 -25.40
CA GLU B 175 3.80 22.23 -24.80
C GLU B 175 2.42 21.60 -24.99
N LEU B 176 1.51 21.89 -24.07
CA LEU B 176 0.15 21.48 -24.33
C LEU B 176 -0.74 22.52 -23.66
N GLU B 177 -1.80 22.92 -24.36
CA GLU B 177 -2.58 24.06 -23.92
C GLU B 177 -4.03 23.92 -24.36
N ALA B 178 -4.94 24.03 -23.40
CA ALA B 178 -6.36 24.06 -23.71
C ALA B 178 -6.76 25.49 -24.09
N VAL B 179 -7.40 25.62 -25.25
CA VAL B 179 -7.98 26.87 -25.66
C VAL B 179 -9.12 27.24 -24.70
N PRO B 180 -9.12 28.46 -24.08
CA PRO B 180 -10.20 28.89 -23.18
C PRO B 180 -11.57 28.78 -23.84
N SER B 181 -12.58 28.40 -23.06
CA SER B 181 -13.95 28.47 -23.55
C SER B 181 -14.42 29.92 -23.63
N GLU B 182 -15.53 30.15 -24.32
CA GLU B 182 -16.11 31.47 -24.54
C GLU B 182 -17.26 31.68 -23.54
N ASN B 183 -17.32 30.84 -22.49
CA ASN B 183 -18.39 30.84 -21.49
C ASN B 183 -17.79 30.84 -20.08
N GLU B 184 -18.62 31.19 -19.08
CA GLU B 184 -18.16 31.60 -17.77
C GLU B 184 -17.50 30.45 -17.00
N PHE B 185 -18.17 29.29 -16.95
CA PHE B 185 -17.88 28.28 -15.93
C PHE B 185 -17.37 26.98 -16.55
N GLY B 186 -17.18 26.97 -17.88
CA GLY B 186 -16.74 25.82 -18.65
C GLY B 186 -17.26 25.89 -20.09
N TYR B 187 -17.50 24.73 -20.70
CA TYR B 187 -17.61 24.62 -22.14
C TYR B 187 -19.00 24.08 -22.50
N GLU B 188 -19.61 24.74 -23.48
CA GLU B 188 -20.87 24.32 -24.08
C GLU B 188 -20.56 23.44 -25.30
N GLY B 189 -19.36 23.63 -25.89
CA GLY B 189 -19.00 22.91 -27.11
C GLY B 189 -17.84 21.94 -26.90
N ASP B 190 -16.88 22.02 -27.83
CA ASP B 190 -15.74 21.12 -27.96
C ASP B 190 -14.61 21.68 -27.08
N VAL B 191 -13.82 20.77 -26.49
CA VAL B 191 -12.55 21.17 -25.89
C VAL B 191 -11.44 20.85 -26.88
N ILE B 192 -10.59 21.86 -27.08
CA ILE B 192 -9.48 21.81 -27.99
C ILE B 192 -8.22 22.00 -27.17
N LEU B 193 -7.26 21.06 -27.29
CA LEU B 193 -5.92 21.18 -26.77
C LEU B 193 -4.93 21.26 -27.94
N LYS B 194 -4.07 22.29 -27.93
CA LYS B 194 -3.03 22.44 -28.94
C LYS B 194 -1.69 22.10 -28.32
N GLY B 195 -0.93 21.25 -29.02
CA GLY B 195 0.30 20.73 -28.46
C GLY B 195 1.40 20.68 -29.51
N ARG B 196 2.64 20.54 -29.01
CA ARG B 196 3.80 20.51 -29.87
C ARG B 196 4.87 19.70 -29.16
N SER B 197 5.51 18.77 -29.87
CA SER B 197 6.77 18.22 -29.37
C SER B 197 7.72 17.96 -30.52
N GLU B 198 8.96 17.61 -30.21
CA GLU B 198 9.93 17.17 -31.20
C GLU B 198 9.36 15.95 -31.93
N ALA B 199 8.87 14.97 -31.14
CA ALA B 199 8.53 13.66 -31.69
C ALA B 199 7.19 13.72 -32.39
N LEU B 200 6.28 14.60 -31.95
CA LEU B 200 5.00 14.59 -32.63
C LEU B 200 4.81 15.79 -33.56
N GLY B 201 5.72 16.78 -33.52
CA GLY B 201 5.50 18.09 -34.14
C GLY B 201 4.26 18.77 -33.55
N ASN B 202 3.50 19.55 -34.35
CA ASN B 202 2.30 20.20 -33.87
C ASN B 202 1.12 19.26 -34.00
N TYR B 203 0.16 19.38 -33.10
CA TYR B 203 -1.01 18.52 -33.18
C TYR B 203 -2.13 19.18 -32.39
N LYS B 204 -3.32 18.62 -32.54
CA LYS B 204 -4.50 19.17 -31.90
C LYS B 204 -5.30 17.96 -31.43
N LEU B 205 -5.74 18.03 -30.17
CA LEU B 205 -6.46 16.93 -29.57
C LEU B 205 -7.78 17.51 -29.08
N VAL B 206 -8.90 16.97 -29.58
CA VAL B 206 -10.22 17.53 -29.40
C VAL B 206 -11.08 16.53 -28.65
N VAL B 207 -11.74 16.99 -27.58
CA VAL B 207 -12.84 16.24 -26.98
C VAL B 207 -14.17 16.91 -27.34
N THR B 208 -15.01 16.19 -28.06
CA THR B 208 -16.20 16.77 -28.64
C THR B 208 -17.28 16.92 -27.56
N LYS B 209 -18.22 17.85 -27.84
CA LYS B 209 -19.39 18.13 -27.03
C LYS B 209 -20.04 16.82 -26.60
N GLY B 210 -20.43 16.02 -27.59
CA GLY B 210 -21.03 14.72 -27.32
C GLY B 210 -22.57 14.78 -27.36
N LYS B 211 -23.21 13.64 -27.13
CA LYS B 211 -24.65 13.55 -27.16
C LYS B 211 -25.03 12.93 -25.81
N GLY B 212 -26.10 13.45 -25.20
CA GLY B 212 -26.61 13.01 -23.91
C GLY B 212 -27.04 14.22 -23.06
N VAL B 213 -27.89 13.94 -22.08
CA VAL B 213 -28.40 14.93 -21.17
C VAL B 213 -27.34 15.27 -20.12
N ILE B 214 -27.06 16.58 -19.97
CA ILE B 214 -26.22 17.15 -18.92
C ILE B 214 -27.09 17.68 -17.78
N PRO B 215 -27.06 17.07 -16.56
CA PRO B 215 -27.97 17.49 -15.50
C PRO B 215 -27.67 18.96 -15.16
N GLN B 216 -28.70 19.65 -14.65
CA GLN B 216 -28.52 21.05 -14.31
C GLN B 216 -28.85 21.20 -12.84
N SER B 217 -28.13 22.12 -12.17
CA SER B 217 -28.36 22.33 -10.76
C SER B 217 -28.84 23.77 -10.57
N ASP B 218 -29.81 23.93 -9.67
CA ASP B 218 -30.24 25.28 -9.28
C ASP B 218 -29.94 25.52 -7.80
N HIS B 219 -29.00 24.75 -7.23
CA HIS B 219 -28.42 25.09 -5.93
C HIS B 219 -27.70 26.44 -6.05
N ASP B 220 -27.52 27.11 -4.90
CA ASP B 220 -26.82 28.39 -4.83
C ASP B 220 -25.34 28.24 -5.26
N LEU B 221 -24.80 27.01 -5.14
CA LEU B 221 -23.45 26.69 -5.57
C LEU B 221 -23.25 27.04 -7.06
N SER B 222 -24.32 26.84 -7.85
CA SER B 222 -24.31 27.15 -9.27
C SER B 222 -23.84 28.57 -9.56
N ARG B 223 -23.93 29.50 -8.59
CA ARG B 223 -23.55 30.88 -8.87
C ARG B 223 -22.05 30.97 -9.07
N LEU B 224 -21.33 30.06 -8.40
CA LEU B 224 -19.88 30.08 -8.38
C LEU B 224 -19.32 29.02 -9.33
N ARG B 225 -20.07 27.92 -9.52
CA ARG B 225 -19.54 26.76 -10.22
C ARG B 225 -20.28 26.51 -11.52
N GLY B 226 -21.23 27.40 -11.88
CA GLY B 226 -22.06 27.23 -13.06
C GLY B 226 -23.12 26.15 -12.83
N PRO B 227 -24.16 26.05 -13.67
CA PRO B 227 -25.23 25.09 -13.40
C PRO B 227 -24.87 23.66 -13.75
N GLY B 228 -23.76 23.48 -14.50
CA GLY B 228 -23.24 22.16 -14.89
C GLY B 228 -22.82 22.07 -16.35
N GLN B 229 -21.57 21.66 -16.59
CA GLN B 229 -20.99 21.81 -17.92
C GLN B 229 -19.66 21.05 -18.00
N THR B 230 -19.17 20.85 -19.23
CA THR B 230 -17.85 20.28 -19.41
C THR B 230 -16.80 21.23 -18.81
N VAL B 231 -15.78 20.68 -18.14
CA VAL B 231 -14.75 21.54 -17.55
C VAL B 231 -13.37 20.96 -17.87
N VAL B 232 -12.37 21.85 -17.95
CA VAL B 232 -11.00 21.43 -18.07
C VAL B 232 -10.19 21.96 -16.90
N GLN B 233 -9.25 21.14 -16.38
CA GLN B 233 -8.17 21.70 -15.59
C GLN B 233 -6.82 21.38 -16.20
N SER B 234 -6.00 22.43 -16.29
CA SER B 234 -4.68 22.37 -16.88
C SER B 234 -3.65 22.57 -15.77
N LEU B 235 -2.80 21.56 -15.58
CA LEU B 235 -2.01 21.43 -14.37
C LEU B 235 -0.59 21.09 -14.77
N THR B 236 0.33 21.28 -13.82
CA THR B 236 1.73 20.95 -14.01
C THR B 236 2.11 20.03 -12.84
N TYR B 237 2.57 18.82 -13.13
CA TYR B 237 3.02 17.91 -12.11
C TYR B 237 4.45 17.50 -12.45
N PRO B 238 5.25 16.98 -11.48
CA PRO B 238 6.59 16.49 -11.81
C PRO B 238 6.43 15.24 -12.70
N ASP B 239 7.41 15.02 -13.59
CA ASP B 239 7.36 13.91 -14.53
C ASP B 239 7.12 12.57 -13.83
N GLU B 240 7.55 12.40 -12.59
CA GLU B 240 7.59 11.07 -12.00
C GLU B 240 6.20 10.59 -11.64
N VAL B 241 5.23 11.52 -11.56
CA VAL B 241 3.93 11.14 -11.03
C VAL B 241 2.85 11.27 -12.10
N LEU B 242 3.23 11.56 -13.36
CA LEU B 242 2.30 11.72 -14.48
C LEU B 242 1.43 10.47 -14.66
N TRP B 243 1.99 9.27 -14.44
CA TRP B 243 1.18 8.09 -14.67
C TRP B 243 0.07 7.95 -13.63
N GLN B 244 0.21 8.62 -12.47
CA GLN B 244 -0.69 8.39 -11.34
C GLN B 244 -1.99 9.16 -11.54
N ALA B 245 -2.72 8.78 -12.58
CA ALA B 245 -3.88 9.50 -13.07
C ALA B 245 -4.97 9.62 -12.02
N LYS B 246 -5.30 8.51 -11.36
CA LYS B 246 -6.47 8.50 -10.48
C LYS B 246 -6.10 9.27 -9.21
N PRO B 247 -4.90 9.05 -8.64
CA PRO B 247 -4.50 9.84 -7.48
C PRO B 247 -4.59 11.33 -7.82
N ILE B 248 -4.24 11.68 -9.06
CA ILE B 248 -4.17 13.10 -9.39
C ILE B 248 -5.59 13.62 -9.49
N LEU B 249 -6.51 12.79 -10.03
CA LEU B 249 -7.88 13.24 -10.15
C LEU B 249 -8.46 13.44 -8.76
N PHE B 250 -8.23 12.48 -7.87
CA PHE B 250 -8.74 12.54 -6.51
C PHE B 250 -8.16 13.71 -5.72
N GLN B 251 -6.93 14.09 -6.02
CA GLN B 251 -6.33 15.23 -5.35
C GLN B 251 -7.07 16.50 -5.79
N GLN B 252 -7.39 16.56 -7.07
CA GLN B 252 -8.09 17.70 -7.62
C GLN B 252 -9.53 17.73 -7.09
N LEU B 253 -10.15 16.55 -6.92
CA LEU B 253 -11.52 16.54 -6.47
C LEU B 253 -11.58 17.01 -5.02
N LYS B 254 -10.62 16.56 -4.20
CA LYS B 254 -10.49 16.93 -2.79
C LYS B 254 -10.28 18.43 -2.67
N ALA B 255 -9.37 18.98 -3.48
CA ALA B 255 -9.10 20.41 -3.41
C ALA B 255 -10.39 21.18 -3.66
N GLY B 256 -11.17 20.72 -4.65
CA GLY B 256 -12.41 21.36 -5.06
C GLY B 256 -13.46 21.31 -3.95
N ILE B 257 -13.43 20.27 -3.10
CA ILE B 257 -14.34 20.14 -1.98
C ILE B 257 -13.88 21.00 -0.79
N ASP B 258 -12.57 21.04 -0.48
CA ASP B 258 -12.08 21.94 0.55
C ASP B 258 -12.45 23.39 0.25
N TRP B 259 -12.48 23.73 -1.04
CA TRP B 259 -12.79 25.05 -1.52
C TRP B 259 -14.17 25.46 -1.03
N LEU B 260 -15.08 24.50 -0.81
CA LEU B 260 -16.45 24.85 -0.48
C LEU B 260 -16.47 25.56 0.89
N VAL B 261 -15.58 25.16 1.80
CA VAL B 261 -15.65 25.69 3.15
C VAL B 261 -15.00 27.07 3.26
N GLU B 262 -14.36 27.54 2.18
CA GLU B 262 -13.70 28.85 2.20
C GLU B 262 -14.45 29.82 1.28
N ASN B 263 -15.62 29.43 0.73
CA ASN B 263 -16.29 30.26 -0.25
C ASN B 263 -17.75 30.51 0.12
N LYS B 264 -18.28 31.62 -0.40
CA LYS B 264 -19.57 32.19 -0.06
C LYS B 264 -20.69 31.61 -0.93
N TYR B 265 -21.45 30.65 -0.40
CA TYR B 265 -22.71 30.26 -1.02
C TYR B 265 -23.55 29.69 0.11
N ASP B 266 -24.84 29.38 -0.11
CA ASP B 266 -25.75 28.95 0.93
C ASP B 266 -25.75 27.42 1.13
N VAL B 267 -25.60 26.94 2.37
CA VAL B 267 -25.27 25.55 2.65
C VAL B 267 -26.38 24.89 3.44
N ALA B 268 -27.54 25.54 3.46
CA ALA B 268 -28.69 25.05 4.19
C ALA B 268 -29.20 23.80 3.49
N ASP B 269 -29.23 23.82 2.13
CA ASP B 269 -29.73 22.69 1.35
C ASP B 269 -28.57 21.88 0.80
N PRO B 270 -28.63 20.53 0.81
CA PRO B 270 -27.63 19.67 0.16
C PRO B 270 -27.45 19.93 -1.34
N PRO B 271 -26.21 20.13 -1.84
CA PRO B 271 -26.02 20.34 -3.27
C PRO B 271 -25.99 18.96 -3.92
N PRO B 272 -26.29 18.80 -5.23
CA PRO B 272 -26.28 17.47 -5.84
C PRO B 272 -24.87 16.87 -5.79
N PRO B 273 -24.68 15.57 -5.43
CA PRO B 273 -23.34 14.97 -5.39
C PRO B 273 -22.53 15.18 -6.66
N TRP B 274 -23.18 15.10 -7.83
CA TRP B 274 -22.44 15.32 -9.06
C TRP B 274 -21.85 16.72 -9.10
N GLN B 275 -22.55 17.72 -8.56
CA GLN B 275 -22.03 19.08 -8.73
C GLN B 275 -20.80 19.27 -7.83
N VAL B 276 -20.80 18.62 -6.68
CA VAL B 276 -19.72 18.87 -5.75
C VAL B 276 -18.46 18.17 -6.26
N TYR B 277 -18.65 17.13 -7.11
CA TYR B 277 -17.59 16.37 -7.73
C TYR B 277 -17.31 16.87 -9.14
N LEU B 278 -17.81 18.06 -9.49
CA LEU B 278 -17.47 18.67 -10.76
C LEU B 278 -16.33 19.66 -10.55
N LEU B 279 -15.15 19.40 -11.09
CA LEU B 279 -14.01 20.29 -10.91
C LEU B 279 -14.34 21.70 -11.39
N ALA B 280 -13.66 22.71 -10.82
CA ALA B 280 -13.79 24.06 -11.35
C ALA B 280 -12.98 24.15 -12.62
N ASN B 281 -13.49 24.91 -13.59
CA ASN B 281 -12.84 25.09 -14.88
C ASN B 281 -11.58 25.97 -14.77
N LYS B 282 -10.43 25.50 -15.27
CA LYS B 282 -9.15 26.19 -15.12
C LYS B 282 -8.22 25.82 -16.28
N PRO B 283 -8.66 26.05 -17.54
CA PRO B 283 -7.84 25.76 -18.71
C PRO B 283 -6.65 26.70 -18.80
N GLY B 284 -5.55 26.15 -19.33
CA GLY B 284 -4.43 26.85 -19.87
C GLY B 284 -3.33 25.85 -20.24
N SER B 285 -2.11 26.26 -19.94
CA SER B 285 -0.90 25.54 -20.25
C SER B 285 -0.67 24.51 -19.14
N GLY B 286 -0.09 23.37 -19.51
CA GLY B 286 0.45 22.41 -18.54
C GLY B 286 0.76 21.05 -19.15
N ASN B 287 1.20 20.09 -18.33
CA ASN B 287 1.58 18.75 -18.78
C ASN B 287 0.53 17.72 -18.33
N VAL B 288 -0.57 18.19 -17.73
CA VAL B 288 -1.69 17.32 -17.35
C VAL B 288 -2.93 18.13 -17.63
N HIS B 289 -3.89 17.53 -18.35
CA HIS B 289 -5.16 18.15 -18.61
C HIS B 289 -6.23 17.14 -18.25
N ILE B 290 -7.16 17.58 -17.40
CA ILE B 290 -8.29 16.75 -17.03
C ILE B 290 -9.54 17.35 -17.64
N VAL B 291 -10.16 16.62 -18.58
CA VAL B 291 -11.43 16.99 -19.18
C VAL B 291 -12.53 16.15 -18.55
N GLN B 292 -13.55 16.81 -17.99
CA GLN B 292 -14.56 16.09 -17.22
C GLN B 292 -15.96 16.47 -17.71
N LYS B 293 -16.88 15.48 -17.71
CA LYS B 293 -18.26 15.64 -18.16
C LYS B 293 -19.15 14.84 -17.22
N VAL B 294 -20.35 15.36 -16.97
CA VAL B 294 -21.34 14.57 -16.25
C VAL B 294 -22.47 14.29 -17.21
N PHE B 295 -22.98 13.06 -17.16
CA PHE B 295 -24.15 12.76 -17.94
C PHE B 295 -25.23 12.18 -17.05
N GLU B 296 -26.48 12.39 -17.49
CA GLU B 296 -27.66 11.70 -17.00
C GLU B 296 -28.13 10.75 -18.12
N GLY B 297 -28.27 9.47 -17.76
CA GLY B 297 -28.52 8.45 -18.76
C GLY B 297 -27.35 8.21 -19.72
N ASP B 298 -27.69 7.87 -20.97
CA ASP B 298 -26.80 7.48 -22.06
C ASP B 298 -25.96 8.65 -22.55
N PHE B 299 -24.76 8.34 -23.07
CA PHE B 299 -23.84 9.38 -23.47
C PHE B 299 -22.94 8.85 -24.59
N GLU B 300 -22.34 9.78 -25.31
CA GLU B 300 -21.41 9.48 -26.38
C GLU B 300 -20.65 10.77 -26.64
N PHE B 301 -19.35 10.63 -26.83
CA PHE B 301 -18.53 11.73 -27.28
C PHE B 301 -17.32 11.11 -27.96
N ASP B 302 -16.54 11.98 -28.64
CA ASP B 302 -15.40 11.60 -29.46
C ASP B 302 -14.13 12.31 -28.97
N ILE B 303 -12.98 11.66 -29.21
CA ILE B 303 -11.67 12.28 -29.08
C ILE B 303 -11.05 12.27 -30.47
N LEU B 304 -10.63 13.44 -30.94
CA LEU B 304 -10.08 13.51 -32.28
C LEU B 304 -8.68 14.04 -32.14
N PHE B 305 -7.70 13.26 -32.62
CA PHE B 305 -6.30 13.66 -32.59
C PHE B 305 -5.82 13.83 -34.04
N SER B 306 -5.41 15.07 -34.35
CA SER B 306 -5.03 15.51 -35.68
C SER B 306 -3.58 15.96 -35.68
N SER B 307 -2.75 15.20 -36.40
CA SER B 307 -1.35 15.52 -36.58
C SER B 307 -1.26 16.65 -37.60
N GLU B 308 -0.56 17.74 -37.28
CA GLU B 308 -0.60 18.90 -38.17
C GLU B 308 -0.02 18.60 -39.55
N SER B 309 1.01 17.74 -39.63
CA SER B 309 1.70 17.45 -40.88
C SER B 309 0.86 16.56 -41.80
N ALA B 310 -0.24 15.99 -41.30
CA ALA B 310 -1.19 15.27 -42.15
C ALA B 310 -1.99 16.26 -42.99
N GLY B 311 -1.92 17.54 -42.61
CA GLY B 311 -2.53 18.64 -43.33
C GLY B 311 -4.04 18.45 -43.53
N LYS B 312 -4.67 17.65 -42.66
CA LYS B 312 -6.11 17.41 -42.67
C LYS B 312 -6.57 17.05 -41.26
N GLU B 313 -7.44 17.89 -40.72
CA GLU B 313 -7.98 17.72 -39.38
C GLU B 313 -9.00 16.59 -39.39
N VAL B 314 -8.96 15.73 -38.37
CA VAL B 314 -9.86 14.58 -38.30
C VAL B 314 -11.19 15.10 -37.81
N THR B 315 -12.27 14.61 -38.41
CA THR B 315 -13.61 14.99 -37.97
C THR B 315 -14.33 13.75 -37.47
N SER B 316 -15.49 13.99 -36.89
CA SER B 316 -16.34 12.89 -36.49
C SER B 316 -16.83 12.04 -37.66
N LYS B 317 -17.04 12.65 -38.84
CA LYS B 317 -17.57 11.90 -39.99
C LYS B 317 -16.48 10.92 -40.44
N ASP B 318 -15.23 11.41 -40.49
CA ASP B 318 -14.07 10.56 -40.71
C ASP B 318 -14.04 9.38 -39.73
N LEU B 319 -14.17 9.69 -38.44
CA LEU B 319 -14.14 8.66 -37.42
C LEU B 319 -15.17 7.59 -37.76
N GLU B 320 -16.42 7.99 -38.05
CA GLU B 320 -17.50 7.04 -38.35
C GLU B 320 -17.17 6.25 -39.62
N ARG B 321 -16.54 6.92 -40.61
CA ARG B 321 -16.27 6.29 -41.89
C ARG B 321 -15.20 5.20 -41.70
N GLU B 322 -14.16 5.52 -40.91
CA GLU B 322 -12.99 4.64 -40.82
C GLU B 322 -13.31 3.42 -39.95
N VAL B 323 -14.22 3.60 -39.02
CA VAL B 323 -14.65 2.50 -38.16
C VAL B 323 -15.30 1.43 -39.02
N LYS B 324 -16.20 1.87 -39.94
CA LYS B 324 -16.97 0.98 -40.80
C LYS B 324 -15.98 0.26 -41.72
N GLN B 325 -15.01 1.02 -42.23
CA GLN B 325 -14.06 0.53 -43.21
C GLN B 325 -13.16 -0.52 -42.54
N ALA B 326 -12.63 -0.18 -41.34
CA ALA B 326 -11.71 -1.06 -40.65
C ALA B 326 -12.41 -2.37 -40.29
N THR B 327 -13.72 -2.30 -39.97
CA THR B 327 -14.47 -3.45 -39.49
C THR B 327 -14.62 -4.45 -40.62
N GLU B 328 -14.88 -3.93 -41.83
CA GLU B 328 -15.05 -4.74 -43.02
C GLU B 328 -13.71 -5.42 -43.37
N VAL B 329 -12.64 -4.63 -43.43
CA VAL B 329 -11.30 -5.16 -43.74
C VAL B 329 -10.93 -6.28 -42.75
N PHE B 330 -11.34 -6.16 -41.49
CA PHE B 330 -10.94 -7.10 -40.45
C PHE B 330 -11.61 -8.46 -40.68
N GLY B 331 -12.91 -8.42 -41.02
CA GLY B 331 -13.69 -9.64 -41.24
C GLY B 331 -13.15 -10.44 -42.43
N GLU B 332 -12.78 -9.71 -43.49
CA GLU B 332 -12.19 -10.33 -44.66
C GLU B 332 -10.88 -11.01 -44.27
N ARG B 333 -10.01 -10.27 -43.58
CA ARG B 333 -8.69 -10.80 -43.22
C ARG B 333 -8.83 -12.04 -42.32
N PHE B 334 -9.78 -12.03 -41.40
CA PHE B 334 -9.95 -13.15 -40.50
C PHE B 334 -10.28 -14.42 -41.27
N ALA B 335 -10.99 -14.27 -42.41
CA ALA B 335 -11.49 -15.42 -43.16
C ALA B 335 -10.38 -16.00 -44.04
N ARG B 336 -9.56 -15.13 -44.63
CA ARG B 336 -8.31 -15.54 -45.28
C ARG B 336 -7.37 -16.20 -44.25
N VAL B 337 -7.05 -15.53 -43.13
CA VAL B 337 -5.90 -15.92 -42.31
C VAL B 337 -6.24 -17.05 -41.33
N PHE B 338 -7.47 -17.06 -40.77
CA PHE B 338 -7.89 -18.12 -39.87
C PHE B 338 -9.13 -18.82 -40.46
N ASP B 339 -8.93 -19.66 -41.48
CA ASP B 339 -10.02 -20.40 -42.13
C ASP B 339 -10.39 -21.57 -41.21
N LEU B 340 -11.42 -21.36 -40.39
CA LEU B 340 -11.68 -22.40 -39.40
C LEU B 340 -12.03 -23.71 -40.12
N LYS B 341 -11.53 -24.85 -39.60
CA LYS B 341 -11.80 -26.14 -40.23
C LYS B 341 -12.87 -26.91 -39.46
N ALA B 342 -13.44 -27.92 -40.13
CA ALA B 342 -14.43 -28.82 -39.55
C ALA B 342 -13.82 -29.47 -38.30
N PRO B 343 -14.58 -29.62 -37.21
CA PRO B 343 -16.00 -29.26 -37.17
C PRO B 343 -16.29 -27.93 -36.48
N PHE B 344 -15.53 -26.87 -36.83
CA PHE B 344 -15.71 -25.56 -36.20
C PHE B 344 -15.99 -24.47 -37.23
N GLN B 345 -16.78 -24.80 -38.27
CA GLN B 345 -17.03 -23.83 -39.31
C GLN B 345 -18.25 -22.99 -38.95
N GLY B 346 -18.93 -23.39 -37.86
CA GLY B 346 -20.09 -22.68 -37.34
C GLY B 346 -19.84 -21.19 -37.17
N ASP B 347 -20.94 -20.42 -37.05
CA ASP B 347 -20.86 -18.97 -36.85
C ASP B 347 -20.47 -18.70 -35.40
N ASN B 348 -20.75 -19.65 -34.51
CA ASN B 348 -20.45 -19.52 -33.09
C ASN B 348 -18.94 -19.61 -32.87
N TYR B 349 -18.29 -20.52 -33.59
CA TYR B 349 -16.86 -20.71 -33.47
C TYR B 349 -16.12 -19.54 -34.12
N LYS B 350 -16.66 -19.00 -35.21
CA LYS B 350 -16.09 -17.81 -35.83
C LYS B 350 -16.05 -16.66 -34.81
N LYS B 351 -17.18 -16.35 -34.18
CA LYS B 351 -17.28 -15.22 -33.27
C LYS B 351 -16.33 -15.48 -32.09
N PHE B 352 -16.19 -16.75 -31.70
CA PHE B 352 -15.33 -17.14 -30.59
C PHE B 352 -13.88 -16.94 -30.99
N GLY B 353 -13.53 -17.35 -32.20
CA GLY B 353 -12.20 -17.16 -32.74
C GLY B 353 -11.86 -15.67 -32.84
N LYS B 354 -12.82 -14.86 -33.29
CA LYS B 354 -12.44 -13.47 -33.53
C LYS B 354 -12.21 -12.81 -32.17
N SER B 355 -12.90 -13.33 -31.16
CA SER B 355 -12.75 -12.76 -29.83
C SER B 355 -11.42 -13.15 -29.19
N MET B 356 -11.10 -14.45 -29.20
CA MET B 356 -9.80 -14.96 -28.76
C MET B 356 -8.65 -14.16 -29.38
N PHE B 357 -8.69 -13.95 -30.68
CA PHE B 357 -7.58 -13.37 -31.41
C PHE B 357 -7.47 -11.85 -31.18
N SER B 358 -8.58 -11.10 -31.29
CA SER B 358 -8.57 -9.67 -31.04
C SER B 358 -8.12 -9.36 -29.62
N ASN B 359 -8.52 -10.17 -28.66
CA ASN B 359 -8.05 -9.91 -27.30
C ASN B 359 -6.53 -10.09 -27.21
N LEU B 360 -5.99 -11.02 -28.00
CA LEU B 360 -4.57 -11.34 -27.91
C LEU B 360 -3.77 -10.17 -28.51
N ILE B 361 -4.18 -9.76 -29.70
CA ILE B 361 -3.39 -8.79 -30.43
C ILE B 361 -3.75 -7.42 -29.85
N GLY B 362 -4.92 -7.34 -29.20
CA GLY B 362 -5.32 -6.06 -28.61
C GLY B 362 -4.65 -5.84 -27.24
N GLY B 363 -4.01 -6.89 -26.71
CA GLY B 363 -3.28 -6.79 -25.46
C GLY B 363 -1.88 -6.20 -25.64
N ILE B 364 -1.49 -5.82 -26.86
CA ILE B 364 -0.14 -5.33 -27.08
C ILE B 364 0.11 -4.02 -26.31
N GLY B 365 1.21 -3.97 -25.55
CA GLY B 365 1.63 -2.75 -24.86
C GLY B 365 2.98 -2.22 -25.33
N TYR B 366 3.17 -0.90 -25.19
CA TYR B 366 4.47 -0.29 -25.18
C TYR B 366 4.85 0.19 -23.77
N PHE B 367 6.02 -0.29 -23.29
CA PHE B 367 6.55 -0.12 -21.97
C PHE B 367 7.94 0.52 -22.06
N TYR B 368 8.17 1.48 -21.16
CA TYR B 368 9.42 2.23 -21.16
C TYR B 368 9.78 2.54 -19.73
N GLY B 369 11.07 2.37 -19.38
CA GLY B 369 11.61 2.82 -18.12
C GLY B 369 12.74 1.92 -17.65
N HIS B 370 13.11 2.04 -16.39
CA HIS B 370 14.26 1.34 -15.86
C HIS B 370 13.78 -0.01 -15.35
N SER B 371 14.69 -0.97 -15.22
CA SER B 371 14.19 -2.13 -14.49
C SER B 371 15.17 -2.53 -13.37
N LEU B 372 14.78 -3.51 -12.57
CA LEU B 372 15.54 -3.82 -11.37
C LEU B 372 16.34 -5.12 -11.53
N VAL B 373 17.66 -5.00 -11.53
CA VAL B 373 18.53 -6.14 -11.78
C VAL B 373 19.58 -6.29 -10.69
N ASP B 374 19.88 -7.54 -10.33
CA ASP B 374 20.98 -7.85 -9.42
C ASP B 374 22.21 -8.17 -10.26
N ARG B 375 23.16 -7.23 -10.30
CA ARG B 375 24.36 -7.36 -11.11
C ARG B 375 25.57 -7.76 -10.26
N SER B 376 25.34 -8.36 -9.09
CA SER B 376 26.49 -8.73 -8.27
C SER B 376 27.25 -9.92 -8.88
N TYR B 377 26.51 -10.79 -9.61
CA TYR B 377 27.04 -12.09 -10.06
C TYR B 377 27.65 -12.81 -8.86
N ALA B 378 26.93 -12.84 -7.74
CA ALA B 378 27.46 -13.50 -6.55
C ALA B 378 27.83 -14.96 -6.82
N PRO B 379 29.01 -15.42 -6.33
CA PRO B 379 29.37 -16.84 -6.30
C PRO B 379 28.28 -17.84 -5.88
N GLU B 380 27.45 -17.46 -4.91
CA GLU B 380 26.34 -18.31 -4.54
C GLU B 380 25.42 -18.58 -5.74
N TYR B 381 25.36 -17.66 -6.69
CA TYR B 381 24.45 -17.82 -7.81
C TYR B 381 24.85 -18.99 -8.73
N ASP B 382 26.11 -19.48 -8.61
CA ASP B 382 26.62 -20.58 -9.42
C ASP B 382 26.05 -21.93 -8.97
N GLU B 383 25.38 -21.98 -7.81
CA GLU B 383 24.67 -23.17 -7.38
C GLU B 383 25.55 -24.43 -7.39
N GLU B 384 26.80 -24.34 -6.95
CA GLU B 384 27.72 -25.49 -6.96
C GLU B 384 27.44 -26.51 -5.86
N ASN B 385 27.14 -26.09 -4.62
CA ASN B 385 27.12 -27.02 -3.51
C ASN B 385 25.69 -27.49 -3.26
N GLU B 386 25.52 -28.51 -2.43
CA GLU B 386 24.19 -28.95 -1.98
C GLU B 386 23.60 -27.88 -1.07
N GLY B 387 22.27 -27.81 -1.02
CA GLY B 387 21.58 -26.69 -0.37
C GLY B 387 21.97 -25.33 -0.95
N PHE B 388 22.27 -25.27 -2.26
CA PHE B 388 22.65 -24.04 -2.94
C PHE B 388 21.58 -22.95 -2.78
N TRP B 389 20.34 -23.37 -2.47
CA TRP B 389 19.22 -22.44 -2.44
C TRP B 389 19.30 -21.54 -1.20
N GLU B 390 19.81 -22.11 -0.10
CA GLU B 390 20.12 -21.41 1.12
C GLU B 390 21.18 -20.33 0.86
N ASP B 391 22.25 -20.69 0.17
CA ASP B 391 23.32 -19.76 -0.18
C ASP B 391 22.78 -18.61 -1.04
N ALA B 392 21.86 -18.98 -1.96
CA ALA B 392 21.25 -18.07 -2.92
C ALA B 392 20.39 -17.08 -2.15
N ALA B 393 19.59 -17.59 -1.19
CA ALA B 393 18.81 -16.75 -0.28
C ALA B 393 19.68 -15.72 0.45
N GLU B 394 20.88 -16.13 0.86
CA GLU B 394 21.80 -15.22 1.53
C GLU B 394 22.32 -14.14 0.60
N ALA B 395 22.67 -14.50 -0.64
CA ALA B 395 23.17 -13.46 -1.54
C ALA B 395 22.05 -12.50 -1.89
N ARG B 396 20.79 -12.96 -1.96
CA ARG B 396 19.72 -11.99 -2.24
C ARG B 396 19.59 -11.04 -1.06
N ALA B 397 19.90 -11.53 0.15
CA ALA B 397 19.76 -10.75 1.39
C ALA B 397 20.78 -9.63 1.46
N ARG B 398 21.81 -9.66 0.59
CA ARG B 398 22.75 -8.55 0.55
C ARG B 398 22.26 -7.38 -0.30
N HIS B 399 21.10 -7.55 -0.99
CA HIS B 399 20.38 -6.50 -1.70
C HIS B 399 21.30 -5.61 -2.54
N GLN B 400 21.99 -6.20 -3.50
CA GLN B 400 22.87 -5.48 -4.40
C GLN B 400 22.11 -4.98 -5.63
N GLU B 401 20.84 -5.33 -5.82
CA GLU B 401 20.11 -4.90 -7.02
C GLU B 401 20.02 -3.38 -7.14
N ALA B 402 20.04 -2.88 -8.38
CA ALA B 402 19.82 -1.47 -8.68
C ALA B 402 18.95 -1.33 -9.93
N LEU B 403 18.33 -0.16 -10.05
CA LEU B 403 17.60 0.21 -11.25
C LEU B 403 18.65 0.48 -12.31
N GLU B 404 18.35 0.06 -13.54
CA GLU B 404 19.20 0.34 -14.69
C GLU B 404 18.28 0.48 -15.91
N GLY B 405 18.85 1.02 -17.00
CA GLY B 405 18.08 1.36 -18.18
C GLY B 405 18.30 2.83 -18.54
N PRO B 406 17.32 3.55 -19.10
CA PRO B 406 15.97 3.03 -19.33
C PRO B 406 15.91 2.06 -20.52
N TYR B 407 14.89 1.20 -20.53
CA TYR B 407 14.68 0.24 -21.61
C TYR B 407 13.30 0.49 -22.19
N GLU B 408 13.08 -0.07 -23.39
CA GLU B 408 11.75 -0.04 -23.99
C GLU B 408 11.35 -1.44 -24.47
N LEU B 409 10.07 -1.72 -24.47
CA LEU B 409 9.61 -3.01 -24.96
C LEU B 409 8.25 -2.80 -25.59
N PHE B 410 8.08 -3.37 -26.79
CA PHE B 410 6.81 -3.44 -27.47
C PHE B 410 6.42 -4.92 -27.56
N THR B 411 5.32 -5.34 -26.94
CA THR B 411 5.11 -6.76 -26.71
C THR B 411 3.63 -7.01 -26.37
N SER B 412 3.11 -8.19 -26.73
CA SER B 412 1.83 -8.59 -26.17
C SER B 412 2.08 -9.13 -24.76
N ILE B 413 0.99 -9.42 -24.04
CA ILE B 413 1.06 -9.67 -22.62
C ILE B 413 0.09 -10.82 -22.33
N PRO B 414 0.31 -11.54 -21.24
CA PRO B 414 -0.63 -12.61 -20.87
C PRO B 414 -2.05 -12.26 -20.39
N SER B 415 -2.25 -11.13 -19.69
CA SER B 415 -3.54 -10.81 -19.11
C SER B 415 -3.61 -9.34 -18.70
N ARG B 416 -4.65 -8.62 -19.16
CA ARG B 416 -4.71 -7.18 -18.92
C ARG B 416 -4.81 -6.90 -17.43
N PRO B 417 -5.78 -7.50 -16.70
CA PRO B 417 -5.92 -7.23 -15.27
C PRO B 417 -4.78 -7.71 -14.37
N PHE B 418 -4.21 -8.89 -14.66
CA PHE B 418 -3.33 -9.59 -13.72
C PHE B 418 -1.86 -9.58 -14.16
N PHE B 419 -1.55 -9.64 -15.48
CA PHE B 419 -0.16 -9.73 -15.87
C PHE B 419 0.10 -8.78 -17.03
N PRO B 420 -0.08 -7.45 -16.83
CA PRO B 420 0.03 -6.49 -17.94
C PRO B 420 1.48 -6.12 -18.23
N ARG B 421 2.29 -7.11 -18.62
CA ARG B 421 3.71 -6.85 -18.89
C ARG B 421 4.31 -7.99 -19.72
N GLY B 422 5.59 -7.86 -20.13
CA GLY B 422 6.23 -8.85 -20.98
C GLY B 422 6.77 -10.04 -20.18
N PHE B 423 6.41 -11.26 -20.59
CA PHE B 423 7.03 -12.51 -20.16
C PHE B 423 7.69 -13.25 -21.33
N LEU B 424 8.97 -13.62 -21.14
CA LEU B 424 9.81 -14.18 -22.19
C LEU B 424 9.17 -15.43 -22.81
N TRP B 425 8.83 -16.46 -22.04
CA TRP B 425 8.37 -17.65 -22.72
C TRP B 425 6.91 -17.55 -23.20
N ASP B 426 6.08 -16.71 -22.54
CA ASP B 426 4.72 -16.54 -23.02
C ASP B 426 4.72 -15.94 -24.43
N GLU B 427 5.72 -15.09 -24.70
CA GLU B 427 5.75 -14.29 -25.91
C GLU B 427 5.86 -15.19 -27.14
N GLY B 428 6.63 -16.27 -27.08
CA GLY B 428 6.74 -17.18 -28.21
C GLY B 428 5.38 -17.79 -28.54
N PHE B 429 4.57 -18.08 -27.53
CA PHE B 429 3.22 -18.56 -27.79
C PHE B 429 2.36 -17.46 -28.37
N HIS B 430 2.45 -16.25 -27.81
CA HIS B 430 1.63 -15.13 -28.26
C HIS B 430 1.79 -14.91 -29.75
N LEU B 431 3.05 -14.93 -30.21
CA LEU B 431 3.36 -14.47 -31.54
C LEU B 431 2.99 -15.49 -32.62
N LEU B 432 2.74 -16.76 -32.26
CA LEU B 432 2.35 -17.73 -33.26
C LEU B 432 1.09 -17.29 -34.02
N PRO B 433 -0.06 -16.94 -33.40
CA PRO B 433 -1.19 -16.42 -34.16
C PRO B 433 -0.93 -15.02 -34.69
N ILE B 434 -0.22 -14.20 -33.92
CA ILE B 434 0.06 -12.86 -34.42
C ILE B 434 0.89 -12.91 -35.70
N ALA B 435 1.74 -13.93 -35.87
CA ALA B 435 2.65 -13.96 -37.01
C ALA B 435 1.89 -14.33 -38.27
N ASP B 436 0.86 -15.19 -38.14
CA ASP B 436 -0.12 -15.48 -39.19
C ASP B 436 -0.85 -14.21 -39.65
N TRP B 437 -1.31 -13.40 -38.70
CA TRP B 437 -2.01 -12.18 -39.04
C TRP B 437 -1.10 -11.20 -39.75
N ASP B 438 0.15 -11.01 -39.27
CA ASP B 438 0.93 -9.81 -39.58
C ASP B 438 2.39 -10.08 -39.22
N ILE B 439 3.15 -10.64 -40.17
CA ILE B 439 4.43 -11.25 -39.84
C ILE B 439 5.38 -10.12 -39.47
N ASP B 440 5.19 -8.96 -40.09
CA ASP B 440 6.04 -7.81 -39.81
C ASP B 440 5.82 -7.28 -38.39
N LEU B 441 4.56 -7.29 -37.90
CA LEU B 441 4.28 -6.94 -36.52
C LEU B 441 5.06 -7.86 -35.59
N ALA B 442 4.99 -9.17 -35.86
CA ALA B 442 5.61 -10.17 -35.03
C ALA B 442 7.13 -9.98 -35.07
N LEU B 443 7.69 -9.64 -36.23
CA LEU B 443 9.15 -9.50 -36.28
C LEU B 443 9.61 -8.26 -35.51
N GLU B 444 8.79 -7.19 -35.51
CA GLU B 444 9.11 -6.00 -34.74
C GLU B 444 9.11 -6.36 -33.24
N ILE B 445 8.15 -7.18 -32.82
CA ILE B 445 8.08 -7.51 -31.40
C ILE B 445 9.28 -8.38 -31.03
N ILE B 446 9.69 -9.32 -31.91
CA ILE B 446 10.87 -10.12 -31.67
C ILE B 446 12.10 -9.21 -31.61
N LYS B 447 12.16 -8.22 -32.50
CA LYS B 447 13.31 -7.32 -32.52
C LYS B 447 13.34 -6.53 -31.21
N SER B 448 12.19 -6.09 -30.71
CA SER B 448 12.10 -5.36 -29.46
C SER B 448 12.68 -6.18 -28.31
N TRP B 449 12.22 -7.42 -28.14
CA TRP B 449 12.75 -8.31 -27.13
C TRP B 449 14.29 -8.45 -27.24
N TYR B 450 14.78 -8.81 -28.43
CA TYR B 450 16.19 -9.16 -28.54
C TYR B 450 17.05 -7.92 -28.36
N ASN B 451 16.49 -6.75 -28.66
CA ASN B 451 17.14 -5.52 -28.27
C ASN B 451 17.37 -5.40 -26.76
N LEU B 452 16.63 -6.12 -25.90
CA LEU B 452 16.89 -6.03 -24.48
C LEU B 452 18.14 -6.82 -24.11
N MET B 453 18.55 -7.74 -24.98
CA MET B 453 19.56 -8.70 -24.58
C MET B 453 20.84 -7.96 -24.18
N ASP B 454 21.43 -8.34 -23.03
CA ASP B 454 22.69 -7.77 -22.58
C ASP B 454 23.84 -8.45 -23.34
N GLU B 455 25.06 -8.08 -22.97
CA GLU B 455 26.25 -8.41 -23.73
C GLU B 455 26.65 -9.86 -23.51
N ASP B 456 26.06 -10.55 -22.53
CA ASP B 456 26.41 -11.94 -22.30
C ASP B 456 25.36 -12.84 -22.94
N GLY B 457 24.27 -12.21 -23.38
CA GLY B 457 23.15 -12.90 -23.98
C GLY B 457 22.01 -13.27 -23.03
N TRP B 458 21.82 -12.48 -21.96
CA TRP B 458 20.71 -12.64 -21.02
C TRP B 458 19.61 -11.64 -21.36
N ILE B 459 18.38 -12.16 -21.35
CA ILE B 459 17.17 -11.36 -21.39
C ILE B 459 16.36 -11.77 -20.16
N ALA B 460 15.94 -10.78 -19.36
CA ALA B 460 15.15 -11.11 -18.19
C ALA B 460 13.84 -11.76 -18.59
N ARG B 461 13.37 -12.69 -17.74
CA ARG B 461 12.20 -13.49 -18.01
C ARG B 461 10.96 -12.63 -17.80
N GLU B 462 11.07 -11.60 -16.97
CA GLU B 462 9.91 -10.78 -16.66
C GLU B 462 10.31 -9.32 -16.84
N GLN B 463 9.64 -8.61 -17.74
CA GLN B 463 10.07 -7.25 -18.04
C GLN B 463 9.12 -6.25 -17.37
N ILE B 464 9.57 -5.69 -16.25
CA ILE B 464 8.83 -4.71 -15.49
C ILE B 464 9.52 -3.36 -15.73
N LEU B 465 9.01 -2.57 -16.67
CA LEU B 465 9.74 -1.38 -17.09
C LEU B 465 9.01 -0.11 -16.64
N GLY B 466 9.61 0.61 -15.71
CA GLY B 466 9.11 1.90 -15.28
C GLY B 466 8.29 1.77 -13.99
N ALA B 467 8.03 2.95 -13.39
CA ALA B 467 7.40 3.08 -12.09
C ALA B 467 5.94 2.62 -12.17
N GLU B 468 5.25 3.05 -13.24
CA GLU B 468 3.87 2.63 -13.45
C GLU B 468 3.75 1.10 -13.47
N ALA B 469 4.68 0.42 -14.14
CA ALA B 469 4.64 -1.04 -14.22
C ALA B 469 5.01 -1.67 -12.87
N ARG B 470 5.97 -1.08 -12.16
CA ARG B 470 6.39 -1.58 -10.86
C ARG B 470 5.26 -1.53 -9.82
N SER B 471 4.38 -0.53 -9.92
CA SER B 471 3.37 -0.34 -8.88
C SER B 471 2.37 -1.50 -8.84
N LYS B 472 2.41 -2.41 -9.81
CA LYS B 472 1.42 -3.47 -9.88
C LYS B 472 2.01 -4.74 -9.27
N VAL B 473 3.31 -4.67 -8.96
CA VAL B 473 4.15 -5.84 -8.78
C VAL B 473 4.75 -5.82 -7.38
N PRO B 474 4.41 -6.84 -6.55
CA PRO B 474 4.93 -6.93 -5.17
C PRO B 474 6.45 -7.03 -5.25
N LYS B 475 7.14 -6.42 -4.28
CA LYS B 475 8.56 -6.11 -4.41
C LYS B 475 9.42 -7.37 -4.51
N GLU B 476 9.00 -8.45 -3.84
CA GLU B 476 9.69 -9.73 -3.87
C GLU B 476 9.82 -10.31 -5.28
N PHE B 477 9.02 -9.82 -6.22
CA PHE B 477 9.13 -10.29 -7.60
C PHE B 477 9.70 -9.25 -8.56
N GLN B 478 10.25 -8.11 -8.11
CA GLN B 478 10.66 -7.10 -9.09
C GLN B 478 12.08 -7.39 -9.56
N THR B 479 12.91 -7.97 -8.70
CA THR B 479 14.33 -8.08 -9.03
C THR B 479 14.58 -9.17 -10.08
N GLN B 480 15.41 -8.87 -11.08
CA GLN B 480 15.72 -9.85 -12.13
C GLN B 480 17.17 -10.31 -11.96
N TYR B 481 17.39 -11.63 -12.16
CA TYR B 481 18.69 -12.25 -11.92
C TYR B 481 19.29 -12.75 -13.22
N PRO B 482 20.52 -12.31 -13.56
CA PRO B 482 21.19 -12.69 -14.80
C PRO B 482 21.55 -14.17 -14.97
N HIS B 483 21.20 -15.02 -14.01
CA HIS B 483 21.47 -16.44 -14.17
C HIS B 483 20.13 -17.19 -14.33
N TYR B 484 19.03 -16.44 -14.40
CA TYR B 484 17.73 -17.08 -14.61
C TYR B 484 17.35 -17.05 -16.10
N ALA B 485 17.14 -18.25 -16.64
CA ALA B 485 16.80 -18.44 -18.04
C ALA B 485 15.28 -18.58 -18.10
N ASN B 486 14.76 -18.85 -19.30
CA ASN B 486 13.34 -19.05 -19.55
C ASN B 486 13.26 -19.88 -20.84
N PRO B 487 12.21 -20.71 -21.04
CA PRO B 487 12.05 -21.40 -22.31
C PRO B 487 12.19 -20.43 -23.48
N PRO B 488 13.08 -20.71 -24.44
CA PRO B 488 13.27 -19.86 -25.60
C PRO B 488 12.21 -20.04 -26.71
N THR B 489 10.94 -19.88 -26.33
CA THR B 489 9.88 -20.10 -27.28
C THR B 489 9.95 -19.12 -28.46
N LEU B 490 10.66 -17.99 -28.35
CA LEU B 490 10.65 -17.11 -29.51
C LEU B 490 11.21 -17.79 -30.75
N PHE B 491 12.09 -18.77 -30.55
CA PHE B 491 12.66 -19.54 -31.65
C PHE B 491 11.53 -20.22 -32.45
N LEU B 492 10.42 -20.62 -31.81
CA LEU B 492 9.32 -21.29 -32.51
C LEU B 492 8.64 -20.37 -33.54
N VAL B 493 8.52 -19.08 -33.21
CA VAL B 493 8.01 -18.14 -34.19
C VAL B 493 8.98 -18.03 -35.35
N LEU B 494 10.29 -17.97 -35.05
CA LEU B 494 11.27 -17.75 -36.11
C LEU B 494 11.20 -18.95 -37.07
N ASP B 495 11.01 -20.17 -36.56
CA ASP B 495 10.93 -21.37 -37.38
C ASP B 495 9.80 -21.26 -38.39
N ASN B 496 8.64 -20.77 -37.93
CA ASN B 496 7.51 -20.47 -38.81
C ASN B 496 7.89 -19.40 -39.83
N PHE B 497 8.67 -18.39 -39.44
CA PHE B 497 9.02 -17.35 -40.40
C PHE B 497 10.00 -17.93 -41.43
N VAL B 498 10.97 -18.71 -40.99
CA VAL B 498 11.91 -19.37 -41.89
C VAL B 498 11.15 -20.20 -42.94
N GLU B 499 10.17 -20.99 -42.47
CA GLU B 499 9.30 -21.80 -43.31
C GLU B 499 8.65 -20.93 -44.39
N ARG B 500 7.96 -19.88 -43.96
CA ARG B 500 7.37 -18.92 -44.87
C ARG B 500 8.38 -18.37 -45.89
N LEU B 501 9.61 -18.08 -45.48
CA LEU B 501 10.60 -17.49 -46.38
C LEU B 501 10.90 -18.42 -47.54
N ARG B 502 11.01 -19.74 -47.25
CA ARG B 502 11.27 -20.81 -48.22
C ARG B 502 10.21 -20.85 -49.31
N LYS B 503 8.98 -21.28 -48.94
CA LYS B 503 7.82 -21.40 -49.83
C LYS B 503 7.80 -20.36 -50.98
N THR B 520 1.12 -3.80 -48.98
CA THR B 520 0.73 -3.91 -47.54
C THR B 520 1.98 -4.13 -46.68
N LEU B 521 2.06 -3.40 -45.56
CA LEU B 521 3.24 -3.46 -44.73
C LEU B 521 3.34 -4.78 -43.94
N SER B 522 2.20 -5.43 -43.71
CA SER B 522 2.07 -6.70 -43.00
C SER B 522 3.01 -7.81 -43.48
N THR B 523 3.30 -7.84 -44.79
CA THR B 523 4.04 -8.97 -45.34
C THR B 523 5.26 -8.49 -46.14
N ALA B 524 5.64 -7.22 -45.99
CA ALA B 524 6.71 -6.66 -46.81
C ALA B 524 7.97 -7.51 -46.69
N SER B 525 8.12 -8.22 -45.57
CA SER B 525 9.31 -8.98 -45.24
C SER B 525 9.33 -10.36 -45.90
N VAL B 526 8.17 -10.83 -46.39
CA VAL B 526 8.19 -12.06 -47.18
C VAL B 526 8.00 -11.74 -48.66
N ASP B 527 7.21 -10.72 -48.97
CA ASP B 527 6.89 -10.40 -50.36
C ASP B 527 8.16 -10.06 -51.14
N ASN B 528 9.12 -9.41 -50.47
CA ASN B 528 10.48 -9.29 -50.94
C ASN B 528 11.35 -10.06 -49.95
N PRO B 529 11.60 -11.38 -50.18
CA PRO B 529 12.40 -12.18 -49.25
C PRO B 529 13.83 -11.69 -49.02
N GLU B 530 14.30 -10.73 -49.83
CA GLU B 530 15.57 -10.09 -49.54
C GLU B 530 15.48 -9.33 -48.20
N VAL B 531 14.29 -8.77 -47.93
CA VAL B 531 14.06 -8.03 -46.69
C VAL B 531 14.08 -8.99 -45.48
N GLY B 532 13.21 -9.99 -45.51
CA GLY B 532 13.19 -11.04 -44.48
C GLY B 532 14.61 -11.54 -44.24
N LEU B 533 15.40 -11.64 -45.30
CA LEU B 533 16.69 -12.29 -45.12
C LEU B 533 17.67 -11.33 -44.44
N GLU B 534 17.60 -10.03 -44.78
CA GLU B 534 18.44 -9.09 -44.05
C GLU B 534 18.03 -9.03 -42.57
N TYR B 535 16.73 -9.03 -42.31
CA TYR B 535 16.22 -9.05 -40.94
C TYR B 535 16.88 -10.19 -40.16
N LEU B 536 16.83 -11.42 -40.70
CA LEU B 536 17.50 -12.56 -40.08
C LEU B 536 19.02 -12.38 -40.01
N ARG B 537 19.62 -11.72 -41.01
CA ARG B 537 21.06 -11.51 -40.95
C ARG B 537 21.41 -10.68 -39.72
N ARG B 538 20.58 -9.68 -39.42
CA ARG B 538 20.84 -8.80 -38.29
C ARG B 538 20.57 -9.47 -36.94
N LEU B 539 19.68 -10.48 -36.90
CA LEU B 539 19.23 -11.07 -35.65
C LEU B 539 20.03 -12.34 -35.33
N TYR B 540 20.59 -12.96 -36.37
CA TYR B 540 21.24 -14.25 -36.18
C TYR B 540 22.31 -14.19 -35.07
N PRO B 541 23.26 -13.22 -35.09
CA PRO B 541 24.25 -13.06 -34.01
C PRO B 541 23.66 -13.03 -32.58
N LEU B 542 22.51 -12.35 -32.39
CA LEU B 542 21.91 -12.31 -31.06
C LEU B 542 21.32 -13.67 -30.69
N LEU B 543 20.78 -14.43 -31.67
CA LEU B 543 20.29 -15.76 -31.35
C LEU B 543 21.45 -16.66 -30.97
N ARG B 544 22.60 -16.48 -31.64
CA ARG B 544 23.77 -17.29 -31.35
C ARG B 544 24.27 -16.92 -29.96
N ARG B 545 24.24 -15.61 -29.66
CA ARG B 545 24.72 -15.17 -28.35
C ARG B 545 23.86 -15.79 -27.24
N GLN B 546 22.55 -15.83 -27.45
CA GLN B 546 21.68 -16.39 -26.42
C GLN B 546 21.92 -17.90 -26.29
N PHE B 547 22.14 -18.57 -27.44
CA PHE B 547 22.39 -20.01 -27.45
C PHE B 547 23.65 -20.34 -26.64
N ASP B 548 24.73 -19.59 -26.96
CA ASP B 548 25.97 -19.62 -26.19
C ASP B 548 25.70 -19.45 -24.70
N TRP B 549 24.97 -18.38 -24.34
CA TRP B 549 24.64 -18.05 -22.95
C TRP B 549 23.92 -19.22 -22.27
N PHE B 550 23.00 -19.90 -22.95
CA PHE B 550 22.34 -21.05 -22.32
C PHE B 550 23.36 -22.12 -21.98
N ARG B 551 24.24 -22.45 -22.95
CA ARG B 551 25.13 -23.60 -22.83
C ARG B 551 26.20 -23.38 -21.75
N LYS B 552 26.54 -22.12 -21.52
CA LYS B 552 27.50 -21.69 -20.52
C LYS B 552 26.89 -21.57 -19.12
N THR B 553 25.71 -20.96 -18.93
CA THR B 553 25.20 -20.67 -17.59
C THR B 553 24.22 -21.72 -17.08
N GLN B 554 23.68 -22.60 -17.94
CA GLN B 554 22.73 -23.60 -17.44
C GLN B 554 23.27 -25.01 -17.68
N ALA B 555 24.60 -25.12 -17.82
CA ALA B 555 25.27 -26.41 -18.05
C ALA B 555 25.03 -27.33 -16.87
N GLY B 556 24.69 -28.60 -17.16
CA GLY B 556 24.64 -29.63 -16.13
C GLY B 556 26.02 -30.30 -15.96
N ASP B 557 26.10 -31.21 -14.98
CA ASP B 557 27.34 -31.87 -14.62
C ASP B 557 27.26 -33.37 -14.97
N ILE B 558 28.11 -33.77 -15.92
CA ILE B 558 28.33 -35.17 -16.25
C ILE B 558 29.68 -35.62 -15.64
N LYS B 559 30.75 -34.82 -15.84
CA LYS B 559 32.14 -35.15 -15.58
C LYS B 559 32.37 -35.58 -14.13
N SER B 560 31.88 -34.80 -13.18
CA SER B 560 32.31 -35.06 -11.81
C SER B 560 31.34 -35.97 -11.06
N TYR B 561 30.75 -36.95 -11.76
CA TYR B 561 29.94 -37.96 -11.11
C TYR B 561 30.12 -39.29 -11.84
N ASP B 562 29.47 -40.33 -11.32
CA ASP B 562 29.48 -41.66 -11.92
C ASP B 562 28.36 -41.74 -12.98
N ARG B 563 28.64 -41.24 -14.19
CA ARG B 563 27.59 -40.99 -15.18
C ARG B 563 28.10 -41.33 -16.57
N GLU B 564 27.43 -42.31 -17.21
CA GLU B 564 27.82 -42.78 -18.53
C GLU B 564 26.91 -42.14 -19.59
N ALA B 565 27.56 -41.54 -20.59
CA ALA B 565 26.87 -40.70 -21.55
C ALA B 565 27.63 -40.69 -22.86
N TYR B 566 26.88 -40.80 -23.97
CA TYR B 566 27.42 -40.64 -25.31
C TYR B 566 28.28 -39.37 -25.36
N SER B 567 27.74 -38.21 -24.98
CA SER B 567 28.54 -36.99 -24.92
C SER B 567 28.73 -36.57 -23.46
N THR B 568 29.83 -35.86 -23.21
CA THR B 568 30.12 -35.40 -21.85
C THR B 568 29.84 -33.91 -21.77
N LYS B 569 29.46 -33.29 -22.89
CA LYS B 569 29.12 -31.88 -22.97
C LYS B 569 27.60 -31.67 -22.74
N GLU B 570 26.73 -32.46 -23.40
CA GLU B 570 25.31 -32.13 -23.49
C GLU B 570 24.55 -32.60 -22.26
N ALA B 571 24.39 -31.67 -21.31
CA ALA B 571 23.55 -31.84 -20.14
C ALA B 571 23.21 -30.46 -19.56
N TYR B 572 22.00 -30.33 -19.01
CA TYR B 572 21.49 -29.01 -18.68
C TYR B 572 20.76 -29.00 -17.35
N ARG B 573 20.94 -27.90 -16.59
CA ARG B 573 20.26 -27.79 -15.31
C ARG B 573 19.76 -26.36 -15.12
N TRP B 574 18.44 -26.19 -14.89
CA TRP B 574 17.90 -24.86 -14.69
C TRP B 574 18.52 -24.27 -13.43
N ARG B 575 19.16 -23.11 -13.53
CA ARG B 575 19.44 -22.36 -12.32
C ARG B 575 18.15 -21.86 -11.67
N GLY B 576 18.20 -21.65 -10.34
CA GLY B 576 17.17 -20.83 -9.73
C GLY B 576 16.10 -21.68 -9.05
N ARG B 577 16.35 -22.97 -8.84
CA ARG B 577 15.30 -23.67 -8.14
C ARG B 577 15.39 -23.49 -6.62
N THR B 578 14.22 -23.68 -5.99
CA THR B 578 14.07 -23.77 -4.55
C THR B 578 13.40 -25.11 -4.28
N VAL B 579 13.15 -25.43 -3.01
CA VAL B 579 12.75 -26.77 -2.61
C VAL B 579 11.46 -27.23 -3.30
N SER B 580 10.51 -26.33 -3.56
CA SER B 580 9.21 -26.76 -4.08
C SER B 580 8.91 -26.27 -5.51
N HIS B 581 9.88 -25.61 -6.14
CA HIS B 581 9.57 -24.79 -7.32
C HIS B 581 10.71 -24.87 -8.34
N CYS B 582 10.37 -24.60 -9.61
CA CYS B 582 11.33 -24.27 -10.65
C CYS B 582 10.76 -23.18 -11.55
N LEU B 583 10.90 -21.92 -11.11
CA LEU B 583 10.30 -20.75 -11.74
C LEU B 583 10.78 -20.59 -13.17
N THR B 584 12.09 -20.74 -13.38
CA THR B 584 12.68 -20.38 -14.64
C THR B 584 12.19 -21.31 -15.75
N SER B 585 11.75 -22.52 -15.38
CA SER B 585 11.43 -23.53 -16.37
C SER B 585 10.08 -23.17 -16.99
N GLY B 586 9.36 -22.27 -16.28
CA GLY B 586 8.01 -21.89 -16.68
C GLY B 586 6.95 -22.82 -16.12
N LEU B 587 7.30 -24.05 -15.71
CA LEU B 587 6.27 -24.89 -15.09
C LEU B 587 6.54 -24.93 -13.57
N ASP B 588 6.08 -23.88 -12.85
CA ASP B 588 6.60 -23.50 -11.54
C ASP B 588 6.64 -24.68 -10.57
N ASP B 589 5.54 -25.44 -10.42
CA ASP B 589 5.43 -26.38 -9.30
C ASP B 589 5.39 -27.82 -9.83
N TYR B 590 5.93 -28.02 -11.02
CA TYR B 590 6.01 -29.37 -11.54
C TYR B 590 6.98 -30.12 -10.64
N PRO B 591 6.61 -31.32 -10.12
CA PRO B 591 7.49 -32.12 -9.27
C PRO B 591 8.86 -32.32 -9.95
N ARG B 592 9.91 -31.87 -9.27
CA ARG B 592 11.27 -32.07 -9.72
C ARG B 592 11.94 -33.01 -8.71
N PRO B 593 13.25 -33.35 -8.85
CA PRO B 593 13.93 -34.14 -7.83
C PRO B 593 13.88 -33.45 -6.46
N GLN B 594 13.57 -34.20 -5.38
CA GLN B 594 13.72 -33.71 -4.01
C GLN B 594 14.88 -34.41 -3.31
N PRO B 595 15.86 -33.71 -2.71
CA PRO B 595 15.86 -32.25 -2.71
C PRO B 595 16.51 -31.76 -4.01
N PRO B 596 16.43 -30.44 -4.29
CA PRO B 596 17.29 -29.84 -5.31
C PRO B 596 18.73 -30.23 -5.04
N HIS B 597 19.52 -30.31 -6.10
CA HIS B 597 20.88 -30.80 -6.02
C HIS B 597 21.60 -30.29 -7.26
N PRO B 598 22.89 -29.87 -7.14
CA PRO B 598 23.64 -29.42 -8.32
C PRO B 598 23.94 -30.54 -9.31
N GLY B 599 23.49 -31.77 -8.99
CA GLY B 599 23.69 -32.91 -9.85
C GLY B 599 22.47 -33.24 -10.70
N GLU B 600 21.39 -32.45 -10.53
CA GLU B 600 20.16 -32.49 -11.33
C GLU B 600 20.45 -32.26 -12.82
N LEU B 601 19.72 -32.99 -13.67
CA LEU B 601 19.55 -32.62 -15.06
C LEU B 601 18.07 -32.52 -15.40
N HIS B 602 17.71 -31.44 -16.13
CA HIS B 602 16.32 -31.29 -16.53
C HIS B 602 16.13 -31.56 -18.02
N VAL B 603 15.20 -32.47 -18.32
CA VAL B 603 15.05 -32.93 -19.68
C VAL B 603 14.34 -31.87 -20.54
N ASP B 604 13.43 -31.09 -19.93
CA ASP B 604 12.80 -29.99 -20.66
C ASP B 604 13.86 -29.00 -21.15
N LEU B 605 14.84 -28.70 -20.29
CA LEU B 605 15.84 -27.72 -20.71
C LEU B 605 16.70 -28.28 -21.82
N MET B 606 17.04 -29.57 -21.74
CA MET B 606 17.82 -30.14 -22.82
C MET B 606 16.98 -30.09 -24.11
N SER B 607 15.69 -30.43 -24.00
CA SER B 607 14.83 -30.29 -25.16
C SER B 607 14.88 -28.86 -25.73
N TRP B 608 14.80 -27.80 -24.90
CA TRP B 608 14.84 -26.43 -25.42
C TRP B 608 16.19 -26.12 -26.09
N VAL B 609 17.29 -26.67 -25.60
CA VAL B 609 18.54 -26.44 -26.31
C VAL B 609 18.48 -27.11 -27.69
N GLY B 610 17.83 -28.27 -27.77
CA GLY B 610 17.64 -28.89 -29.08
C GLY B 610 16.86 -28.01 -30.07
N VAL B 611 15.74 -27.45 -29.61
CA VAL B 611 14.93 -26.52 -30.37
C VAL B 611 15.84 -25.43 -30.94
N MET B 612 16.69 -24.84 -30.09
CA MET B 612 17.44 -23.67 -30.52
C MET B 612 18.42 -24.12 -31.60
N VAL B 613 19.09 -25.27 -31.37
CA VAL B 613 20.12 -25.74 -32.30
C VAL B 613 19.48 -26.05 -33.66
N LYS B 614 18.28 -26.69 -33.67
CA LYS B 614 17.54 -26.82 -34.92
C LYS B 614 17.24 -25.49 -35.62
N SER B 615 16.83 -24.43 -34.90
CA SER B 615 16.54 -23.18 -35.58
C SER B 615 17.83 -22.56 -36.11
N LEU B 616 18.91 -22.70 -35.34
CA LEU B 616 20.17 -22.11 -35.77
C LEU B 616 20.68 -22.77 -37.07
N ILE B 617 20.54 -24.10 -37.19
CA ILE B 617 20.92 -24.81 -38.40
C ILE B 617 20.17 -24.19 -39.59
N SER B 618 18.83 -24.04 -39.52
CA SER B 618 18.04 -23.55 -40.65
C SER B 618 18.44 -22.12 -40.96
N ILE B 619 18.64 -21.31 -39.92
CA ILE B 619 18.89 -19.91 -40.23
C ILE B 619 20.32 -19.77 -40.74
N GLY B 620 21.25 -20.48 -40.09
CA GLY B 620 22.64 -20.49 -40.55
C GLY B 620 22.70 -20.86 -42.04
N SER B 621 22.09 -21.99 -42.37
CA SER B 621 22.05 -22.49 -43.74
C SER B 621 21.54 -21.42 -44.73
N LEU B 622 20.41 -20.80 -44.43
CA LEU B 622 19.82 -19.69 -45.19
C LEU B 622 20.81 -18.54 -45.40
N LEU B 623 21.73 -18.33 -44.46
CA LEU B 623 22.61 -17.18 -44.49
C LEU B 623 24.01 -17.56 -44.98
N GLY B 624 24.21 -18.84 -45.31
CA GLY B 624 25.50 -19.39 -45.69
C GLY B 624 26.55 -19.37 -44.55
N ALA B 625 26.12 -19.52 -43.30
CA ALA B 625 27.08 -19.59 -42.21
C ALA B 625 27.64 -21.01 -42.05
N THR B 626 28.53 -21.39 -43.00
CA THR B 626 29.03 -22.76 -43.15
C THR B 626 30.00 -23.10 -42.04
N GLU B 627 30.76 -22.10 -41.57
CA GLU B 627 31.54 -22.22 -40.36
C GLU B 627 30.74 -22.94 -39.27
N ASP B 628 29.55 -22.40 -38.98
CA ASP B 628 28.73 -22.76 -37.81
C ASP B 628 28.12 -24.15 -37.92
N VAL B 629 28.12 -24.72 -39.15
CA VAL B 629 27.35 -25.92 -39.47
C VAL B 629 27.92 -27.16 -38.76
N GLU B 630 29.25 -27.28 -38.72
CA GLU B 630 29.85 -28.47 -38.15
C GLU B 630 29.57 -28.49 -36.65
N PHE B 631 29.52 -27.29 -36.06
CA PHE B 631 29.26 -27.12 -34.64
C PHE B 631 27.83 -27.54 -34.32
N TYR B 632 26.84 -26.94 -35.01
CA TYR B 632 25.44 -27.16 -34.70
C TYR B 632 25.11 -28.64 -34.86
N THR B 633 25.67 -29.23 -35.91
CA THR B 633 25.44 -30.62 -36.28
C THR B 633 25.93 -31.56 -35.18
N LYS B 634 27.08 -31.23 -34.56
CA LYS B 634 27.60 -32.03 -33.47
C LYS B 634 26.76 -31.89 -32.19
N VAL B 635 26.35 -30.64 -31.87
CA VAL B 635 25.55 -30.45 -30.66
C VAL B 635 24.24 -31.24 -30.78
N LEU B 636 23.62 -31.21 -31.97
CA LEU B 636 22.28 -31.77 -32.12
C LEU B 636 22.38 -33.28 -32.05
N ASP B 637 23.39 -33.82 -32.76
CA ASP B 637 23.69 -35.25 -32.61
C ASP B 637 23.94 -35.63 -31.14
N ALA B 638 24.68 -34.79 -30.41
CA ALA B 638 25.00 -35.05 -29.02
C ALA B 638 23.74 -35.02 -28.17
N ILE B 639 22.86 -34.05 -28.42
CA ILE B 639 21.66 -33.96 -27.59
C ILE B 639 20.78 -35.19 -27.78
N GLU B 640 20.66 -35.67 -29.02
CA GLU B 640 19.73 -36.77 -29.30
C GLU B 640 20.21 -38.04 -28.60
N HIS B 641 21.52 -38.18 -28.44
CA HIS B 641 22.03 -39.34 -27.75
C HIS B 641 21.82 -39.18 -26.24
N ASN B 642 22.14 -37.97 -25.73
CA ASN B 642 22.15 -37.73 -24.29
C ASN B 642 20.75 -37.79 -23.71
N LEU B 643 19.77 -37.32 -24.49
CA LEU B 643 18.38 -37.49 -24.12
C LEU B 643 18.12 -38.97 -23.80
N ASP B 644 18.70 -39.89 -24.59
CA ASP B 644 18.45 -41.31 -24.33
C ASP B 644 19.21 -41.77 -23.10
N ASP B 645 20.52 -41.51 -23.08
CA ASP B 645 21.41 -41.97 -22.02
C ASP B 645 20.94 -41.43 -20.66
N LEU B 646 20.85 -40.10 -20.53
CA LEU B 646 20.61 -39.44 -19.26
C LEU B 646 19.13 -39.40 -18.85
N HIS B 647 18.17 -39.48 -19.79
CA HIS B 647 16.83 -39.15 -19.38
C HIS B 647 15.81 -40.23 -19.68
N TRP B 648 16.15 -41.19 -20.55
CA TRP B 648 15.13 -42.17 -20.94
C TRP B 648 15.04 -43.25 -19.86
N SER B 649 13.80 -43.62 -19.47
CA SER B 649 13.56 -44.62 -18.44
C SER B 649 12.80 -45.81 -19.05
N GLU B 650 13.52 -46.93 -19.17
CA GLU B 650 12.97 -48.17 -19.68
C GLU B 650 11.84 -48.66 -18.77
N LYS B 651 12.08 -48.62 -17.46
CA LYS B 651 11.05 -49.01 -16.52
C LYS B 651 9.72 -48.27 -16.76
N GLU B 652 9.78 -46.98 -17.12
CA GLU B 652 8.59 -46.14 -17.01
C GLU B 652 7.96 -45.85 -18.38
N GLY B 653 8.72 -46.06 -19.46
CA GLY B 653 8.26 -45.76 -20.81
C GLY B 653 8.08 -44.26 -21.06
N CYS B 654 9.05 -43.43 -20.61
CA CYS B 654 8.98 -41.99 -20.80
C CYS B 654 10.29 -41.39 -20.32
N TYR B 655 10.56 -40.14 -20.75
CA TYR B 655 11.68 -39.34 -20.29
C TYR B 655 11.43 -38.81 -18.87
N CYS B 656 12.55 -38.59 -18.14
CA CYS B 656 12.57 -38.16 -16.74
C CYS B 656 13.71 -37.19 -16.49
N ASP B 657 13.54 -36.29 -15.49
CA ASP B 657 14.66 -35.56 -14.92
C ASP B 657 15.56 -36.55 -14.17
N ALA B 658 16.86 -36.22 -14.01
CA ALA B 658 17.79 -37.03 -13.25
C ALA B 658 18.32 -36.25 -12.03
N THR B 659 18.73 -36.96 -10.98
CA THR B 659 19.55 -36.32 -9.96
C THR B 659 20.78 -37.16 -9.69
N ILE B 660 21.58 -36.71 -8.71
CA ILE B 660 22.43 -37.54 -7.87
C ILE B 660 21.73 -37.78 -6.53
N ASP B 661 21.55 -39.07 -6.15
CA ASP B 661 20.73 -39.43 -4.99
C ASP B 661 21.63 -39.42 -3.76
N GLU B 662 21.10 -39.82 -2.58
CA GLU B 662 21.87 -39.75 -1.34
C GLU B 662 23.14 -40.61 -1.33
N PHE B 663 23.08 -41.81 -1.93
CA PHE B 663 24.22 -42.71 -1.99
C PHE B 663 25.14 -42.40 -3.17
N GLU B 664 25.12 -41.13 -3.62
CA GLU B 664 25.97 -40.61 -4.69
C GLU B 664 25.67 -41.19 -6.08
N GLU B 665 24.45 -41.72 -6.32
CA GLU B 665 24.15 -42.40 -7.57
C GLU B 665 23.35 -41.55 -8.56
N HIS B 666 23.66 -41.69 -9.86
CA HIS B 666 22.79 -41.30 -10.97
C HIS B 666 21.46 -42.04 -10.86
N LYS B 667 20.39 -41.25 -10.76
CA LYS B 667 19.06 -41.77 -10.55
C LYS B 667 18.10 -40.94 -11.41
N LEU B 668 17.12 -41.63 -12.01
CA LEU B 668 16.05 -40.95 -12.69
C LEU B 668 14.89 -40.80 -11.72
N VAL B 669 14.25 -39.63 -11.77
CA VAL B 669 13.12 -39.36 -10.91
C VAL B 669 11.93 -39.14 -11.83
N CYS B 670 11.03 -40.11 -11.88
CA CYS B 670 9.97 -40.05 -12.87
C CYS B 670 8.68 -39.55 -12.26
N HIS B 671 8.05 -38.61 -12.97
CA HIS B 671 6.75 -38.08 -12.63
C HIS B 671 6.04 -37.78 -13.93
N LYS B 672 5.09 -38.66 -14.26
CA LYS B 672 4.60 -38.68 -15.61
C LYS B 672 3.66 -37.50 -15.78
N GLY B 673 3.88 -36.76 -16.87
CA GLY B 673 3.17 -35.53 -17.21
C GLY B 673 3.91 -34.77 -18.30
N TYR B 674 3.68 -33.44 -18.39
CA TYR B 674 4.19 -32.68 -19.52
C TYR B 674 5.71 -32.88 -19.68
N ILE B 675 6.44 -32.92 -18.55
CA ILE B 675 7.90 -32.94 -18.64
C ILE B 675 8.34 -34.26 -19.28
N SER B 676 7.58 -35.33 -18.97
CA SER B 676 7.85 -36.65 -19.50
C SER B 676 7.78 -36.66 -21.02
N LEU B 677 6.95 -35.76 -21.59
CA LEU B 677 6.72 -35.76 -23.02
C LEU B 677 7.68 -34.82 -23.76
N PHE B 678 8.64 -34.18 -23.06
CA PHE B 678 9.23 -32.97 -23.58
C PHE B 678 10.00 -33.14 -24.89
N PRO B 679 10.89 -34.16 -25.05
CA PRO B 679 11.54 -34.37 -26.36
C PRO B 679 10.57 -34.49 -27.54
N PHE B 680 9.35 -35.00 -27.28
CA PHE B 680 8.34 -35.11 -28.32
C PHE B 680 7.71 -33.74 -28.63
N LEU B 681 7.28 -33.00 -27.60
CA LEU B 681 6.63 -31.70 -27.71
C LEU B 681 7.49 -30.69 -28.46
N THR B 682 8.81 -30.84 -28.45
CA THR B 682 9.68 -29.82 -28.97
C THR B 682 10.16 -30.27 -30.35
N GLY B 683 9.79 -31.51 -30.72
CA GLY B 683 9.94 -31.92 -32.09
C GLY B 683 11.26 -32.65 -32.35
N LEU B 684 11.88 -33.22 -31.31
CA LEU B 684 13.19 -33.82 -31.49
C LEU B 684 13.14 -35.30 -31.89
N LEU B 685 11.97 -35.96 -31.94
CA LEU B 685 11.94 -37.42 -32.17
C LEU B 685 11.65 -37.78 -33.63
N LYS B 686 12.40 -38.74 -34.16
CA LYS B 686 12.13 -39.24 -35.51
C LYS B 686 10.79 -39.99 -35.52
N PRO B 687 9.98 -39.93 -36.61
CA PRO B 687 8.68 -40.62 -36.65
C PRO B 687 8.70 -42.15 -36.52
N ASP B 688 9.88 -42.74 -36.63
CA ASP B 688 10.03 -44.19 -36.45
C ASP B 688 10.61 -44.50 -35.07
N SER B 689 10.73 -43.50 -34.19
CA SER B 689 11.40 -43.78 -32.92
C SER B 689 10.54 -44.72 -32.07
N PRO B 690 11.09 -45.84 -31.57
CA PRO B 690 10.33 -46.69 -30.65
C PRO B 690 9.97 -45.95 -29.36
N LYS B 691 10.69 -44.87 -29.05
CA LYS B 691 10.39 -44.06 -27.88
C LYS B 691 9.13 -43.23 -28.12
N LEU B 692 8.99 -42.69 -29.33
CA LEU B 692 7.77 -41.97 -29.67
C LEU B 692 6.54 -42.85 -29.46
N GLY B 693 6.63 -44.12 -29.88
CA GLY B 693 5.59 -45.10 -29.63
C GLY B 693 5.07 -45.12 -28.19
N LYS B 694 5.99 -45.19 -27.23
CA LYS B 694 5.66 -45.29 -25.80
C LYS B 694 5.01 -44.00 -25.28
N LEU B 695 5.56 -42.85 -25.70
CA LEU B 695 5.03 -41.53 -25.36
C LEU B 695 3.59 -41.35 -25.88
N LEU B 696 3.33 -41.81 -27.11
CA LEU B 696 1.98 -41.80 -27.64
C LEU B 696 1.05 -42.65 -26.77
N ALA B 697 1.56 -43.74 -26.17
CA ALA B 697 0.62 -44.57 -25.42
C ALA B 697 0.26 -43.89 -24.10
N LEU B 698 1.25 -43.22 -23.49
CA LEU B 698 1.10 -42.42 -22.28
C LEU B 698 0.13 -41.26 -22.50
N ILE B 699 0.25 -40.60 -23.66
CA ILE B 699 -0.56 -39.44 -23.99
C ILE B 699 -2.01 -39.89 -24.12
N GLY B 700 -2.18 -41.08 -24.69
CA GLY B 700 -3.50 -41.61 -24.97
C GLY B 700 -4.14 -42.31 -23.77
N ASP B 701 -3.36 -42.52 -22.69
CA ASP B 701 -3.82 -43.31 -21.56
C ASP B 701 -4.77 -42.50 -20.68
N GLU B 702 -6.06 -42.88 -20.69
CA GLU B 702 -7.14 -42.22 -19.97
C GLU B 702 -6.89 -42.30 -18.47
N SER B 703 -6.02 -43.24 -18.07
CA SER B 703 -5.71 -43.45 -16.66
C SER B 703 -4.52 -42.60 -16.21
N GLU B 704 -3.78 -42.03 -17.18
CA GLU B 704 -2.62 -41.19 -16.93
C GLU B 704 -2.91 -39.72 -17.30
N LEU B 705 -2.73 -39.38 -18.60
CA LEU B 705 -2.64 -38.00 -19.08
C LEU B 705 -3.93 -37.53 -19.74
N TRP B 706 -4.64 -38.46 -20.41
CA TRP B 706 -5.79 -38.13 -21.24
C TRP B 706 -7.03 -37.93 -20.39
N SER B 707 -7.35 -36.67 -20.14
CA SER B 707 -8.64 -36.27 -19.60
C SER B 707 -9.57 -36.07 -20.79
N PRO B 708 -10.91 -35.94 -20.55
CA PRO B 708 -11.83 -35.54 -21.63
C PRO B 708 -11.67 -34.07 -22.07
N TYR B 709 -10.80 -33.33 -21.37
CA TYR B 709 -10.71 -31.90 -21.59
C TYR B 709 -9.36 -31.53 -22.17
N GLY B 710 -8.54 -32.54 -22.45
CA GLY B 710 -7.20 -32.32 -22.97
C GLY B 710 -6.22 -33.05 -22.08
N LEU B 711 -4.93 -32.85 -22.34
CA LEU B 711 -3.88 -33.55 -21.61
C LEU B 711 -3.71 -32.93 -20.24
N ARG B 712 -3.77 -33.80 -19.21
CA ARG B 712 -3.46 -33.45 -17.83
C ARG B 712 -1.98 -33.11 -17.73
N SER B 713 -1.60 -32.18 -16.86
CA SER B 713 -0.20 -31.78 -16.80
C SER B 713 0.61 -32.74 -15.95
N LEU B 714 -0.06 -33.42 -15.01
CA LEU B 714 0.56 -34.47 -14.21
C LEU B 714 -0.37 -35.68 -14.19
N SER B 715 0.18 -36.90 -14.32
CA SER B 715 -0.59 -38.13 -14.40
C SER B 715 -1.39 -38.34 -13.11
N LYS B 716 -2.62 -38.88 -13.25
CA LYS B 716 -3.51 -39.22 -12.14
C LYS B 716 -2.85 -40.20 -11.16
N LYS B 717 -2.02 -41.10 -11.71
CA LYS B 717 -1.30 -42.10 -10.93
C LYS B 717 -0.14 -41.48 -10.15
N ASP B 718 0.18 -40.20 -10.42
CA ASP B 718 1.34 -39.62 -9.75
C ASP B 718 0.93 -39.29 -8.32
N GLU B 719 1.92 -39.37 -7.43
CA GLU B 719 1.65 -39.21 -6.03
C GLU B 719 1.41 -37.73 -5.73
N PHE B 720 1.87 -36.84 -6.64
CA PHE B 720 1.75 -35.40 -6.43
C PHE B 720 0.51 -34.82 -7.09
N TYR B 721 -0.24 -35.67 -7.79
CA TYR B 721 -1.41 -35.21 -8.51
C TYR B 721 -2.34 -34.45 -7.58
N GLY B 722 -2.62 -33.17 -7.90
CA GLY B 722 -3.57 -32.34 -7.16
C GLY B 722 -3.01 -31.66 -5.90
N THR B 723 -1.74 -31.89 -5.54
CA THR B 723 -1.18 -31.39 -4.27
C THR B 723 -0.75 -29.91 -4.33
N ALA B 724 -0.49 -29.35 -3.15
CA ALA B 724 -0.03 -27.98 -2.94
C ALA B 724 -0.93 -26.96 -3.68
N GLU B 725 -0.31 -26.01 -4.39
CA GLU B 725 -1.09 -25.03 -5.11
C GLU B 725 -1.61 -25.59 -6.43
N ASN B 726 -1.05 -26.69 -6.91
CA ASN B 726 -1.65 -27.47 -7.99
C ASN B 726 -1.70 -26.69 -9.31
N TYR B 727 -0.63 -25.96 -9.64
CA TYR B 727 -0.55 -25.21 -10.89
C TYR B 727 -0.31 -26.17 -12.05
N TRP B 728 0.76 -26.95 -11.90
CA TRP B 728 1.16 -27.85 -12.94
C TRP B 728 1.10 -29.29 -12.43
N ARG B 729 0.16 -29.56 -11.50
CA ARG B 729 0.08 -30.90 -10.93
C ARG B 729 -1.26 -31.59 -11.26
N SER B 730 -1.90 -31.23 -12.37
CA SER B 730 -3.08 -31.97 -12.81
C SER B 730 -3.77 -31.24 -13.95
N PRO B 731 -3.88 -29.89 -13.89
CA PRO B 731 -4.73 -29.15 -14.83
C PRO B 731 -4.19 -29.10 -16.26
N VAL B 732 -5.10 -28.73 -17.16
CA VAL B 732 -4.94 -28.67 -18.59
C VAL B 732 -4.51 -27.25 -18.96
N TRP B 733 -3.32 -27.14 -19.58
CA TRP B 733 -2.78 -25.91 -20.10
C TRP B 733 -2.75 -25.91 -21.63
N ILE B 734 -3.17 -24.80 -22.23
CA ILE B 734 -3.42 -24.75 -23.66
C ILE B 734 -2.10 -24.65 -24.42
N ASN B 735 -1.07 -24.03 -23.85
CA ASN B 735 0.19 -23.89 -24.57
C ASN B 735 0.85 -25.28 -24.73
N ILE B 736 0.92 -26.07 -23.69
CA ILE B 736 1.51 -27.38 -23.81
C ILE B 736 0.63 -28.26 -24.68
N ASN B 737 -0.68 -28.07 -24.61
CA ASN B 737 -1.59 -28.87 -25.43
C ASN B 737 -1.44 -28.52 -26.91
N TYR B 738 -1.25 -27.22 -27.19
CA TYR B 738 -0.91 -26.74 -28.52
C TYR B 738 0.35 -27.45 -29.04
N LEU B 739 1.41 -27.53 -28.23
CA LEU B 739 2.61 -28.20 -28.73
C LEU B 739 2.33 -29.66 -29.09
N ALA B 740 1.52 -30.34 -28.26
CA ALA B 740 1.17 -31.74 -28.47
C ALA B 740 0.43 -31.88 -29.79
N ILE B 741 -0.63 -31.07 -29.95
CA ILE B 741 -1.42 -31.07 -31.17
C ILE B 741 -0.50 -30.91 -32.39
N VAL B 742 0.33 -29.86 -32.43
CA VAL B 742 1.18 -29.68 -33.58
C VAL B 742 2.01 -30.95 -33.87
N GLN B 743 2.57 -31.57 -32.84
CA GLN B 743 3.52 -32.66 -33.04
C GLN B 743 2.78 -33.93 -33.49
N LEU B 744 1.57 -34.15 -32.93
CA LEU B 744 0.69 -35.24 -33.35
C LEU B 744 0.33 -35.09 -34.84
N TYR B 745 0.06 -33.85 -35.26
CA TYR B 745 -0.26 -33.57 -36.65
C TYR B 745 0.94 -33.92 -37.54
N ASN B 746 2.14 -33.59 -37.06
CA ASN B 746 3.37 -33.85 -37.79
C ASN B 746 3.54 -35.35 -38.01
N ILE B 747 3.19 -36.17 -37.02
CA ILE B 747 3.40 -37.60 -37.15
C ILE B 747 2.33 -38.16 -38.09
N ALA B 748 1.10 -37.62 -37.99
CA ALA B 748 -0.06 -38.12 -38.71
C ALA B 748 0.07 -37.85 -40.20
N THR B 749 1.02 -37.00 -40.62
CA THR B 749 1.06 -36.64 -42.02
C THR B 749 2.37 -37.11 -42.62
N GLN B 750 2.96 -38.16 -42.07
CA GLN B 750 4.04 -38.76 -42.82
C GLN B 750 4.01 -40.27 -42.62
N ASP B 751 4.80 -40.99 -43.43
CA ASP B 751 4.82 -42.44 -43.37
C ASP B 751 5.54 -42.84 -42.10
N GLY B 752 4.96 -43.84 -41.43
CA GLY B 752 5.68 -44.58 -40.42
C GLY B 752 4.72 -45.40 -39.55
N PRO B 753 5.24 -46.18 -38.58
CA PRO B 753 4.38 -47.05 -37.77
C PRO B 753 3.35 -46.33 -36.93
N TYR B 754 3.51 -45.02 -36.65
CA TYR B 754 2.54 -44.37 -35.76
C TYR B 754 1.62 -43.39 -36.46
N LYS B 755 1.64 -43.36 -37.79
CA LYS B 755 0.85 -42.41 -38.54
C LYS B 755 -0.58 -42.46 -38.04
N GLU B 756 -1.10 -43.69 -37.91
CA GLU B 756 -2.52 -43.89 -37.72
C GLU B 756 -2.90 -43.51 -36.29
N THR B 757 -2.01 -43.82 -35.33
CA THR B 757 -2.28 -43.51 -33.93
C THR B 757 -2.25 -41.99 -33.72
N ALA B 758 -1.27 -41.33 -34.34
CA ALA B 758 -1.14 -39.89 -34.29
C ALA B 758 -2.40 -39.25 -34.85
N ARG B 759 -2.94 -39.77 -35.96
CA ARG B 759 -4.13 -39.18 -36.59
C ARG B 759 -5.31 -39.22 -35.62
N ASP B 760 -5.47 -40.37 -34.94
CA ASP B 760 -6.54 -40.56 -33.99
C ASP B 760 -6.38 -39.59 -32.82
N LEU B 761 -5.21 -39.60 -32.17
CA LEU B 761 -4.97 -38.70 -31.07
C LEU B 761 -5.10 -37.24 -31.54
N TYR B 762 -4.57 -36.92 -32.71
CA TYR B 762 -4.63 -35.53 -33.13
C TYR B 762 -6.09 -35.11 -33.22
N THR B 763 -6.92 -35.89 -33.93
CA THR B 763 -8.32 -35.54 -34.16
C THR B 763 -9.03 -35.37 -32.82
N ARG B 764 -8.75 -36.29 -31.88
CA ARG B 764 -9.50 -36.32 -30.64
C ARG B 764 -9.07 -35.17 -29.73
N LEU B 765 -7.76 -34.93 -29.64
CA LEU B 765 -7.23 -33.92 -28.74
C LEU B 765 -7.63 -32.53 -29.24
N ARG B 766 -7.57 -32.31 -30.55
CA ARG B 766 -8.02 -31.04 -31.08
C ARG B 766 -9.44 -30.76 -30.57
N LYS B 767 -10.36 -31.72 -30.78
CA LYS B 767 -11.78 -31.52 -30.46
C LYS B 767 -11.92 -31.27 -28.95
N ASN B 768 -11.29 -32.12 -28.13
CA ASN B 768 -11.34 -31.89 -26.69
C ASN B 768 -10.88 -30.46 -26.33
N ILE B 769 -9.68 -30.04 -26.74
CA ILE B 769 -9.14 -28.75 -26.30
C ILE B 769 -10.04 -27.61 -26.79
N VAL B 770 -10.41 -27.61 -28.07
CA VAL B 770 -11.17 -26.48 -28.59
C VAL B 770 -12.51 -26.40 -27.86
N GLU B 771 -13.11 -27.56 -27.61
CA GLU B 771 -14.41 -27.60 -26.99
C GLU B 771 -14.29 -26.99 -25.59
N THR B 772 -13.30 -27.43 -24.82
CA THR B 772 -13.24 -27.00 -23.45
C THR B 772 -13.00 -25.50 -23.34
N VAL B 773 -12.18 -24.92 -24.23
CA VAL B 773 -11.96 -23.47 -24.17
C VAL B 773 -13.21 -22.75 -24.68
N TYR B 774 -13.80 -23.26 -25.76
CA TYR B 774 -15.07 -22.72 -26.28
C TYR B 774 -16.19 -22.76 -25.23
N ARG B 775 -16.47 -23.93 -24.63
CA ARG B 775 -17.60 -24.05 -23.71
C ARG B 775 -17.47 -23.01 -22.60
N ASN B 776 -16.26 -22.83 -22.06
CA ASN B 776 -16.06 -21.92 -20.95
C ASN B 776 -16.18 -20.46 -21.38
N TRP B 777 -15.91 -20.19 -22.67
CA TRP B 777 -16.03 -18.85 -23.19
C TRP B 777 -17.49 -18.50 -23.42
N GLU B 778 -18.32 -19.50 -23.75
CA GLU B 778 -19.76 -19.26 -23.88
C GLU B 778 -20.39 -18.95 -22.53
N GLU B 779 -19.98 -19.68 -21.46
CA GLU B 779 -20.49 -19.50 -20.12
C GLU B 779 -19.95 -18.23 -19.43
N THR B 780 -18.63 -17.97 -19.52
CA THR B 780 -18.02 -16.97 -18.65
C THR B 780 -17.63 -15.70 -19.43
N GLY B 781 -17.48 -15.83 -20.76
CA GLY B 781 -16.97 -14.74 -21.57
C GLY B 781 -15.44 -14.57 -21.44
N PHE B 782 -14.77 -15.52 -20.78
CA PHE B 782 -13.34 -15.41 -20.52
C PHE B 782 -12.52 -16.54 -21.18
N ALA B 783 -11.29 -16.19 -21.60
CA ALA B 783 -10.22 -17.17 -21.66
C ALA B 783 -9.59 -17.35 -20.28
N TRP B 784 -9.19 -18.60 -19.96
CA TRP B 784 -8.60 -18.85 -18.64
C TRP B 784 -7.15 -19.31 -18.75
N GLU B 785 -6.39 -19.11 -17.67
CA GLU B 785 -5.00 -19.54 -17.55
C GLU B 785 -4.91 -21.07 -17.70
N GLN B 786 -5.87 -21.81 -17.07
CA GLN B 786 -5.89 -23.26 -17.17
C GLN B 786 -7.30 -23.77 -16.96
N TYR B 787 -7.43 -25.10 -16.99
CA TYR B 787 -8.72 -25.77 -17.09
C TYR B 787 -8.68 -27.04 -16.26
N ASN B 788 -9.77 -27.27 -15.53
CA ASN B 788 -9.97 -28.42 -14.68
C ASN B 788 -9.98 -29.74 -15.47
N PRO B 789 -9.17 -30.74 -15.07
CA PRO B 789 -9.25 -32.08 -15.69
C PRO B 789 -10.49 -32.95 -15.38
N GLU B 790 -11.20 -32.65 -14.29
CA GLU B 790 -12.34 -33.45 -13.85
C GLU B 790 -13.64 -32.87 -14.41
N THR B 791 -13.77 -31.53 -14.37
CA THR B 791 -15.00 -30.82 -14.72
C THR B 791 -14.87 -30.10 -16.06
N GLY B 792 -13.68 -29.59 -16.35
CA GLY B 792 -13.46 -28.82 -17.58
C GLY B 792 -13.63 -27.31 -17.42
N LYS B 793 -13.68 -26.81 -16.17
CA LYS B 793 -13.97 -25.41 -15.91
C LYS B 793 -12.70 -24.56 -15.95
N GLY B 794 -12.79 -23.39 -16.60
CA GLY B 794 -11.84 -22.30 -16.42
C GLY B 794 -11.53 -22.11 -14.95
N GLN B 795 -10.23 -22.08 -14.60
CA GLN B 795 -9.70 -21.88 -13.26
C GLN B 795 -8.51 -20.92 -13.31
N ARG B 796 -8.09 -20.41 -12.14
CA ARG B 796 -7.01 -19.43 -12.08
C ARG B 796 -7.36 -18.14 -12.84
N THR B 797 -6.38 -17.45 -13.45
CA THR B 797 -6.56 -16.06 -13.87
C THR B 797 -7.37 -15.92 -15.17
N GLN B 798 -8.32 -14.97 -15.17
CA GLN B 798 -9.20 -14.71 -16.29
C GLN B 798 -8.54 -13.73 -17.24
N HIS B 799 -9.16 -13.58 -18.42
CA HIS B 799 -8.68 -12.65 -19.43
C HIS B 799 -7.32 -13.11 -19.94
N PHE B 800 -7.12 -14.44 -20.07
CA PHE B 800 -5.80 -15.00 -20.34
C PHE B 800 -5.54 -15.05 -21.84
N THR B 801 -5.28 -13.91 -22.46
CA THR B 801 -5.03 -13.92 -23.88
C THR B 801 -3.73 -13.16 -24.19
N GLY B 802 -2.59 -13.82 -23.95
CA GLY B 802 -2.47 -15.04 -23.21
C GLY B 802 -2.47 -16.20 -24.19
N TRP B 803 -1.70 -17.24 -23.87
CA TRP B 803 -1.47 -18.25 -24.88
C TRP B 803 -2.72 -19.08 -25.07
N THR B 804 -3.75 -18.90 -24.23
CA THR B 804 -5.01 -19.62 -24.44
C THR B 804 -5.60 -19.31 -25.82
N SER B 805 -5.24 -18.14 -26.35
CA SER B 805 -5.66 -17.73 -27.67
C SER B 805 -5.04 -18.60 -28.77
N LEU B 806 -4.11 -19.51 -28.43
CA LEU B 806 -3.60 -20.47 -29.41
C LEU B 806 -4.75 -21.32 -29.97
N VAL B 807 -5.91 -21.29 -29.31
CA VAL B 807 -7.06 -22.02 -29.81
C VAL B 807 -7.42 -21.61 -31.24
N VAL B 808 -7.18 -20.35 -31.59
CA VAL B 808 -7.48 -19.90 -32.93
C VAL B 808 -6.70 -20.71 -33.97
N LYS B 809 -5.41 -20.97 -33.70
CA LYS B 809 -4.58 -21.75 -34.62
C LYS B 809 -4.96 -23.22 -34.56
N ILE B 810 -5.46 -23.70 -33.41
CA ILE B 810 -5.83 -25.10 -33.30
C ILE B 810 -7.05 -25.35 -34.21
N MET B 811 -7.88 -24.32 -34.40
CA MET B 811 -9.11 -24.44 -35.15
C MET B 811 -8.86 -24.39 -36.64
N SER B 812 -7.84 -23.62 -37.04
CA SER B 812 -7.52 -23.33 -38.43
C SER B 812 -6.78 -24.49 -39.11
N GLY B 813 -6.20 -25.40 -38.31
CA GLY B 813 -5.44 -26.53 -38.82
C GLY B 813 -4.06 -26.13 -39.37
N HIS B 814 -3.18 -27.13 -39.52
CA HIS B 814 -1.86 -26.92 -40.10
C HIS B 814 -1.90 -27.41 -41.55
#